data_7VD4
# 
_entry.id   7VD4 
# 
_audit_conform.dict_name       mmcif_pdbx.dic 
_audit_conform.dict_version    5.380 
_audit_conform.dict_location   http://mmcif.pdb.org/dictionaries/ascii/mmcif_pdbx.dic 
# 
loop_
_database_2.database_id 
_database_2.database_code 
_database_2.pdbx_database_accession 
_database_2.pdbx_DOI 
PDB   7VD4         pdb_00007vd4 10.2210/pdb7vd4/pdb 
WWPDB D_1300024521 ?            ?                   
# 
_pdbx_database_status.status_code                     REL 
_pdbx_database_status.status_code_sf                  REL 
_pdbx_database_status.status_code_mr                  ? 
_pdbx_database_status.entry_id                        7VD4 
_pdbx_database_status.recvd_initial_deposition_date   2021-09-06 
_pdbx_database_status.SG_entry                        N 
_pdbx_database_status.deposit_site                    PDBJ 
_pdbx_database_status.process_site                    PDBJ 
_pdbx_database_status.status_code_cs                  ? 
_pdbx_database_status.status_code_nmr_data            ? 
_pdbx_database_status.methods_development_category    ? 
_pdbx_database_status.pdb_format_compatible           Y 
# 
loop_
_audit_author.name 
_audit_author.pdbx_ordinal 
_audit_author.identifier_ORCID 
'Lu, T.'   1 ? 
'Lu, H.B.' 2 ? 
# 
_citation.abstract                  ? 
_citation.abstract_id_CAS           ? 
_citation.book_id_ISBN              ? 
_citation.book_publisher            ? 
_citation.book_publisher_city       ? 
_citation.book_title                ? 
_citation.coordinate_linkage        ? 
_citation.country                   US 
_citation.database_id_Medline       ? 
_citation.details                   ? 
_citation.id                        primary 
_citation.journal_abbrev            Bioorg.Chem. 
_citation.journal_id_ASTM           BOCMBM 
_citation.journal_id_CSD            0368 
_citation.journal_id_ISSN           0045-2068 
_citation.journal_full              ? 
_citation.journal_issue             ? 
_citation.journal_volume            123 
_citation.language                  ? 
_citation.page_first                105768 
_citation.page_last                 105768 
_citation.title                     
'Discovery of a highly potent CECR2 bromodomain inhibitor with 7H-pyrrolo[2,3-d] pyrimidine scaffold.' 
_citation.year                      2022 
_citation.database_id_CSD           ? 
_citation.pdbx_database_id_DOI      10.1016/j.bioorg.2022.105768 
_citation.pdbx_database_id_PubMed   35378372 
_citation.pdbx_database_id_patent   ? 
_citation.unpublished_flag          ? 
# 
loop_
_citation_author.citation_id 
_citation_author.name 
_citation_author.ordinal 
_citation_author.identifier_ORCID 
primary 'Lu, H.'    1  ? 
primary 'Lu, T.'    2  ? 
primary 'Zu, S.'    3  ? 
primary 'Duan, Z.'  4  ? 
primary 'Guang, Y.' 5  ? 
primary 'Li, Q.'    6  ? 
primary 'Ma, J.'    7  ? 
primary 'Chen, D.'  8  ? 
primary 'Li, B.'    9  ? 
primary 'Lu, W.'    10 ? 
primary 'Jiang, H.' 11 ? 
primary 'Luo, C.'   12 ? 
primary 'Ye, D.'    13 ? 
primary 'Chen, K.'  14 ? 
primary 'Lin, H.'   15 ? 
# 
_cell.angle_alpha                  90.000 
_cell.angle_alpha_esd              ? 
_cell.angle_beta                   98.031 
_cell.angle_beta_esd               ? 
_cell.angle_gamma                  90.000 
_cell.angle_gamma_esd              ? 
_cell.entry_id                     7VD4 
_cell.details                      ? 
_cell.formula_units_Z              ? 
_cell.length_a                     111.923 
_cell.length_a_esd                 ? 
_cell.length_b                     27.219 
_cell.length_b_esd                 ? 
_cell.length_c                     38.727 
_cell.length_c_esd                 ? 
_cell.volume                       116822.111 
_cell.volume_esd                   ? 
_cell.Z_PDB                        4 
_cell.reciprocal_angle_alpha       ? 
_cell.reciprocal_angle_beta        ? 
_cell.reciprocal_angle_gamma       ? 
_cell.reciprocal_angle_alpha_esd   ? 
_cell.reciprocal_angle_beta_esd    ? 
_cell.reciprocal_angle_gamma_esd   ? 
_cell.reciprocal_length_a          ? 
_cell.reciprocal_length_b          ? 
_cell.reciprocal_length_c          ? 
_cell.reciprocal_length_a_esd      ? 
_cell.reciprocal_length_b_esd      ? 
_cell.reciprocal_length_c_esd      ? 
_cell.pdbx_unique_axis             ? 
# 
_symmetry.entry_id                         7VD4 
_symmetry.cell_setting                     ? 
_symmetry.Int_Tables_number                5 
_symmetry.space_group_name_Hall            'C 2y' 
_symmetry.space_group_name_H-M             'C 1 2 1' 
_symmetry.pdbx_full_space_group_name_H-M   ? 
# 
loop_
_entity.id 
_entity.type 
_entity.src_method 
_entity.pdbx_description 
_entity.formula_weight 
_entity.pdbx_number_of_molecules 
_entity.pdbx_ec 
_entity.pdbx_mutation 
_entity.pdbx_fragment 
_entity.details 
1 polymer     man 'Nucleosome-remodeling factor subunit BPTF'                                          13386.286 1  ? ? ? ? 
2 non-polymer syn '6-[4-[3-(dimethylamino)propoxy]phenyl]-N-methyl-2-methylsulfonyl-pyrimidin-4-amine' 364.462   1  ? ? ? ? 
3 water       nat water                                                                                18.015    53 ? ? ? ? 
# 
_entity_poly.entity_id                      1 
_entity_poly.type                           'polypeptide(L)' 
_entity_poly.nstd_linkage                   no 
_entity_poly.nstd_monomer                   no 
_entity_poly.pdbx_seq_one_letter_code       
;PLGSVLTPLTEKDYEGLKRVLRSLQAHKMAWPFLEPVDPNDAPDYYGVIKEPMDLATMEERVQRRYYEKLTEFVADMTKI
FDNCRYYNPSDSPFYQCAEVLESFFVQKLKGFKA
;
_entity_poly.pdbx_seq_one_letter_code_can   
;PLGSVLTPLTEKDYEGLKRVLRSLQAHKMAWPFLEPVDPNDAPDYYGVIKEPMDLATMEERVQRRYYEKLTEFVADMTKI
FDNCRYYNPSDSPFYQCAEVLESFFVQKLKGFKA
;
_entity_poly.pdbx_strand_id                 A 
_entity_poly.pdbx_target_identifier         ? 
# 
loop_
_entity_poly_seq.entity_id 
_entity_poly_seq.num 
_entity_poly_seq.mon_id 
_entity_poly_seq.hetero 
1 1   PRO n 
1 2   LEU n 
1 3   GLY n 
1 4   SER n 
1 5   VAL n 
1 6   LEU n 
1 7   THR n 
1 8   PRO n 
1 9   LEU n 
1 10  THR n 
1 11  GLU n 
1 12  LYS n 
1 13  ASP n 
1 14  TYR n 
1 15  GLU n 
1 16  GLY n 
1 17  LEU n 
1 18  LYS n 
1 19  ARG n 
1 20  VAL n 
1 21  LEU n 
1 22  ARG n 
1 23  SER n 
1 24  LEU n 
1 25  GLN n 
1 26  ALA n 
1 27  HIS n 
1 28  LYS n 
1 29  MET n 
1 30  ALA n 
1 31  TRP n 
1 32  PRO n 
1 33  PHE n 
1 34  LEU n 
1 35  GLU n 
1 36  PRO n 
1 37  VAL n 
1 38  ASP n 
1 39  PRO n 
1 40  ASN n 
1 41  ASP n 
1 42  ALA n 
1 43  PRO n 
1 44  ASP n 
1 45  TYR n 
1 46  TYR n 
1 47  GLY n 
1 48  VAL n 
1 49  ILE n 
1 50  LYS n 
1 51  GLU n 
1 52  PRO n 
1 53  MET n 
1 54  ASP n 
1 55  LEU n 
1 56  ALA n 
1 57  THR n 
1 58  MET n 
1 59  GLU n 
1 60  GLU n 
1 61  ARG n 
1 62  VAL n 
1 63  GLN n 
1 64  ARG n 
1 65  ARG n 
1 66  TYR n 
1 67  TYR n 
1 68  GLU n 
1 69  LYS n 
1 70  LEU n 
1 71  THR n 
1 72  GLU n 
1 73  PHE n 
1 74  VAL n 
1 75  ALA n 
1 76  ASP n 
1 77  MET n 
1 78  THR n 
1 79  LYS n 
1 80  ILE n 
1 81  PHE n 
1 82  ASP n 
1 83  ASN n 
1 84  CYS n 
1 85  ARG n 
1 86  TYR n 
1 87  TYR n 
1 88  ASN n 
1 89  PRO n 
1 90  SER n 
1 91  ASP n 
1 92  SER n 
1 93  PRO n 
1 94  PHE n 
1 95  TYR n 
1 96  GLN n 
1 97  CYS n 
1 98  ALA n 
1 99  GLU n 
1 100 VAL n 
1 101 LEU n 
1 102 GLU n 
1 103 SER n 
1 104 PHE n 
1 105 PHE n 
1 106 VAL n 
1 107 GLN n 
1 108 LYS n 
1 109 LEU n 
1 110 LYS n 
1 111 GLY n 
1 112 PHE n 
1 113 LYS n 
1 114 ALA n 
# 
_entity_src_gen.entity_id                          1 
_entity_src_gen.pdbx_src_id                        1 
_entity_src_gen.pdbx_alt_source_flag               sample 
_entity_src_gen.pdbx_seq_type                      'Biological sequence' 
_entity_src_gen.pdbx_beg_seq_num                   1 
_entity_src_gen.pdbx_end_seq_num                   114 
_entity_src_gen.gene_src_common_name               Human 
_entity_src_gen.gene_src_genus                     ? 
_entity_src_gen.pdbx_gene_src_gene                 BPTF 
_entity_src_gen.gene_src_species                   ? 
_entity_src_gen.gene_src_strain                    ? 
_entity_src_gen.gene_src_tissue                    ? 
_entity_src_gen.gene_src_tissue_fraction           ? 
_entity_src_gen.gene_src_details                   ? 
_entity_src_gen.pdbx_gene_src_fragment             ? 
_entity_src_gen.pdbx_gene_src_scientific_name      'Homo sapiens' 
_entity_src_gen.pdbx_gene_src_ncbi_taxonomy_id     9606 
_entity_src_gen.pdbx_gene_src_variant              ? 
_entity_src_gen.pdbx_gene_src_cell_line            ? 
_entity_src_gen.pdbx_gene_src_atcc                 ? 
_entity_src_gen.pdbx_gene_src_organ                ? 
_entity_src_gen.pdbx_gene_src_organelle            ? 
_entity_src_gen.pdbx_gene_src_cell                 ? 
_entity_src_gen.pdbx_gene_src_cellular_location    ? 
_entity_src_gen.host_org_common_name               ? 
_entity_src_gen.pdbx_host_org_scientific_name      'Escherichia coli' 
_entity_src_gen.pdbx_host_org_ncbi_taxonomy_id     562 
_entity_src_gen.host_org_genus                     ? 
_entity_src_gen.pdbx_host_org_gene                 ? 
_entity_src_gen.pdbx_host_org_organ                ? 
_entity_src_gen.host_org_species                   ? 
_entity_src_gen.pdbx_host_org_tissue               ? 
_entity_src_gen.pdbx_host_org_tissue_fraction      ? 
_entity_src_gen.pdbx_host_org_strain               ? 
_entity_src_gen.pdbx_host_org_variant              ? 
_entity_src_gen.pdbx_host_org_cell_line            ? 
_entity_src_gen.pdbx_host_org_atcc                 ? 
_entity_src_gen.pdbx_host_org_culture_collection   ? 
_entity_src_gen.pdbx_host_org_cell                 ? 
_entity_src_gen.pdbx_host_org_organelle            ? 
_entity_src_gen.pdbx_host_org_cellular_location    ? 
_entity_src_gen.pdbx_host_org_vector_type          ? 
_entity_src_gen.pdbx_host_org_vector               ? 
_entity_src_gen.host_org_details                   ? 
_entity_src_gen.expression_system_id               ? 
_entity_src_gen.plasmid_name                       ? 
_entity_src_gen.plasmid_details                    ? 
_entity_src_gen.pdbx_description                   ? 
# 
_struct_ref.id                         1 
_struct_ref.db_name                    UNP 
_struct_ref.db_code                    J3QQQ8_HUMAN 
_struct_ref.pdbx_db_accession          J3QQQ8 
_struct_ref.pdbx_db_isoform            ? 
_struct_ref.entity_id                  1 
_struct_ref.pdbx_seq_one_letter_code   
;VLTPLTEKDYEGLKRVLRSLQAHKMAWPFLEPVDPNDAPDYYGVIKEPMDLATMEERVQRRYYEKLTEFVADMTKIFDNC
RYYNPSDSPFYQCAEVLESFFVQKLKGFKA
;
_struct_ref.pdbx_align_begin           308 
# 
_struct_ref_seq.align_id                      1 
_struct_ref_seq.ref_id                        1 
_struct_ref_seq.pdbx_PDB_id_code              7VD4 
_struct_ref_seq.pdbx_strand_id                A 
_struct_ref_seq.seq_align_beg                 5 
_struct_ref_seq.pdbx_seq_align_beg_ins_code   ? 
_struct_ref_seq.seq_align_end                 114 
_struct_ref_seq.pdbx_seq_align_end_ins_code   ? 
_struct_ref_seq.pdbx_db_accession             J3QQQ8 
_struct_ref_seq.db_align_beg                  308 
_struct_ref_seq.pdbx_db_align_beg_ins_code    ? 
_struct_ref_seq.db_align_end                  417 
_struct_ref_seq.pdbx_db_align_end_ins_code    ? 
_struct_ref_seq.pdbx_auth_seq_align_beg       65 
_struct_ref_seq.pdbx_auth_seq_align_end       174 
# 
loop_
_struct_ref_seq_dif.align_id 
_struct_ref_seq_dif.pdbx_pdb_id_code 
_struct_ref_seq_dif.mon_id 
_struct_ref_seq_dif.pdbx_pdb_strand_id 
_struct_ref_seq_dif.seq_num 
_struct_ref_seq_dif.pdbx_pdb_ins_code 
_struct_ref_seq_dif.pdbx_seq_db_name 
_struct_ref_seq_dif.pdbx_seq_db_accession_code 
_struct_ref_seq_dif.db_mon_id 
_struct_ref_seq_dif.pdbx_seq_db_seq_num 
_struct_ref_seq_dif.details 
_struct_ref_seq_dif.pdbx_auth_seq_num 
_struct_ref_seq_dif.pdbx_ordinal 
1 7VD4 PRO A 1 ? UNP J3QQQ8 ? ? 'expression tag' 61 1 
1 7VD4 LEU A 2 ? UNP J3QQQ8 ? ? 'expression tag' 62 2 
1 7VD4 GLY A 3 ? UNP J3QQQ8 ? ? 'expression tag' 63 3 
1 7VD4 SER A 4 ? UNP J3QQQ8 ? ? 'expression tag' 64 4 
# 
loop_
_chem_comp.id 
_chem_comp.type 
_chem_comp.mon_nstd_flag 
_chem_comp.name 
_chem_comp.pdbx_synonyms 
_chem_comp.formula 
_chem_comp.formula_weight 
6FI non-polymer         . '6-[4-[3-(dimethylamino)propoxy]phenyl]-N-methyl-2-methylsulfonyl-pyrimidin-4-amine' ? 'C17 H24 N4 O3 S' 
364.462 
ALA 'L-peptide linking' y ALANINE                                                                              ? 'C3 H7 N O2'      
89.093  
ARG 'L-peptide linking' y ARGININE                                                                             ? 'C6 H15 N4 O2 1'  
175.209 
ASN 'L-peptide linking' y ASPARAGINE                                                                           ? 'C4 H8 N2 O3'     
132.118 
ASP 'L-peptide linking' y 'ASPARTIC ACID'                                                                      ? 'C4 H7 N O4'      
133.103 
CYS 'L-peptide linking' y CYSTEINE                                                                             ? 'C3 H7 N O2 S'    
121.158 
GLN 'L-peptide linking' y GLUTAMINE                                                                            ? 'C5 H10 N2 O3'    
146.144 
GLU 'L-peptide linking' y 'GLUTAMIC ACID'                                                                      ? 'C5 H9 N O4'      
147.129 
GLY 'peptide linking'   y GLYCINE                                                                              ? 'C2 H5 N O2'      
75.067  
HIS 'L-peptide linking' y HISTIDINE                                                                            ? 'C6 H10 N3 O2 1'  
156.162 
HOH non-polymer         . WATER                                                                                ? 'H2 O'            
18.015  
ILE 'L-peptide linking' y ISOLEUCINE                                                                           ? 'C6 H13 N O2'     
131.173 
LEU 'L-peptide linking' y LEUCINE                                                                              ? 'C6 H13 N O2'     
131.173 
LYS 'L-peptide linking' y LYSINE                                                                               ? 'C6 H15 N2 O2 1'  
147.195 
MET 'L-peptide linking' y METHIONINE                                                                           ? 'C5 H11 N O2 S'   
149.211 
PHE 'L-peptide linking' y PHENYLALANINE                                                                        ? 'C9 H11 N O2'     
165.189 
PRO 'L-peptide linking' y PROLINE                                                                              ? 'C5 H9 N O2'      
115.130 
SER 'L-peptide linking' y SERINE                                                                               ? 'C3 H7 N O3'      
105.093 
THR 'L-peptide linking' y THREONINE                                                                            ? 'C4 H9 N O3'      
119.119 
TRP 'L-peptide linking' y TRYPTOPHAN                                                                           ? 'C11 H12 N2 O2'   
204.225 
TYR 'L-peptide linking' y TYROSINE                                                                             ? 'C9 H11 N O3'     
181.189 
VAL 'L-peptide linking' y VALINE                                                                               ? 'C5 H11 N O2'     
117.146 
# 
_exptl.absorpt_coefficient_mu     ? 
_exptl.absorpt_correction_T_max   ? 
_exptl.absorpt_correction_T_min   ? 
_exptl.absorpt_correction_type    ? 
_exptl.absorpt_process_details    ? 
_exptl.entry_id                   7VD4 
_exptl.crystals_number            1 
_exptl.details                    ? 
_exptl.method                     'X-RAY DIFFRACTION' 
_exptl.method_details             ? 
# 
_exptl_crystal.colour                      ? 
_exptl_crystal.density_diffrn              ? 
_exptl_crystal.density_Matthews            2.16 
_exptl_crystal.density_method              ? 
_exptl_crystal.density_percent_sol         43.14 
_exptl_crystal.description                 ? 
_exptl_crystal.F_000                       ? 
_exptl_crystal.id                          1 
_exptl_crystal.preparation                 ? 
_exptl_crystal.size_max                    ? 
_exptl_crystal.size_mid                    ? 
_exptl_crystal.size_min                    ? 
_exptl_crystal.size_rad                    ? 
_exptl_crystal.colour_lustre               ? 
_exptl_crystal.colour_modifier             ? 
_exptl_crystal.colour_primary              ? 
_exptl_crystal.density_meas                ? 
_exptl_crystal.density_meas_esd            ? 
_exptl_crystal.density_meas_gt             ? 
_exptl_crystal.density_meas_lt             ? 
_exptl_crystal.density_meas_temp           ? 
_exptl_crystal.density_meas_temp_esd       ? 
_exptl_crystal.density_meas_temp_gt        ? 
_exptl_crystal.density_meas_temp_lt        ? 
_exptl_crystal.pdbx_crystal_image_url      ? 
_exptl_crystal.pdbx_crystal_image_format   ? 
_exptl_crystal.pdbx_mosaicity              ? 
_exptl_crystal.pdbx_mosaicity_esd          ? 
# 
_exptl_crystal_grow.apparatus       ? 
_exptl_crystal_grow.atmosphere      ? 
_exptl_crystal_grow.crystal_id      1 
_exptl_crystal_grow.details         ? 
_exptl_crystal_grow.method          'VAPOR DIFFUSION, SITTING DROP' 
_exptl_crystal_grow.method_ref      ? 
_exptl_crystal_grow.pH              8.5 
_exptl_crystal_grow.pressure        ? 
_exptl_crystal_grow.pressure_esd    ? 
_exptl_crystal_grow.seeding         ? 
_exptl_crystal_grow.seeding_ref     ? 
_exptl_crystal_grow.temp            289 
_exptl_crystal_grow.temp_details    ? 
_exptl_crystal_grow.temp_esd        ? 
_exptl_crystal_grow.time            ? 
_exptl_crystal_grow.pdbx_details    '0.2 M Lithium sulfate monohydrate, 0.1 M Tris pH 8.5, 25% PEG 3350' 
_exptl_crystal_grow.pdbx_pH_range   ? 
# 
_diffrn.ambient_environment              ? 
_diffrn.ambient_temp                     100 
_diffrn.ambient_temp_details             ? 
_diffrn.ambient_temp_esd                 ? 
_diffrn.crystal_id                       1 
_diffrn.crystal_support                  ? 
_diffrn.crystal_treatment                ? 
_diffrn.details                          ? 
_diffrn.id                               1 
_diffrn.ambient_pressure                 ? 
_diffrn.ambient_pressure_esd             ? 
_diffrn.ambient_pressure_gt              ? 
_diffrn.ambient_pressure_lt              ? 
_diffrn.ambient_temp_gt                  ? 
_diffrn.ambient_temp_lt                  ? 
_diffrn.pdbx_serial_crystal_experiment   N 
# 
_diffrn_detector.details                      ? 
_diffrn_detector.detector                     PIXEL 
_diffrn_detector.diffrn_id                    1 
_diffrn_detector.type                         'DECTRIS PILATUS 6M' 
_diffrn_detector.area_resol_mean              ? 
_diffrn_detector.dtime                        ? 
_diffrn_detector.pdbx_frames_total            ? 
_diffrn_detector.pdbx_collection_time_total   ? 
_diffrn_detector.pdbx_collection_date         2019-03-23 
_diffrn_detector.pdbx_frequency               ? 
# 
_diffrn_radiation.collimation                      ? 
_diffrn_radiation.diffrn_id                        1 
_diffrn_radiation.filter_edge                      ? 
_diffrn_radiation.inhomogeneity                    ? 
_diffrn_radiation.monochromator                    ? 
_diffrn_radiation.polarisn_norm                    ? 
_diffrn_radiation.polarisn_ratio                   ? 
_diffrn_radiation.probe                            ? 
_diffrn_radiation.type                             ? 
_diffrn_radiation.xray_symbol                      ? 
_diffrn_radiation.wavelength_id                    1 
_diffrn_radiation.pdbx_monochromatic_or_laue_m_l   M 
_diffrn_radiation.pdbx_wavelength_list             ? 
_diffrn_radiation.pdbx_wavelength                  ? 
_diffrn_radiation.pdbx_diffrn_protocol             'SINGLE WAVELENGTH' 
_diffrn_radiation.pdbx_analyzer                    ? 
_diffrn_radiation.pdbx_scattering_type             x-ray 
# 
_diffrn_radiation_wavelength.id           1 
_diffrn_radiation_wavelength.wavelength   0.98 
_diffrn_radiation_wavelength.wt           1.0 
# 
_diffrn_source.current                     ? 
_diffrn_source.details                     ? 
_diffrn_source.diffrn_id                   1 
_diffrn_source.power                       ? 
_diffrn_source.size                        ? 
_diffrn_source.source                      SYNCHROTRON 
_diffrn_source.target                      ? 
_diffrn_source.type                        'SSRF BEAMLINE BL19U1' 
_diffrn_source.voltage                     ? 
_diffrn_source.take-off_angle              ? 
_diffrn_source.pdbx_wavelength_list        0.98 
_diffrn_source.pdbx_wavelength             ? 
_diffrn_source.pdbx_synchrotron_beamline   BL19U1 
_diffrn_source.pdbx_synchrotron_site       SSRF 
# 
_reflns.B_iso_Wilson_estimate                          ? 
_reflns.entry_id                                       7VD4 
_reflns.data_reduction_details                         ? 
_reflns.data_reduction_method                          ? 
_reflns.d_resolution_high                              1.85 
_reflns.d_resolution_low                               40 
_reflns.details                                        ? 
_reflns.limit_h_max                                    ? 
_reflns.limit_h_min                                    ? 
_reflns.limit_k_max                                    ? 
_reflns.limit_k_min                                    ? 
_reflns.limit_l_max                                    ? 
_reflns.limit_l_min                                    ? 
_reflns.number_all                                     ? 
_reflns.number_obs                                     9679 
_reflns.observed_criterion                             ? 
_reflns.observed_criterion_F_max                       ? 
_reflns.observed_criterion_F_min                       ? 
_reflns.observed_criterion_I_max                       ? 
_reflns.observed_criterion_I_min                       ? 
_reflns.observed_criterion_sigma_F                     ? 
_reflns.observed_criterion_sigma_I                     ? 
_reflns.percent_possible_obs                           96.37 
_reflns.R_free_details                                 ? 
_reflns.Rmerge_F_all                                   ? 
_reflns.Rmerge_F_obs                                   ? 
_reflns.Friedel_coverage                               ? 
_reflns.number_gt                                      ? 
_reflns.threshold_expression                           ? 
_reflns.pdbx_redundancy                                6.0 
_reflns.pdbx_Rmerge_I_obs                              0.117 
_reflns.pdbx_Rmerge_I_all                              ? 
_reflns.pdbx_Rsym_value                                0.050 
_reflns.pdbx_netI_over_av_sigmaI                       ? 
_reflns.pdbx_netI_over_sigmaI                          97.7 
_reflns.pdbx_res_netI_over_av_sigmaI_2                 ? 
_reflns.pdbx_res_netI_over_sigmaI_2                    ? 
_reflns.pdbx_chi_squared                               ? 
_reflns.pdbx_scaling_rejects                           ? 
_reflns.pdbx_d_res_high_opt                            ? 
_reflns.pdbx_d_res_low_opt                             ? 
_reflns.pdbx_d_res_opt_method                          ? 
_reflns.phase_calculation_details                      ? 
_reflns.pdbx_Rrim_I_all                                0.128 
_reflns.pdbx_Rpim_I_all                                0.050 
_reflns.pdbx_d_opt                                     ? 
_reflns.pdbx_number_measured_all                       ? 
_reflns.pdbx_diffrn_id                                 1 
_reflns.pdbx_ordinal                                   1 
_reflns.pdbx_CC_half                                   0.897 
_reflns.pdbx_CC_star                                   ? 
_reflns.pdbx_R_split                                   ? 
_reflns.pdbx_aniso_diffraction_limit_axis_1_ortho[1]   ? 
_reflns.pdbx_aniso_diffraction_limit_axis_1_ortho[2]   ? 
_reflns.pdbx_aniso_diffraction_limit_axis_1_ortho[3]   ? 
_reflns.pdbx_aniso_diffraction_limit_axis_2_ortho[1]   ? 
_reflns.pdbx_aniso_diffraction_limit_axis_2_ortho[2]   ? 
_reflns.pdbx_aniso_diffraction_limit_axis_2_ortho[3]   ? 
_reflns.pdbx_aniso_diffraction_limit_axis_3_ortho[1]   ? 
_reflns.pdbx_aniso_diffraction_limit_axis_3_ortho[2]   ? 
_reflns.pdbx_aniso_diffraction_limit_axis_3_ortho[3]   ? 
_reflns.pdbx_aniso_diffraction_limit_1                 ? 
_reflns.pdbx_aniso_diffraction_limit_2                 ? 
_reflns.pdbx_aniso_diffraction_limit_3                 ? 
_reflns.pdbx_aniso_B_tensor_eigenvector_1_ortho[1]     ? 
_reflns.pdbx_aniso_B_tensor_eigenvector_1_ortho[2]     ? 
_reflns.pdbx_aniso_B_tensor_eigenvector_1_ortho[3]     ? 
_reflns.pdbx_aniso_B_tensor_eigenvector_2_ortho[1]     ? 
_reflns.pdbx_aniso_B_tensor_eigenvector_2_ortho[2]     ? 
_reflns.pdbx_aniso_B_tensor_eigenvector_2_ortho[3]     ? 
_reflns.pdbx_aniso_B_tensor_eigenvector_3_ortho[1]     ? 
_reflns.pdbx_aniso_B_tensor_eigenvector_3_ortho[2]     ? 
_reflns.pdbx_aniso_B_tensor_eigenvector_3_ortho[3]     ? 
_reflns.pdbx_aniso_B_tensor_eigenvalue_1               ? 
_reflns.pdbx_aniso_B_tensor_eigenvalue_2               ? 
_reflns.pdbx_aniso_B_tensor_eigenvalue_3               ? 
_reflns.pdbx_orthogonalization_convention              ? 
_reflns.pdbx_percent_possible_ellipsoidal              ? 
_reflns.pdbx_percent_possible_spherical                ? 
_reflns.pdbx_percent_possible_ellipsoidal_anomalous    ? 
_reflns.pdbx_percent_possible_spherical_anomalous      ? 
_reflns.pdbx_redundancy_anomalous                      ? 
_reflns.pdbx_CC_half_anomalous                         ? 
_reflns.pdbx_absDiff_over_sigma_anomalous              ? 
_reflns.pdbx_percent_possible_anomalous                ? 
_reflns.pdbx_observed_signal_threshold                 ? 
_reflns.pdbx_signal_type                               ? 
_reflns.pdbx_signal_details                            ? 
_reflns.pdbx_signal_software_id                        ? 
# 
_reflns_shell.d_res_high                                    1.858 
_reflns_shell.d_res_low                                     1.925 
_reflns_shell.meanI_over_sigI_all                           ? 
_reflns_shell.meanI_over_sigI_obs                           ? 
_reflns_shell.number_measured_all                           ? 
_reflns_shell.number_measured_obs                           ? 
_reflns_shell.number_possible                               ? 
_reflns_shell.number_unique_all                             ? 
_reflns_shell.number_unique_obs                             840 
_reflns_shell.percent_possible_all                          ? 
_reflns_shell.percent_possible_obs                          ? 
_reflns_shell.Rmerge_F_all                                  ? 
_reflns_shell.Rmerge_F_obs                                  ? 
_reflns_shell.Rmerge_I_all                                  ? 
_reflns_shell.Rmerge_I_obs                                  0.456 
_reflns_shell.meanI_over_sigI_gt                            ? 
_reflns_shell.meanI_over_uI_all                             ? 
_reflns_shell.meanI_over_uI_gt                              ? 
_reflns_shell.number_measured_gt                            ? 
_reflns_shell.number_unique_gt                              ? 
_reflns_shell.percent_possible_gt                           ? 
_reflns_shell.Rmerge_F_gt                                   ? 
_reflns_shell.Rmerge_I_gt                                   ? 
_reflns_shell.pdbx_redundancy                               ? 
_reflns_shell.pdbx_Rsym_value                               0.209 
_reflns_shell.pdbx_chi_squared                              ? 
_reflns_shell.pdbx_netI_over_sigmaI_all                     ? 
_reflns_shell.pdbx_netI_over_sigmaI_obs                     ? 
_reflns_shell.pdbx_Rrim_I_all                               0.512 
_reflns_shell.pdbx_Rpim_I_all                               0.209 
_reflns_shell.pdbx_rejects                                  ? 
_reflns_shell.pdbx_ordinal                                  1 
_reflns_shell.pdbx_diffrn_id                                1 
_reflns_shell.pdbx_CC_half                                  0.89 
_reflns_shell.pdbx_CC_star                                  ? 
_reflns_shell.pdbx_R_split                                  ? 
_reflns_shell.pdbx_percent_possible_ellipsoidal             ? 
_reflns_shell.pdbx_percent_possible_spherical               ? 
_reflns_shell.pdbx_percent_possible_ellipsoidal_anomalous   ? 
_reflns_shell.pdbx_percent_possible_spherical_anomalous     ? 
_reflns_shell.pdbx_redundancy_anomalous                     ? 
_reflns_shell.pdbx_CC_half_anomalous                        ? 
_reflns_shell.pdbx_absDiff_over_sigma_anomalous             ? 
_reflns_shell.pdbx_percent_possible_anomalous               ? 
# 
_refine.aniso_B[1][1]                            ? 
_refine.aniso_B[1][2]                            ? 
_refine.aniso_B[1][3]                            ? 
_refine.aniso_B[2][2]                            ? 
_refine.aniso_B[2][3]                            ? 
_refine.aniso_B[3][3]                            ? 
_refine.B_iso_max                                ? 
_refine.B_iso_mean                               33.5877722999 
_refine.B_iso_min                                ? 
_refine.correlation_coeff_Fo_to_Fc               ? 
_refine.correlation_coeff_Fo_to_Fc_free          ? 
_refine.details                                  ? 
_refine.diff_density_max                         ? 
_refine.diff_density_max_esd                     ? 
_refine.diff_density_min                         ? 
_refine.diff_density_min_esd                     ? 
_refine.diff_density_rms                         ? 
_refine.diff_density_rms_esd                     ? 
_refine.entry_id                                 7VD4 
_refine.pdbx_refine_id                           'X-RAY DIFFRACTION' 
_refine.ls_abs_structure_details                 ? 
_refine.ls_abs_structure_Flack                   ? 
_refine.ls_abs_structure_Flack_esd               ? 
_refine.ls_abs_structure_Rogers                  ? 
_refine.ls_abs_structure_Rogers_esd              ? 
_refine.ls_d_res_high                            1.85659146555 
_refine.ls_d_res_low                             24.1139720626 
_refine.ls_extinction_coef                       ? 
_refine.ls_extinction_coef_esd                   ? 
_refine.ls_extinction_expression                 ? 
_refine.ls_extinction_method                     ? 
_refine.ls_goodness_of_fit_all                   ? 
_refine.ls_goodness_of_fit_all_esd               ? 
_refine.ls_goodness_of_fit_obs                   ? 
_refine.ls_goodness_of_fit_obs_esd               ? 
_refine.ls_hydrogen_treatment                    ? 
_refine.ls_matrix_type                           ? 
_refine.ls_number_constraints                    ? 
_refine.ls_number_parameters                     ? 
_refine.ls_number_reflns_all                     ? 
_refine.ls_number_reflns_obs                     9661 
_refine.ls_number_reflns_R_free                  465 
_refine.ls_number_reflns_R_work                  9196 
_refine.ls_number_restraints                     ? 
_refine.ls_percent_reflns_obs                    96.2155163828 
_refine.ls_percent_reflns_R_free                 4.81316633889 
_refine.ls_R_factor_all                          ? 
_refine.ls_R_factor_obs                          0.208045391853 
_refine.ls_R_factor_R_free                       0.24635789781 
_refine.ls_R_factor_R_free_error                 ? 
_refine.ls_R_factor_R_free_error_details         ? 
_refine.ls_R_factor_R_work                       0.205881942559 
_refine.ls_R_Fsqd_factor_obs                     ? 
_refine.ls_R_I_factor_obs                        ? 
_refine.ls_redundancy_reflns_all                 ? 
_refine.ls_redundancy_reflns_obs                 ? 
_refine.ls_restrained_S_all                      ? 
_refine.ls_restrained_S_obs                      ? 
_refine.ls_shift_over_esd_max                    ? 
_refine.ls_shift_over_esd_mean                   ? 
_refine.ls_structure_factor_coef                 ? 
_refine.ls_weighting_details                     ? 
_refine.ls_weighting_scheme                      ? 
_refine.ls_wR_factor_all                         ? 
_refine.ls_wR_factor_obs                         ? 
_refine.ls_wR_factor_R_free                      ? 
_refine.ls_wR_factor_R_work                      ? 
_refine.occupancy_max                            ? 
_refine.occupancy_min                            ? 
_refine.solvent_model_details                    'FLAT BULK SOLVENT MODEL' 
_refine.solvent_model_param_bsol                 ? 
_refine.solvent_model_param_ksol                 ? 
_refine.pdbx_R_complete                          ? 
_refine.ls_R_factor_gt                           ? 
_refine.ls_goodness_of_fit_gt                    ? 
_refine.ls_goodness_of_fit_ref                   ? 
_refine.ls_shift_over_su_max                     ? 
_refine.ls_shift_over_su_max_lt                  ? 
_refine.ls_shift_over_su_mean                    ? 
_refine.ls_shift_over_su_mean_lt                 ? 
_refine.pdbx_ls_sigma_I                          ? 
_refine.pdbx_ls_sigma_F                          1.36344065761 
_refine.pdbx_ls_sigma_Fsqd                       ? 
_refine.pdbx_data_cutoff_high_absF               ? 
_refine.pdbx_data_cutoff_high_rms_absF           ? 
_refine.pdbx_data_cutoff_low_absF                ? 
_refine.pdbx_isotropic_thermal_model             ? 
_refine.pdbx_ls_cross_valid_method               NONE 
_refine.pdbx_method_to_determine_struct          'MOLECULAR REPLACEMENT' 
_refine.pdbx_starting_model                      3QZT 
_refine.pdbx_stereochemistry_target_values       'GeoStd + Monomer Library + CDL v1.2' 
_refine.pdbx_R_Free_selection_details            ? 
_refine.pdbx_stereochem_target_val_spec_case     ? 
_refine.pdbx_overall_ESU_R                       ? 
_refine.pdbx_overall_ESU_R_Free                  ? 
_refine.pdbx_solvent_vdw_probe_radii             1.11 
_refine.pdbx_solvent_ion_probe_radii             ? 
_refine.pdbx_solvent_shrinkage_radii             0.9 
_refine.pdbx_real_space_R                        ? 
_refine.pdbx_density_correlation                 ? 
_refine.pdbx_pd_number_of_powder_patterns        ? 
_refine.pdbx_pd_number_of_points                 ? 
_refine.pdbx_pd_meas_number_of_points            ? 
_refine.pdbx_pd_proc_ls_prof_R_factor            ? 
_refine.pdbx_pd_proc_ls_prof_wR_factor           ? 
_refine.pdbx_pd_Marquardt_correlation_coeff      ? 
_refine.pdbx_pd_Fsqrd_R_factor                   ? 
_refine.pdbx_pd_ls_matrix_band_width             ? 
_refine.pdbx_overall_phase_error                 37.5725600949 
_refine.pdbx_overall_SU_R_free_Cruickshank_DPI   ? 
_refine.pdbx_overall_SU_R_free_Blow_DPI          ? 
_refine.pdbx_overall_SU_R_Blow_DPI               ? 
_refine.pdbx_TLS_residual_ADP_flag               ? 
_refine.pdbx_diffrn_id                           1 
_refine.overall_SU_B                             ? 
_refine.overall_SU_ML                            0.197206659844 
_refine.overall_SU_R_Cruickshank_DPI             ? 
_refine.overall_SU_R_free                        ? 
_refine.overall_FOM_free_R_set                   ? 
_refine.overall_FOM_work_R_set                   ? 
_refine.pdbx_average_fsc_overall                 ? 
_refine.pdbx_average_fsc_work                    ? 
_refine.pdbx_average_fsc_free                    ? 
# 
_refine_hist.pdbx_refine_id                   'X-RAY DIFFRACTION' 
_refine_hist.cycle_id                         LAST 
_refine_hist.details                          ? 
_refine_hist.d_res_high                       1.85659146555 
_refine_hist.d_res_low                        24.1139720626 
_refine_hist.number_atoms_solvent             53 
_refine_hist.number_atoms_total               993 
_refine_hist.number_reflns_all                ? 
_refine_hist.number_reflns_obs                ? 
_refine_hist.number_reflns_R_free             ? 
_refine_hist.number_reflns_R_work             ? 
_refine_hist.R_factor_all                     ? 
_refine_hist.R_factor_obs                     ? 
_refine_hist.R_factor_R_free                  ? 
_refine_hist.R_factor_R_work                  ? 
_refine_hist.pdbx_number_residues_total       ? 
_refine_hist.pdbx_B_iso_mean_ligand           ? 
_refine_hist.pdbx_B_iso_mean_solvent          ? 
_refine_hist.pdbx_number_atoms_protein        915 
_refine_hist.pdbx_number_atoms_nucleic_acid   0 
_refine_hist.pdbx_number_atoms_ligand         25 
_refine_hist.pdbx_number_atoms_lipid          ? 
_refine_hist.pdbx_number_atoms_carb           ? 
_refine_hist.pdbx_pseudo_atom_details         ? 
# 
loop_
_refine_ls_restr.pdbx_refine_id 
_refine_ls_restr.criterion 
_refine_ls_restr.dev_ideal 
_refine_ls_restr.dev_ideal_target 
_refine_ls_restr.number 
_refine_ls_restr.rejects 
_refine_ls_restr.type 
_refine_ls_restr.weight 
_refine_ls_restr.pdbx_restraint_function 
'X-RAY DIFFRACTION' ? 0.00903290312713 ? 977  ? f_bond_d           ? ? 
'X-RAY DIFFRACTION' ? 0.961265493561   ? 1331 ? f_angle_d          ? ? 
'X-RAY DIFFRACTION' ? 0.0475600790557  ? 136  ? f_chiral_restr     ? ? 
'X-RAY DIFFRACTION' ? 0.00482106183416 ? 172  ? f_plane_restr      ? ? 
'X-RAY DIFFRACTION' ? 19.6946764295    ? 591  ? f_dihedral_angle_d ? ? 
# 
loop_
_refine_ls_shell.pdbx_refine_id 
_refine_ls_shell.d_res_high 
_refine_ls_shell.d_res_low 
_refine_ls_shell.number_reflns_all 
_refine_ls_shell.number_reflns_obs 
_refine_ls_shell.number_reflns_R_free 
_refine_ls_shell.number_reflns_R_work 
_refine_ls_shell.percent_reflns_obs 
_refine_ls_shell.percent_reflns_R_free 
_refine_ls_shell.R_factor_all 
_refine_ls_shell.R_factor_obs 
_refine_ls_shell.R_factor_R_free 
_refine_ls_shell.R_factor_R_free_error 
_refine_ls_shell.R_factor_R_work 
_refine_ls_shell.redundancy_reflns_all 
_refine_ls_shell.redundancy_reflns_obs 
_refine_ls_shell.wR_factor_all 
_refine_ls_shell.wR_factor_obs 
_refine_ls_shell.wR_factor_R_free 
_refine_ls_shell.wR_factor_R_work 
_refine_ls_shell.pdbx_R_complete 
_refine_ls_shell.pdbx_total_number_of_bins_used 
_refine_ls_shell.pdbx_phase_error 
_refine_ls_shell.pdbx_fsc_work 
_refine_ls_shell.pdbx_fsc_free 
'X-RAY DIFFRACTION' 1.8566 2.1251 . . 129 2921 92.789777913  . . . 0.312968005977 . 0.242312739564 . . . . . . . . . . . 
'X-RAY DIFFRACTION' 2.1251 2.6769 . . 165 3115 98.5873159002 . . . 0.312010853196 . 0.2312560431   . . . . . . . . . . . 
'X-RAY DIFFRACTION' 2.6769 10     . . 171 3160 97.1987160782 . . . 0.213520330931 . 0.189909830366 . . . . . . . . . . . 
# 
_struct.entry_id                     7VD4 
_struct.title                        'Crystal structure of BPTF-BRD with ligand TP248 bound' 
_struct.pdbx_model_details           ? 
_struct.pdbx_formula_weight          ? 
_struct.pdbx_formula_weight_method   ? 
_struct.pdbx_model_type_details      ? 
_struct.pdbx_CASP_flag               N 
# 
_struct_keywords.entry_id        7VD4 
_struct_keywords.text            
'BPTF Bromodomain, Lysine acetylation, small-molecule inhibitor, BIOSYNTHETIC PROTEIN, ANTITUMOR PROTEIN' 
_struct_keywords.pdbx_keywords   'ANTITUMOR PROTEIN' 
# 
loop_
_struct_asym.id 
_struct_asym.pdbx_blank_PDB_chainid_flag 
_struct_asym.pdbx_modified 
_struct_asym.entity_id 
_struct_asym.details 
A N N 1 ? 
B N N 2 ? 
C N N 3 ? 
# 
loop_
_struct_conf.conf_type_id 
_struct_conf.id 
_struct_conf.pdbx_PDB_helix_id 
_struct_conf.beg_label_comp_id 
_struct_conf.beg_label_asym_id 
_struct_conf.beg_label_seq_id 
_struct_conf.pdbx_beg_PDB_ins_code 
_struct_conf.end_label_comp_id 
_struct_conf.end_label_asym_id 
_struct_conf.end_label_seq_id 
_struct_conf.pdbx_end_PDB_ins_code 
_struct_conf.beg_auth_comp_id 
_struct_conf.beg_auth_asym_id 
_struct_conf.beg_auth_seq_id 
_struct_conf.end_auth_comp_id 
_struct_conf.end_auth_asym_id 
_struct_conf.end_auth_seq_id 
_struct_conf.pdbx_PDB_helix_class 
_struct_conf.details 
_struct_conf.pdbx_PDB_helix_length 
HELX_P HELX_P1 AA1 THR A 10 ? HIS A 27  ? THR A 70  HIS A 87  1 ? 18 
HELX_P HELX_P2 AA2 LYS A 28 ? LEU A 34  ? LYS A 88  LEU A 94  5 ? 7  
HELX_P HELX_P3 AA3 ASP A 38 ? ALA A 42  ? ASP A 98  ALA A 102 5 ? 5  
HELX_P HELX_P4 AA4 ASP A 44 ? ILE A 49  ? ASP A 104 ILE A 109 1 ? 6  
HELX_P HELX_P5 AA5 ASP A 54 ? ARG A 64  ? ASP A 114 ARG A 124 1 ? 11 
HELX_P HELX_P6 AA6 LYS A 69 ? ASN A 88  ? LYS A 129 ASN A 148 1 ? 20 
HELX_P HELX_P7 AA7 SER A 92 ? ALA A 114 ? SER A 152 ALA A 174 1 ? 23 
# 
_struct_conf_type.id          HELX_P 
_struct_conf_type.criteria    ? 
_struct_conf_type.reference   ? 
# 
_atom_sites.entry_id                    7VD4 
_atom_sites.Cartn_transf_matrix[1][1]   ? 
_atom_sites.Cartn_transf_matrix[1][2]   ? 
_atom_sites.Cartn_transf_matrix[1][3]   ? 
_atom_sites.Cartn_transf_matrix[2][1]   ? 
_atom_sites.Cartn_transf_matrix[2][2]   ? 
_atom_sites.Cartn_transf_matrix[2][3]   ? 
_atom_sites.Cartn_transf_matrix[3][1]   ? 
_atom_sites.Cartn_transf_matrix[3][2]   ? 
_atom_sites.Cartn_transf_matrix[3][3]   ? 
_atom_sites.Cartn_transf_vector[1]      ? 
_atom_sites.Cartn_transf_vector[2]      ? 
_atom_sites.Cartn_transf_vector[3]      ? 
_atom_sites.fract_transf_matrix[1][1]   -0.00852443 
_atom_sites.fract_transf_matrix[1][2]   0.00153127 
_atom_sites.fract_transf_matrix[1][3]   0.00253251 
_atom_sites.fract_transf_matrix[2][1]   -0.01111995 
_atom_sites.fract_transf_matrix[2][2]   -0.02868029 
_atom_sites.fract_transf_matrix[2][3]   -0.02008835 
_atom_sites.fract_transf_matrix[3][1]   -0.00018123 
_atom_sites.fract_transf_matrix[3][2]   -0.01491328 
_atom_sites.fract_transf_matrix[3][3]   0.02139213 
_atom_sites.fract_transf_vector[1]      -0.129546 
_atom_sites.fract_transf_vector[2]      0.330791 
_atom_sites.fract_transf_vector[3]      0.016260 
_atom_sites.solution_primary            ? 
_atom_sites.solution_secondary          ? 
_atom_sites.solution_hydrogens          ? 
_atom_sites.special_details             ? 
# 
loop_
_atom_type.symbol 
_atom_type.scat_dispersion_real 
_atom_type.scat_dispersion_imag 
_atom_type.scat_Cromer_Mann_a1 
_atom_type.scat_Cromer_Mann_a2 
_atom_type.scat_Cromer_Mann_b1 
_atom_type.scat_Cromer_Mann_b2 
_atom_type.scat_Cromer_Mann_c 
_atom_type.scat_source 
_atom_type.scat_dispersion_source 
C   ? ? 3.54356 2.42580 25.62398 1.50364  0.0 
;2-Gaussian fit: Grosse-Kunstleve RW, Sauter NK, Adams PD: Newsletter of the IUCr Commission on Crystallographic Computing 2004, 3, 22-31.
;
? 
H   ? ? 0.51345 0.48472 24.73122 6.32584  0.0 
;2-Gaussian fit: Grosse-Kunstleve RW, Sauter NK, Adams PD: Newsletter of the IUCr Commission on Crystallographic Computing 2004, 3, 22-31.
;
? 
N   ? ? 4.01032 2.96436 19.97189 1.75589  0.0 
;2-Gaussian fit: Grosse-Kunstleve RW, Sauter NK, Adams PD: Newsletter of the IUCr Commission on Crystallographic Computing 2004, 3, 22-31.
;
? 
O   ? ? 4.49882 3.47563 15.80542 1.70748  0.0 
;2-Gaussian fit: Grosse-Kunstleve RW, Sauter NK, Adams PD: Newsletter of the IUCr Commission on Crystallographic Computing 2004, 3, 22-31.
;
? 
O1- ? ? 5.12366 3.84317 3.49406  27.47979 0.0 
;2-Gaussian fit: Grosse-Kunstleve RW, Sauter NK, Adams PD: Newsletter of the IUCr Commission on Crystallographic Computing 2004, 3, 22-31.
;
? 
S   ? ? 9.55732 6.39887 1.23737  29.19336 0.0 
;2-Gaussian fit: Grosse-Kunstleve RW, Sauter NK, Adams PD: Newsletter of the IUCr Commission on Crystallographic Computing 2004, 3, 22-31.
;
? 
# 
loop_
_atom_site.group_PDB 
_atom_site.id 
_atom_site.type_symbol 
_atom_site.label_atom_id 
_atom_site.label_alt_id 
_atom_site.label_comp_id 
_atom_site.label_asym_id 
_atom_site.label_entity_id 
_atom_site.label_seq_id 
_atom_site.pdbx_PDB_ins_code 
_atom_site.Cartn_x 
_atom_site.Cartn_y 
_atom_site.Cartn_z 
_atom_site.occupancy 
_atom_site.B_iso_or_equiv 
_atom_site.pdbx_formal_charge 
_atom_site.auth_seq_id 
_atom_site.auth_comp_id 
_atom_site.auth_asym_id 
_atom_site.auth_atom_id 
_atom_site.pdbx_PDB_model_num 
ATOM   1    N N   . SER A 1 4   ? -0.03316  -17.66696 12.11629  1.000 61.26657 ?  64  SER A N   1 
ATOM   2    C CA  . SER A 1 4   ? -1.03051  -16.60267 12.09729  1.000 53.97195 ?  64  SER A CA  1 
ATOM   3    C C   . SER A 1 4   ? -0.36856  -15.29035 11.65737  1.000 58.54003 ?  64  SER A C   1 
ATOM   4    O O   . SER A 1 4   ? 0.85787   -15.20504 11.53226  1.000 53.73145 ?  64  SER A O   1 
ATOM   5    C CB  . SER A 1 4   ? -1.69276  -16.46068 13.47340  1.000 49.20782 ?  64  SER A CB  1 
ATOM   6    O OG  . SER A 1 4   ? -2.91230  -15.74373 13.39210  1.000 52.81765 ?  64  SER A OG  1 
ATOM   7    N N   . VAL A 1 5   ? -1.18946  -14.26883 11.40180  1.000 56.62671 ?  65  VAL A N   1 
ATOM   8    C CA  . VAL A 1 5   ? -0.67180  -12.97631 10.95421  1.000 43.59851 ?  65  VAL A CA  1 
ATOM   9    C C   . VAL A 1 5   ? 0.01118   -12.19023 12.06097  1.000 48.85796 ?  65  VAL A C   1 
ATOM   10   O O   . VAL A 1 5   ? 0.59532   -11.13172 11.78997  1.000 43.82742 ?  65  VAL A O   1 
ATOM   11   C CB  . VAL A 1 5   ? -1.81062  -12.12623 10.36707  1.000 44.50707 ?  65  VAL A CB  1 
ATOM   12   C CG1 . VAL A 1 5   ? -2.31901  -12.75393 9.08635   1.000 51.51213 ?  65  VAL A CG1 1 
ATOM   13   C CG2 . VAL A 1 5   ? -2.94712  -12.00455 11.38288  1.000 41.24073 ?  65  VAL A CG2 1 
ATOM   14   N N   . LEU A 1 6   ? -0.06002  -12.66389 13.30298  1.000 50.24791 ?  66  LEU A N   1 
ATOM   15   C CA  . LEU A 1 6   ? 0.61966   -12.03318 14.42571  1.000 41.92303 ?  66  LEU A CA  1 
ATOM   16   C C   . LEU A 1 6   ? 2.04902   -12.51640 14.61076  1.000 46.74575 ?  66  LEU A C   1 
ATOM   17   O O   . LEU A 1 6   ? 2.78056   -11.93481 15.42305  1.000 50.09099 ?  66  LEU A O   1 
ATOM   18   C CB  . LEU A 1 6   ? -0.14929  -12.30338 15.71016  1.000 42.74243 ?  66  LEU A CB  1 
ATOM   19   C CG  . LEU A 1 6   ? -1.63144  -12.14290 15.46560  1.000 39.49929 ?  66  LEU A CG  1 
ATOM   20   C CD1 . LEU A 1 6   ? -2.35103  -12.61072 16.68709  1.000 37.88273 ?  66  LEU A CD1 1 
ATOM   21   C CD2 . LEU A 1 6   ? -1.88686  -10.67925 15.19387  1.000 40.33287 ?  66  LEU A CD2 1 
ATOM   22   N N   . THR A 1 7   ? 2.44987   -13.56583 13.89719  1.000 45.80589 ?  67  THR A N   1 
ATOM   23   C CA  . THR A 1 7   ? 3.74605   -14.18376 14.12474  1.000 43.65036 ?  67  THR A CA  1 
ATOM   24   C C   . THR A 1 7   ? 4.86699   -13.20988 13.77607  1.000 41.02007 ?  67  THR A C   1 
ATOM   25   O O   . THR A 1 7   ? 4.73227   -12.40533 12.85183  1.000 41.97620 ?  67  THR A O   1 
ATOM   26   C CB  . THR A 1 7   ? 3.87090   -15.46557 13.30377  1.000 44.34391 ?  67  THR A CB  1 
ATOM   27   O OG1 . THR A 1 7   ? 3.25975   -15.27041 12.02167  1.000 48.47692 ?  67  THR A OG1 1 
ATOM   28   C CG2 . THR A 1 7   ? 3.14965   -16.58624 14.00761  1.000 40.81038 ?  67  THR A CG2 1 
ATOM   29   N N   . PRO A 1 8   ? 5.96782   -13.24013 14.51113  1.000 37.45804 ?  68  PRO A N   1 
ATOM   30   C CA  . PRO A 1 8   ? 7.01344   -12.23936 14.30821  1.000 41.43647 ?  68  PRO A CA  1 
ATOM   31   C C   . PRO A 1 8   ? 7.69475   -12.42597 12.96608  1.000 38.70094 ?  68  PRO A C   1 
ATOM   32   O O   . PRO A 1 8   ? 7.89648   -13.54489 12.49107  1.000 40.87576 ?  68  PRO A O   1 
ATOM   33   C CB  . PRO A 1 8   ? 7.98123   -12.49251 15.47219  1.000 43.24638 ?  68  PRO A CB  1 
ATOM   34   C CG  . PRO A 1 8   ? 7.17809   -13.30810 16.47109  1.000 40.62075 ?  68  PRO A CG  1 
ATOM   35   C CD  . PRO A 1 8   ? 6.26102   -14.13375 15.64080  1.000 41.95288 ?  68  PRO A CD  1 
ATOM   36   N N   . LEU A 1 9   ? 8.04048   -11.30595 12.34658  1.000 34.83002 ?  69  LEU A N   1 
ATOM   37   C CA  . LEU A 1 9   ? 8.67623   -11.34537 11.04128  1.000 38.19724 ?  69  LEU A CA  1 
ATOM   38   C C   . LEU A 1 9   ? 10.13312  -11.77504 11.17350  1.000 36.79041 ?  69  LEU A C   1 
ATOM   39   O O   . LEU A 1 9   ? 10.87734  -11.24032 12.00324  1.000 35.96812 ?  69  LEU A O   1 
ATOM   40   C CB  . LEU A 1 9   ? 8.55472   -9.98072  10.36565  1.000 34.40381 ?  69  LEU A CB  1 
ATOM   41   C CG  . LEU A 1 9   ? 7.11900   -9.72740  9.90607   1.000 28.11339 ?  69  LEU A CG  1 
ATOM   42   C CD1 . LEU A 1 9   ? 6.92903   -8.29928  9.47344   1.000 29.52733 ?  69  LEU A CD1 1 
ATOM   43   C CD2 . LEU A 1 9   ? 6.76267   -10.68933 8.77476   1.000 29.09363 ?  69  LEU A CD2 1 
ATOM   44   N N   . THR A 1 10  ? 10.52986  -12.76067 10.36695  1.000 34.48271 ?  70  THR A N   1 
ATOM   45   C CA  . THR A 1 10  ? 11.90839  -13.22027 10.30963  1.000 39.87715 ?  70  THR A CA  1 
ATOM   46   C C   . THR A 1 10  ? 12.65922  -12.50461 9.19291   1.000 33.34931 ?  70  THR A C   1 
ATOM   47   O O   . THR A 1 10  ? 12.07494  -11.83426 8.34349   1.000 32.90143 ?  70  THR A O   1 
ATOM   48   C CB  . THR A 1 10  ? 11.96818  -14.72490 10.07338  1.000 37.76014 ?  70  THR A CB  1 
ATOM   49   O OG1 . THR A 1 10  ? 11.77843  -14.99322 8.67605   1.000 39.47073 ?  70  THR A OG1 1 
ATOM   50   C CG2 . THR A 1 10  ? 10.88074  -15.41496 10.85139  1.000 43.54463 ?  70  THR A CG2 1 
ATOM   51   N N   . GLU A 1 11  ? 13.97822  -12.67026 9.18251   1.000 39.31636 ?  71  GLU A N   1 
ATOM   52   C CA  . GLU A 1 11  ? 14.74462  -12.11145 8.07649   1.000 42.09818 ?  71  GLU A CA  1 
ATOM   53   C C   . GLU A 1 11  ? 14.32027  -12.71325 6.74570   1.000 37.71725 ?  71  GLU A C   1 
ATOM   54   O O   . GLU A 1 11  ? 14.29605  -12.01454 5.72903   1.000 35.76177 ?  71  GLU A O   1 
ATOM   55   C CB  . GLU A 1 11  ? 16.23623  -12.30455 8.32611   1.000 45.30516 ?  71  GLU A CB  1 
ATOM   56   C CG  . GLU A 1 11  ? 16.85558  -11.10629 9.03659   1.000 52.22065 ?  71  GLU A CG  1 
ATOM   57   C CD  . GLU A 1 11  ? 16.59182  -9.79107  8.29499   1.000 64.31585 ?  71  GLU A CD  1 
ATOM   58   O OE1 . GLU A 1 11  ? 16.37492  -8.73914  8.95451   1.000 57.31046 ?  71  GLU A OE1 1 
ATOM   59   O OE2 . GLU A 1 11  ? 16.60341  -9.81841  7.04116   1.000 67.96631 -1 71  GLU A OE2 1 
ATOM   60   N N   . LYS A 1 12  ? 13.93765  -13.99183 6.74170   1.000 42.12026 ?  72  LYS A N   1 
ATOM   61   C CA  . LYS A 1 12  ? 13.43543  -14.61871 5.52373   1.000 39.80802 ?  72  LYS A CA  1 
ATOM   62   C C   . LYS A 1 12  ? 12.10395  -14.00846 5.09715   1.000 38.38477 ?  72  LYS A C   1 
ATOM   63   O O   . LYS A 1 12  ? 11.88529  -13.75886 3.90380   1.000 35.61090 ?  72  LYS A O   1 
ATOM   64   C CB  . LYS A 1 12  ? 13.30183  -16.12775 5.74475   1.000 43.51054 ?  72  LYS A CB  1 
ATOM   65   C CG  . LYS A 1 12  ? 13.28812  -16.98913 4.48841   1.000 43.25010 ?  72  LYS A CG  1 
ATOM   66   C CD  . LYS A 1 12  ? 13.09181  -18.46438 4.87840   1.000 66.75597 ?  72  LYS A CD  1 
ATOM   67   C CE  . LYS A 1 12  ? 12.97021  -19.40211 3.67787   1.000 58.44987 ?  72  LYS A CE  1 
ATOM   68   N NZ  . LYS A 1 12  ? 12.63989  -20.80283 4.09916   1.000 64.79443 1  72  LYS A NZ  1 
ATOM   69   N N   . ASP A 1 13  ? 11.19697  -13.77240 6.05403   1.000 35.50763 ?  73  ASP A N   1 
ATOM   70   C CA  . ASP A 1 13  ? 9.93921   -13.10205 5.73597   1.000 34.29961 ?  73  ASP A CA  1 
ATOM   71   C C   . ASP A 1 13  ? 10.18340  -11.75897 5.06617   1.000 32.07208 ?  73  ASP A C   1 
ATOM   72   O O   . ASP A 1 13  ? 9.42955   -11.35335 4.17150   1.000 31.36376 ?  73  ASP A O   1 
ATOM   73   C CB  . ASP A 1 13  ? 9.10057   -12.88394 7.00200   1.000 34.66260 ?  73  ASP A CB  1 
ATOM   74   C CG  . ASP A 1 13  ? 8.59559   -14.17481 7.61455   1.000 39.41196 ?  73  ASP A CG  1 
ATOM   75   O OD1 . ASP A 1 13  ? 8.34454   -15.14800 6.87508   1.000 37.86552 ?  73  ASP A OD1 1 
ATOM   76   O OD2 . ASP A 1 13  ? 8.43361   -14.20258 8.85178   1.000 42.17534 -1 73  ASP A OD2 1 
ATOM   77   N N   . TYR A 1 14  ? 11.20338  -11.02663 5.51865   1.000 37.35261 ?  74  TYR A N   1 
ATOM   78   C CA  . TYR A 1 14  ? 11.40225  -9.68282  4.98919   1.000 31.09455 ?  74  TYR A CA  1 
ATOM   79   C C   . TYR A 1 14  ? 11.77220  -9.71481  3.51127   1.000 31.51410 ?  74  TYR A C   1 
ATOM   80   O O   . TYR A 1 14  ? 11.41378  -8.79631  2.76793   1.000 31.89389 ?  74  TYR A O   1 
ATOM   81   C CB  . TYR A 1 14  ? 12.45251  -8.92951  5.81113   1.000 36.84660 ?  74  TYR A CB  1 
ATOM   82   C CG  . TYR A 1 14  ? 11.84448  -7.90511  6.75083   1.000 25.53984 ?  74  TYR A CG  1 
ATOM   83   C CD1 . TYR A 1 14  ? 11.57798  -6.60824  6.32400   1.000 34.68210 ?  74  TYR A CD1 1 
ATOM   84   C CD2 . TYR A 1 14  ? 11.50891  -8.24118  8.05544   1.000 32.26893 ?  74  TYR A CD2 1 
ATOM   85   C CE1 . TYR A 1 14  ? 11.01231  -5.66280  7.18230   1.000 29.92784 ?  74  TYR A CE1 1 
ATOM   86   C CE2 . TYR A 1 14  ? 10.93582  -7.29978  8.92655   1.000 35.95833 ?  74  TYR A CE2 1 
ATOM   87   C CZ  . TYR A 1 14  ? 10.69052  -6.01799  8.48063   1.000 33.30945 ?  74  TYR A CZ  1 
ATOM   88   O OH  . TYR A 1 14  ? 10.12406  -5.09672  9.34244   1.000 30.75057 ?  74  TYR A OH  1 
ATOM   89   N N   . GLU A 1 15  ? 12.44916  -10.76787 3.05420   1.000 28.47649 ?  75  GLU A N   1 
ATOM   90   C CA  . GLU A 1 15  ? 12.72950  -10.87462 1.62781   1.000 31.17417 ?  75  GLU A CA  1 
ATOM   91   C C   . GLU A 1 15  ? 11.44357  -11.02274 0.81791   1.000 32.62724 ?  75  GLU A C   1 
ATOM   92   O O   . GLU A 1 15  ? 11.29679  -10.41103 -0.24520  1.000 31.50546 ?  75  GLU A O   1 
ATOM   93   C CB  . GLU A 1 15  ? 13.68727  -12.03591 1.38718   1.000 33.16838 ?  75  GLU A CB  1 
ATOM   94   C CG  . GLU A 1 15  ? 15.07720  -11.77598 1.98213   1.000 41.82393 ?  75  GLU A CG  1 
ATOM   95   C CD  . GLU A 1 15  ? 15.74841  -10.51929 1.40899   1.000 52.76803 ?  75  GLU A CD  1 
ATOM   96   O OE1 . GLU A 1 15  ? 15.66604  -10.30107 0.17787   1.000 54.55669 ?  75  GLU A OE1 1 
ATOM   97   O OE2 . GLU A 1 15  ? 16.36111  -9.74805  2.18671   1.000 53.47002 -1 75  GLU A OE2 1 
ATOM   98   N N   . GLY A 1 16  ? 10.48581  -11.80353 1.32149   1.000 35.95112 ?  76  GLY A N   1 
ATOM   99   C CA  . GLY A 1 16  ? 9.17064   -11.86038 0.69255   1.000 33.10264 ?  76  GLY A CA  1 
ATOM   100  C C   . GLY A 1 16  ? 8.46790   -10.51666 0.65052   1.000 27.46336 ?  76  GLY A C   1 
ATOM   101  O O   . GLY A 1 16  ? 7.89223   -10.13999 -0.37439  1.000 28.61314 ?  76  GLY A O   1 
ATOM   102  N N   . LEU A 1 17  ? 8.48731   -9.78042  1.77076   1.000 26.89438 ?  77  LEU A N   1 
ATOM   103  C CA  . LEU A 1 17  ? 7.84874   -8.46710  1.80650   1.000 32.43856 ?  77  LEU A CA  1 
ATOM   104  C C   . LEU A 1 17  ? 8.50066   -7.50620  0.81545   1.000 28.80711 ?  77  LEU A C   1 
ATOM   105  O O   . LEU A 1 17  ? 7.80554   -6.75285  0.12117   1.000 30.51404 ?  77  LEU A O   1 
ATOM   106  C CB  . LEU A 1 17  ? 7.88232   -7.89677  3.23013   1.000 30.38178 ?  77  LEU A CB  1 
ATOM   107  C CG  . LEU A 1 17  ? 6.96134   -8.53787  4.28299   1.000 33.81452 ?  77  LEU A CG  1 
ATOM   108  C CD1 . LEU A 1 17  ? 7.19011   -7.92771  5.65061   1.000 37.22885 ?  77  LEU A CD1 1 
ATOM   109  C CD2 . LEU A 1 17  ? 5.50950   -8.38818  3.90496   1.000 30.82379 ?  77  LEU A CD2 1 
ATOM   110  N N   . LYS A 1 18  ? 9.83460   -7.51782  0.72179   1.000 26.62980 ?  78  LYS A N   1 
ATOM   111  C CA  . LYS A 1 18  ? 10.48927  -6.72306  -0.31301  1.000 26.61885 ?  78  LYS A CA  1 
ATOM   112  C C   . LYS A 1 18  ? 9.95514   -7.08057  -1.68900  1.000 29.16209 ?  78  LYS A C   1 
ATOM   113  O O   . LYS A 1 18  ? 9.64912   -6.19992  -2.50391  1.000 25.34677 ?  78  LYS A O   1 
ATOM   114  C CB  . LYS A 1 18  ? 12.00155  -6.93278  -0.26915  1.000 30.24332 ?  78  LYS A CB  1 
ATOM   115  C CG  . LYS A 1 18  ? 12.70701  -6.24485  0.88008   1.000 31.86973 ?  78  LYS A CG  1 
ATOM   116  C CD  . LYS A 1 18  ? 14.18113  -6.59998  0.80035   1.000 35.01355 ?  78  LYS A CD  1 
ATOM   117  C CE  . LYS A 1 18  ? 15.00847  -5.96630  1.88273   1.000 41.12563 ?  78  LYS A CE  1 
ATOM   118  N NZ  . LYS A 1 18  ? 16.44659  -6.16961  1.53280   1.000 57.11703 1  78  LYS A NZ  1 
ATOM   119  N N   . ARG A 1 19  ? 9.84156   -8.38550  -1.96100  1.000 33.01059 ?  79  ARG A N   1 
ATOM   120  C CA  . ARG A 1 19  ? 9.32356   -8.85294  -3.24171  1.000 30.17519 ?  79  ARG A CA  1 
ATOM   121  C C   . ARG A 1 19  ? 7.89419   -8.36759  -3.46125  1.000 27.21983 ?  79  ARG A C   1 
ATOM   122  O O   . ARG A 1 19  ? 7.56050   -7.82868  -4.52531  1.000 29.01230 ?  79  ARG A O   1 
ATOM   123  C CB  . ARG A 1 19  ? 9.42169   -10.38572 -3.29495  1.000 36.30527 ?  79  ARG A CB  1 
ATOM   124  C CG  . ARG A 1 19  ? 8.55385   -11.09731 -4.35575  1.000 45.32951 ?  79  ARG A CG  1 
ATOM   125  C CD  . ARG A 1 19  ? 8.45658   -12.62674 -4.10571  1.000 43.46972 ?  79  ARG A CD  1 
ATOM   126  N NE  . ARG A 1 19  ? 9.65849   -13.34430 -4.54436  1.000 51.64249 ?  79  ARG A NE  1 
ATOM   127  C CZ  . ARG A 1 19  ? 9.73577   -14.66916 -4.71098  1.000 63.91534 ?  79  ARG A CZ  1 
ATOM   128  N NH1 . ARG A 1 19  ? 8.67655   -15.44670 -4.47849  1.000 64.70660 1  79  ARG A NH1 1 
ATOM   129  N NH2 . ARG A 1 19  ? 10.87481  -15.22528 -5.12195  1.000 49.60388 ?  79  ARG A NH2 1 
ATOM   130  N N   . VAL A 1 20  ? 7.03544   -8.52699  -2.45682  1.000 23.90021 ?  80  VAL A N   1 
ATOM   131  C CA  . VAL A 1 20  ? 5.65308   -8.07090  -2.59961  1.000 23.54072 ?  80  VAL A CA  1 
ATOM   132  C C   . VAL A 1 20  ? 5.61442   -6.57597  -2.86858  1.000 22.76458 ?  80  VAL A C   1 
ATOM   133  O O   . VAL A 1 20  ? 4.90463   -6.10264  -3.75842  1.000 22.57004 ?  80  VAL A O   1 
ATOM   134  C CB  . VAL A 1 20  ? 4.83826   -8.41595  -1.34431  1.000 27.59058 ?  80  VAL A CB  1 
ATOM   135  C CG1 . VAL A 1 20  ? 3.49221   -7.66857  -1.35947  1.000 24.33605 ?  80  VAL A CG1 1 
ATOM   136  C CG2 . VAL A 1 20  ? 4.65241   -9.89132  -1.23893  1.000 29.17320 ?  80  VAL A CG2 1 
ATOM   137  N N   . LEU A 1 21  ? 6.37164   -5.80509  -2.09105  1.000 28.03181 ?  81  LEU A N   1 
ATOM   138  C CA  . LEU A 1 21  ? 6.33388   -4.35882  -2.25438  1.000 26.83476 ?  81  LEU A CA  1 
ATOM   139  C C   . LEU A 1 21  ? 6.77477   -3.94606  -3.65417  1.000 23.10816 ?  81  LEU A C   1 
ATOM   140  O O   . LEU A 1 21  ? 6.17192   -3.05519  -4.27113  1.000 25.60000 ?  81  LEU A O   1 
ATOM   141  C CB  . LEU A 1 21  ? 7.19989   -3.71035  -1.18508  1.000 26.36871 ?  81  LEU A CB  1 
ATOM   142  C CG  . LEU A 1 21  ? 7.18684   -2.19666  -1.07510  1.000 36.88534 ?  81  LEU A CG  1 
ATOM   143  C CD1 . LEU A 1 21  ? 5.75804   -1.66972  -0.99984  1.000 25.57561 ?  81  LEU A CD1 1 
ATOM   144  C CD2 . LEU A 1 21  ? 7.94101   -1.83260  0.18294   1.000 27.66892 ?  81  LEU A CD2 1 
ATOM   145  N N   . ARG A 1 22  ? 7.81285   -4.59177  -4.18965  1.000 29.38973 ?  82  ARG A N   1 
ATOM   146  C CA  . ARG A 1 22  ? 8.28425   -4.18772  -5.50524  1.000 27.92140 ?  82  ARG A CA  1 
ATOM   147  C C   . ARG A 1 22  ? 7.33090   -4.64684  -6.60190  1.000 22.65210 ?  82  ARG A C   1 
ATOM   148  O O   . ARG A 1 22  ? 7.20672   -3.97333  -7.63029  1.000 25.72166 ?  82  ARG A O   1 
ATOM   149  C CB  . ARG A 1 22  ? 9.70315   -4.69958  -5.73379  1.000 29.75030 ?  82  ARG A CB  1 
ATOM   150  C CG  . ARG A 1 22  ? 10.70328  -4.13260  -4.73009  1.000 32.10099 ?  82  ARG A CG  1 
ATOM   151  C CD  . ARG A 1 22  ? 12.10912  -4.59530  -5.02237  1.000 42.65379 ?  82  ARG A CD  1 
ATOM   152  N NE  . ARG A 1 22  ? 12.12453  -6.02724  -5.28211  1.000 46.87949 ?  82  ARG A NE  1 
ATOM   153  C CZ  . ARG A 1 22  ? 12.84303  -6.90594  -4.59225  1.000 43.65845 ?  82  ARG A CZ  1 
ATOM   154  N NH1 . ARG A 1 22  ? 13.64195  -6.48718  -3.60607  1.000 34.87874 1  82  ARG A NH1 1 
ATOM   155  N NH2 . ARG A 1 22  ? 12.76928  -8.20056  -4.90709  1.000 40.77848 ?  82  ARG A NH2 1 
ATOM   156  N N   . SER A 1 23  ? 6.63062   -5.76516  -6.40818  1.000 24.32326 ?  83  SER A N   1 
ATOM   157  C CA  A SER A 1 23  ? 5.58151   -6.12060  -7.35744  0.131 27.82154 ?  83  SER A CA  1 
ATOM   158  C CA  B SER A 1 23  ? 5.56744   -6.12717  -7.34537  0.869 27.88059 ?  83  SER A CA  1 
ATOM   159  C C   . SER A 1 23  ? 4.52200   -5.02564  -7.42857  1.000 26.05763 ?  83  SER A C   1 
ATOM   160  O O   . SER A 1 23  ? 4.07619   -4.65166  -8.52083  1.000 25.58099 ?  83  SER A O   1 
ATOM   161  C CB  A SER A 1 23  ? 4.95002   -7.46107  -6.97989  0.131 28.67637 ?  83  SER A CB  1 
ATOM   162  C CB  B SER A 1 23  ? 4.90478   -7.44516  -6.93051  0.869 28.71465 ?  83  SER A CB  1 
ATOM   163  O OG  A SER A 1 23  ? 4.12174   -7.33296  -5.84079  0.131 27.32540 ?  83  SER A OG  1 
ATOM   164  O OG  B SER A 1 23  ? 5.46432   -8.55206  -7.60854  0.869 38.06161 ?  83  SER A OG  1 
ATOM   165  N N   . LEU A 1 24  ? 4.11321   -4.49591  -6.27706  1.000 26.26599 ?  84  LEU A N   1 
ATOM   166  C CA  . LEU A 1 24  ? 3.10339   -3.44864  -6.26936  1.000 25.06959 ?  84  LEU A CA  1 
ATOM   167  C C   . LEU A 1 24  ? 3.62463   -2.16283  -6.89658  1.000 26.32299 ?  84  LEU A C   1 
ATOM   168  O O   . LEU A 1 24  ? 2.91627   -1.50970  -7.67121  1.000 30.46325 ?  84  LEU A O   1 
ATOM   169  C CB  . LEU A 1 24  ? 2.62560   -3.21653  -4.83683  1.000 27.26027 ?  84  LEU A CB  1 
ATOM   170  C CG  . LEU A 1 24  ? 1.60404   -4.25737  -4.36587  1.000 28.98997 ?  84  LEU A CG  1 
ATOM   171  C CD1 . LEU A 1 24  ? 1.38896   -4.11374  -2.88820  1.000 32.70952 ?  84  LEU A CD1 1 
ATOM   172  C CD2 . LEU A 1 24  ? 0.31086   -4.04815  -5.09531  1.000 31.08357 ?  84  LEU A CD2 1 
ATOM   173  N N   . GLN A 1 25  ? 4.86163   -1.78742  -6.58951  1.000 25.03979 ?  85  GLN A N   1 
ATOM   174  C CA  . GLN A 1 25  ? 5.40967   -0.57543  -7.16965  1.000 24.77675 ?  85  GLN A CA  1 
ATOM   175  C C   . GLN A 1 25  ? 5.51386   -0.65884  -8.68812  1.000 33.07767 ?  85  GLN A C   1 
ATOM   176  O O   . GLN A 1 25  ? 5.39884   0.36661   -9.37146  1.000 26.87205 ?  85  GLN A O   1 
ATOM   177  C CB  . GLN A 1 25  ? 6.76535   -0.31074  -6.54747  1.000 24.21304 ?  85  GLN A CB  1 
ATOM   178  C CG  . GLN A 1 25  ? 6.67026   0.07102   -5.10289  1.000 23.60150 ?  85  GLN A CG  1 
ATOM   179  C CD  . GLN A 1 25  ? 8.01881   0.11168   -4.45212  1.000 27.54404 ?  85  GLN A CD  1 
ATOM   180  O OE1 . GLN A 1 25  ? 8.78664   -0.85452  -4.51221  1.000 28.99574 ?  85  GLN A OE1 1 
ATOM   181  N NE2 . GLN A 1 25  ? 8.33388   1.23899   -3.83826  1.000 29.61643 ?  85  GLN A NE2 1 
ATOM   182  N N   . ALA A 1 26  ? 5.72681   -1.86067  -9.23565  1.000 26.34639 ?  86  ALA A N   1 
ATOM   183  C CA  . ALA A 1 26  ? 5.86281   -2.03932  -10.67632 1.000 28.04278 ?  86  ALA A CA  1 
ATOM   184  C C   . ALA A 1 26  ? 4.52259   -2.09738  -11.40136 1.000 29.95811 ?  86  ALA A C   1 
ATOM   185  O O   . ALA A 1 26  ? 4.50759   -1.95799  -12.62530 1.000 29.05800 ?  86  ALA A O   1 
ATOM   186  C CB  . ALA A 1 26  ? 6.66356   -3.31449  -10.97978 1.000 28.54011 ?  86  ALA A CB  1 
ATOM   187  N N   . HIS A 1 27  ? 3.40885   -2.25553  -10.67895 1.000 26.91888 ?  87  HIS A N   1 
ATOM   188  C CA  . HIS A 1 27  ? 2.09582   -2.40223  -11.29637 1.000 26.06934 ?  87  HIS A CA  1 
ATOM   189  C C   . HIS A 1 27  ? 1.68652   -1.14542  -12.05406 1.000 26.17023 ?  87  HIS A C   1 
ATOM   190  O O   . HIS A 1 27  ? 1.93991   -0.02854  -11.61195 1.000 28.66072 ?  87  HIS A O   1 
ATOM   191  C CB  . HIS A 1 27  ? 1.05382   -2.72559  -10.22475 1.000 24.38786 ?  87  HIS A CB  1 
ATOM   192  C CG  . HIS A 1 27  ? -0.22575  -3.28265  -10.77298 1.000 27.46455 ?  87  HIS A CG  1 
ATOM   193  N ND1 . HIS A 1 27  ? -1.11759  -2.52557  -11.50329 1.000 29.12358 ?  87  HIS A ND1 1 
ATOM   194  C CD2 . HIS A 1 27  ? -0.75726  -4.52871  -10.70332 1.000 25.43921 ?  87  HIS A CD2 1 
ATOM   195  C CE1 . HIS A 1 27  ? -2.14596  -3.27935  -11.85391 1.000 26.52909 ?  87  HIS A CE1 1 
ATOM   196  N NE2 . HIS A 1 27  ? -1.95316  -4.49763  -11.37841 1.000 27.65750 ?  87  HIS A NE2 1 
ATOM   197  N N   . LYS A 1 28  ? 1.02292   -1.32755  -13.19890 1.000 26.51616 ?  88  LYS A N   1 
ATOM   198  C CA  A LYS A 1 28  ? 0.69520   -0.17661  -14.03457 0.588 26.83161 ?  88  LYS A CA  1 
ATOM   199  C CA  B LYS A 1 28  ? 0.69346   -0.17821  -14.03587 0.412 26.84462 ?  88  LYS A CA  1 
ATOM   200  C C   . LYS A 1 28  ? -0.27162  0.77030   -13.34038 1.000 27.03540 ?  88  LYS A C   1 
ATOM   201  O O   . LYS A 1 28  ? -0.26507  1.97196   -13.61570 1.000 35.44593 ?  88  LYS A O   1 
ATOM   202  C CB  A LYS A 1 28  ? 0.10676   -0.63757  -15.36503 0.588 27.46344 ?  88  LYS A CB  1 
ATOM   203  C CB  B LYS A 1 28  ? 0.10320   -0.64363  -15.36460 0.412 27.67482 ?  88  LYS A CB  1 
ATOM   204  N N   . MET A 1 29  ? -1.11153  0.25760   -12.45773 1.000 28.45303 ?  89  MET A N   1 
ATOM   205  C CA  . MET A 1 29  ? -2.10654  1.08006   -11.78373 1.000 30.00153 ?  89  MET A CA  1 
ATOM   206  C C   . MET A 1 29  ? -1.60415  1.67954   -10.47829 1.000 29.54332 ?  89  MET A C   1 
ATOM   207  O O   . MET A 1 29  ? -2.38231  2.33547   -9.77178  1.000 29.00518 ?  89  MET A O   1 
ATOM   208  C CB  . MET A 1 29  ? -3.36697  0.24657   -11.50981 1.000 32.43103 ?  89  MET A CB  1 
ATOM   209  C CG  . MET A 1 29  ? -3.87453  -0.47725  -12.73491 1.000 42.52926 ?  89  MET A CG  1 
ATOM   210  S SD  . MET A 1 29  ? -4.85223  0.63115   -13.74666 1.000 55.66251 ?  89  MET A SD  1 
ATOM   211  C CE  . MET A 1 29  ? -6.27550  0.81971   -12.66700 1.000 36.37240 ?  89  MET A CE  1 
ATOM   212  N N   . ALA A 1 30  ? -0.33972  1.47395   -10.13135 1.000 28.00190 ?  90  ALA A N   1 
ATOM   213  C CA  . ALA A 1 30  ? 0.16231   1.91406   -8.83612  1.000 27.77045 ?  90  ALA A CA  1 
ATOM   214  C C   . ALA A 1 30  ? 0.69655   3.33962   -8.84073  1.000 28.27282 ?  90  ALA A C   1 
ATOM   215  O O   . ALA A 1 30  ? 1.08808   3.83464   -7.78144  1.000 27.19817 ?  90  ALA A O   1 
ATOM   216  C CB  . ALA A 1 30  ? 1.25504   0.97047   -8.33318  1.000 25.82950 ?  90  ALA A CB  1 
ATOM   217  N N   . TRP A 1 31  ? 0.70949   4.02256   -9.98170  1.000 27.35998 ?  91  TRP A N   1 
ATOM   218  C CA  . TRP A 1 31  ? 1.36992   5.31897   -10.02214 1.000 32.61444 ?  91  TRP A CA  1 
ATOM   219  C C   . TRP A 1 31  ? 0.79919   6.33571   -9.03331  1.000 35.18855 ?  91  TRP A C   1 
ATOM   220  O O   . TRP A 1 31  ? 1.58978   7.14275   -8.50845  1.000 30.01114 ?  91  TRP A O   1 
ATOM   221  C CB  . TRP A 1 31  ? 1.37055   5.87138   -11.46217 1.000 35.18789 ?  91  TRP A CB  1 
ATOM   222  C CG  . TRP A 1 31  ? 0.03209   6.05936   -12.12930 1.000 32.11763 ?  91  TRP A CG  1 
ATOM   223  C CD1 . TRP A 1 31  ? -0.63598  5.14878   -12.90061 1.000 34.77083 ?  91  TRP A CD1 1 
ATOM   224  C CD2 . TRP A 1 31  ? -0.78038  7.24710   -12.12007 1.000 38.89841 ?  91  TRP A CD2 1 
ATOM   225  N NE1 . TRP A 1 31  ? -1.82533  5.68490   -13.35238 1.000 34.42234 ?  91  TRP A NE1 1 
ATOM   226  C CE2 . TRP A 1 31  ? -1.93702  6.97063   -12.88590 1.000 36.89705 ?  91  TRP A CE2 1 
ATOM   227  C CE3 . TRP A 1 31  ? -0.65121  8.51325   -11.52347 1.000 38.88517 ?  91  TRP A CE3 1 
ATOM   228  C CZ2 . TRP A 1 31  ? -2.95513  7.91570   -13.07378 1.000 41.03064 ?  91  TRP A CZ2 1 
ATOM   229  C CZ3 . TRP A 1 31  ? -1.67200  9.45324   -11.71077 1.000 33.70692 ?  91  TRP A CZ3 1 
ATOM   230  C CH2 . TRP A 1 31  ? -2.80377  9.14699   -12.47831 1.000 37.66350 ?  91  TRP A CH2 1 
ATOM   231  N N   . PRO A 1 32  ? -0.49624  6.36461   -8.71365  1.000 29.78183 ?  92  PRO A N   1 
ATOM   232  C CA  . PRO A 1 32  ? -0.97162  7.37366   -7.75658  1.000 24.59960 ?  92  PRO A CA  1 
ATOM   233  C C   . PRO A 1 32  ? -0.49515  7.12261   -6.34139  1.000 27.26113 ?  92  PRO A C   1 
ATOM   234  O O   . PRO A 1 32  ? -0.58066  8.03450   -5.50305  1.000 30.79896 ?  92  PRO A O   1 
ATOM   235  C CB  . PRO A 1 32  ? -2.50307  7.26518   -7.84701  1.000 33.23478 ?  92  PRO A CB  1 
ATOM   236  C CG  . PRO A 1 32  ? -2.77392  6.49000   -9.12722  1.000 35.78926 ?  92  PRO A CG  1 
ATOM   237  C CD  . PRO A 1 32  ? -1.60227  5.57734   -9.28305  1.000 27.99505 ?  92  PRO A CD  1 
ATOM   238  N N   . PHE A 1 33  ? -0.00844  5.91902   -6.04895  1.000 25.93667 ?  93  PHE A N   1 
ATOM   239  C CA  . PHE A 1 33  ? 0.34945   5.51085   -4.70059  1.000 25.98208 ?  93  PHE A CA  1 
ATOM   240  C C   . PHE A 1 33  ? 1.85576   5.41268   -4.48262  1.000 25.73124 ?  93  PHE A C   1 
ATOM   241  O O   . PHE A 1 33  ? 2.27820   5.02459   -3.38939  1.000 26.38805 ?  93  PHE A O   1 
ATOM   242  C CB  . PHE A 1 33  ? -0.30845  4.15799   -4.37021  1.000 29.52936 ?  93  PHE A CB  1 
ATOM   243  C CG  . PHE A 1 33  ? -1.76335  4.06363   -4.78060  1.000 30.69996 ?  93  PHE A CG  1 
ATOM   244  C CD1 . PHE A 1 33  ? -2.71789  4.89034   -4.20479  1.000 29.89523 ?  93  PHE A CD1 1 
ATOM   245  C CD2 . PHE A 1 33  ? -2.18143  3.12889   -5.73430  1.000 33.07373 ?  93  PHE A CD2 1 
ATOM   246  C CE1 . PHE A 1 33  ? -4.05629  4.78843   -4.58184  1.000 35.00794 ?  93  PHE A CE1 1 
ATOM   247  C CE2 . PHE A 1 33  ? -3.52741  3.02406   -6.11309  1.000 28.67204 ?  93  PHE A CE2 1 
ATOM   248  C CZ  . PHE A 1 33  ? -4.45692  3.86500   -5.53841  1.000 27.90160 ?  93  PHE A CZ  1 
ATOM   249  N N   . LEU A 1 34  ? 2.67454   5.73072   -5.49236  1.000 25.41918 ?  94  LEU A N   1 
ATOM   250  C CA  . LEU A 1 34  ? 4.11837   5.51499   -5.38202  1.000 22.82805 ?  94  LEU A CA  1 
ATOM   251  C C   . LEU A 1 34  ? 4.75499   6.46325   -4.36882  1.000 25.32129 ?  94  LEU A C   1 
ATOM   252  O O   . LEU A 1 34  ? 5.64080   6.05644   -3.61283  1.000 27.45047 ?  94  LEU A O   1 
ATOM   253  C CB  . LEU A 1 34  ? 4.78483   5.66543   -6.75055  1.000 24.82421 ?  94  LEU A CB  1 
ATOM   254  C CG  . LEU A 1 34  ? 4.47787   4.60913   -7.81802  1.000 31.18895 ?  94  LEU A CG  1 
ATOM   255  C CD1 . LEU A 1 34  ? 5.11284   5.00208   -9.13833  1.000 22.82408 ?  94  LEU A CD1 1 
ATOM   256  C CD2 . LEU A 1 34  ? 4.94065   3.22413   -7.39201  1.000 27.08772 ?  94  LEU A CD2 1 
ATOM   257  N N   . GLU A 1 35  ? 4.31133   7.71099   -4.31315  1.000 26.25051 ?  95  GLU A N   1 
ATOM   258  C CA  . GLU A 1 35  ? 4.89096   8.69946   -3.41336  1.000 30.65494 ?  95  GLU A CA  1 
ATOM   259  C C   . GLU A 1 35  ? 3.80860   9.39585   -2.60410  1.000 32.06592 ?  95  GLU A C   1 
ATOM   260  O O   . GLU A 1 35  ? 2.62220   9.33152   -2.95417  1.000 25.84892 ?  95  GLU A O   1 
ATOM   261  C CB  . GLU A 1 35  ? 5.69664   9.75073   -4.18922  1.000 30.81430 ?  95  GLU A CB  1 
ATOM   262  C CG  . GLU A 1 35  ? 6.95018   9.20138   -4.88906  1.000 40.10801 ?  95  GLU A CG  1 
ATOM   263  C CD  . GLU A 1 35  ? 8.21814   9.34771   -4.04699  1.000 50.22976 ?  95  GLU A CD  1 
ATOM   264  O OE1 . GLU A 1 35  ? 8.23609   10.19865  -3.12866  1.000 63.14945 ?  95  GLU A OE1 1 
ATOM   265  O OE2 . GLU A 1 35  ? 9.20829   8.62277   -4.30811  1.000 55.76959 -1 95  GLU A OE2 1 
ATOM   266  N N   . PRO A 1 36  ? 4.18592   10.07926  -1.51266  1.000 33.12561 ?  96  PRO A N   1 
ATOM   267  C CA  . PRO A 1 36  ? 3.21665   10.88874  -0.76988  1.000 24.99720 ?  96  PRO A CA  1 
ATOM   268  C C   . PRO A 1 36  ? 2.45500   11.80316  -1.71044  1.000 27.27755 ?  96  PRO A C   1 
ATOM   269  O O   . PRO A 1 36  ? 3.02179   12.37280  -2.64203  1.000 28.63048 ?  96  PRO A O   1 
ATOM   270  C CB  . PRO A 1 36  ? 4.09158   11.68829  0.19831   1.000 29.88723 ?  96  PRO A CB  1 
ATOM   271  C CG  . PRO A 1 36  ? 5.27289   10.85927  0.40425   1.000 38.27086 ?  96  PRO A CG  1 
ATOM   272  C CD  . PRO A 1 36  ? 5.53232   10.16869  -0.91515  1.000 34.59905 ?  96  PRO A CD  1 
ATOM   273  N N   . VAL A 1 37  ? 1.15687   11.94914  -1.45713  1.000 25.51413 ?  97  VAL A N   1 
ATOM   274  C CA  . VAL A 1 37  ? 0.34424   12.78062  -2.32865  1.000 31.25067 ?  97  VAL A CA  1 
ATOM   275  C C   . VAL A 1 37  ? 0.87053   14.20530  -2.29934  1.000 34.76322 ?  97  VAL A C   1 
ATOM   276  O O   . VAL A 1 37  ? 1.14043   14.77017  -1.23173  1.000 32.57473 ?  97  VAL A O   1 
ATOM   277  C CB  . VAL A 1 37  ? -1.12846  12.72263  -1.90902  1.000 35.15962 ?  97  VAL A CB  1 
ATOM   278  C CG1 . VAL A 1 37  ? -1.94009  13.65707  -2.78805  1.000 40.68691 ?  97  VAL A CG1 1 
ATOM   279  C CG2 . VAL A 1 37  ? -1.65404  11.28258  -2.00287  1.000 29.94476 ?  97  VAL A CG2 1 
ATOM   280  N N   . ASP A 1 38  ? 1.03842   14.78056  -3.46261  1.000 37.99776 ?  98  ASP A N   1 
ATOM   281  C CA  . ASP A 1 38  ? 1.40654   16.18462  -3.53893  1.000 37.82349 ?  98  ASP A CA  1 
ATOM   282  C C   . ASP A 1 38  ? 0.14564   17.03054  -3.44499  1.000 41.76515 ?  98  ASP A C   1 
ATOM   283  O O   . ASP A 1 38  ? -0.78779  16.82243  -4.22911  1.000 44.46960 ?  98  ASP A O   1 
ATOM   284  C CB  . ASP A 1 38  ? 2.13221   16.47105  -4.84460  1.000 38.60530 ?  98  ASP A CB  1 
ATOM   285  C CG  . ASP A 1 38  ? 2.60971   17.90198  -4.95264  1.000 49.08471 ?  98  ASP A CG  1 
ATOM   286  O OD1 . ASP A 1 38  ? 1.97106   18.81867  -4.38360  1.000 37.15457 ?  98  ASP A OD1 1 
ATOM   287  O OD2 . ASP A 1 38  ? 3.63854   18.10160  -5.62430  1.000 55.01351 -1 98  ASP A OD2 1 
ATOM   288  N N   . PRO A 1 39  ? 0.07241   17.97764  -2.50612  1.000 40.21039 ?  99  PRO A N   1 
ATOM   289  C CA  . PRO A 1 39  ? -1.16081  18.76467  -2.35765  1.000 36.06396 ?  99  PRO A CA  1 
ATOM   290  C C   . PRO A 1 39  ? -1.60532  19.42162  -3.64506  1.000 40.40927 ?  99  PRO A C   1 
ATOM   291  O O   . PRO A 1 39  ? -2.80355  19.66786  -3.83146  1.000 38.79615 ?  99  PRO A O   1 
ATOM   292  C CB  . PRO A 1 39  ? -0.77848  19.78861  -1.29176  1.000 38.98543 ?  99  PRO A CB  1 
ATOM   293  C CG  . PRO A 1 39  ? 0.25315   19.07374  -0.48525  1.000 36.56594 ?  99  PRO A CG  1 
ATOM   294  C CD  . PRO A 1 39  ? 1.07111   18.33093  -1.48969  1.000 35.34997 ?  99  PRO A CD  1 
ATOM   295  N N   . ASN A 1 40  ? -0.66697  19.69928  -4.55164  1.000 40.91996 ?  100 ASN A N   1 
ATOM   296  C CA  . ASN A 1 40  ? -1.02513  20.19791  -5.87230  1.000 36.06879 ?  100 ASN A CA  1 
ATOM   297  C C   . ASN A 1 40  ? -1.84214  19.18760  -6.65683  1.000 47.81909 ?  100 ASN A C   1 
ATOM   298  O O   . ASN A 1 40  ? -2.67139  19.57061  -7.48922  1.000 46.13215 ?  100 ASN A O   1 
ATOM   299  C CB  . ASN A 1 40  ? 0.23544   20.54659  -6.64632  1.000 39.36506 ?  100 ASN A CB  1 
ATOM   300  C CG  . ASN A 1 40  ? 0.42850   22.01415  -6.74796  1.000 56.36587 ?  100 ASN A CG  1 
ATOM   301  O OD1 . ASN A 1 40  ? -0.53977  22.75411  -6.94278  1.000 60.68106 ?  100 ASN A OD1 1 
ATOM   302  N ND2 . ASN A 1 40  ? 1.66483   22.46700  -6.58740  1.000 53.84028 ?  100 ASN A ND2 1 
ATOM   303  N N   . ASP A 1 41  ? -1.61128  17.90083  -6.42748  1.000 40.22109 ?  101 ASP A N   1 
ATOM   304  C CA  . ASP A 1 41  ? -2.34244  16.87175  -7.14570  1.000 38.84311 ?  101 ASP A CA  1 
ATOM   305  C C   . ASP A 1 41  ? -3.68668  16.52613  -6.51820  1.000 43.70032 ?  101 ASP A C   1 
ATOM   306  O O   . ASP A 1 41  ? -4.45478  15.78026  -7.13154  1.000 48.84672 ?  101 ASP A O   1 
ATOM   307  C CB  . ASP A 1 41  ? -1.50022  15.60090  -7.25292  1.000 45.23542 ?  101 ASP A CB  1 
ATOM   308  C CG  . ASP A 1 41  ? -0.31395  15.77142  -8.16780  1.000 45.91815 ?  101 ASP A CG  1 
ATOM   309  O OD1 . ASP A 1 41  ? -0.39951  16.58678  -9.11694  1.000 49.03731 ?  101 ASP A OD1 1 
ATOM   310  O OD2 . ASP A 1 41  ? 0.69997   15.08726  -7.92929  1.000 45.40624 -1 101 ASP A OD2 1 
ATOM   311  N N   . ALA A 1 42  ? -4.00043  17.03980  -5.32726  1.000 44.73324 ?  102 ALA A N   1 
ATOM   312  C CA  . ALA A 1 42  ? -5.28307  16.70053  -4.71981  1.000 40.56786 ?  102 ALA A CA  1 
ATOM   313  C C   . ALA A 1 42  ? -5.71354  17.75487  -3.70129  1.000 40.31475 ?  102 ALA A C   1 
ATOM   314  O O   . ALA A 1 42  ? -5.15145  17.82448  -2.60339  1.000 46.38621 ?  102 ALA A O   1 
ATOM   315  C CB  . ALA A 1 42  ? -5.20538  15.31596  -4.07955  1.000 32.99638 ?  102 ALA A CB  1 
ATOM   316  N N   . PRO A 1 43  ? -6.71910  18.57408  -4.01928  1.000 40.98123 ?  103 PRO A N   1 
ATOM   317  C CA  . PRO A 1 43  ? -7.04705  19.72319  -3.16437  1.000 44.50378 ?  103 PRO A CA  1 
ATOM   318  C C   . PRO A 1 43  ? -7.61886  19.28573  -1.82750  1.000 45.57088 ?  103 PRO A C   1 
ATOM   319  O O   . PRO A 1 43  ? -8.52498  18.45280  -1.76524  1.000 41.96291 ?  103 PRO A O   1 
ATOM   320  C CB  . PRO A 1 43  ? -8.09282  20.49230  -3.98269  1.000 45.29032 ?  103 PRO A CB  1 
ATOM   321  C CG  . PRO A 1 43  ? -8.01792  19.93814  -5.34730  1.000 46.85178 ?  103 PRO A CG  1 
ATOM   322  C CD  . PRO A 1 43  ? -7.60051  18.51284  -5.19083  1.000 48.84479 ?  103 PRO A CD  1 
ATOM   323  N N   . ASP A 1 44  ? -7.10033  19.87974  -0.75679  1.000 46.61947 ?  104 ASP A N   1 
ATOM   324  C CA  . ASP A 1 44  ? -7.56073  19.60637  0.59587   1.000 46.23410 ?  104 ASP A CA  1 
ATOM   325  C C   . ASP A 1 44  ? -7.25351  18.19092  1.03823   1.000 44.33840 ?  104 ASP A C   1 
ATOM   326  O O   . ASP A 1 44  ? -7.80647  17.72937  2.03642   1.000 44.21810 ?  104 ASP A O   1 
ATOM   327  C CB  . ASP A 1 44  ? -9.06509  19.85637  0.73619   1.000 49.37002 ?  104 ASP A CB  1 
ATOM   328  C CG  . ASP A 1 44  ? -9.39402  21.31130  0.95574   1.000 59.90180 ?  104 ASP A CG  1 
ATOM   329  O OD1 . ASP A 1 44  ? -8.57836  22.01488  1.59707   1.000 65.14402 ?  104 ASP A OD1 1 
ATOM   330  O OD2 . ASP A 1 44  ? -10.47435 21.74321  0.49214   1.000 69.90323 -1 104 ASP A OD2 1 
ATOM   331  N N   . TYR A 1 45  ? -6.38470  17.48238  0.31609   1.000 35.62844 ?  105 TYR A N   1 
ATOM   332  C CA  . TYR A 1 45  ? -6.15760  16.08190  0.64226   1.000 36.11451 ?  105 TYR A CA  1 
ATOM   333  C C   . TYR A 1 45  ? -5.78094  15.91342  2.10649   1.000 31.82464 ?  105 TYR A C   1 
ATOM   334  O O   . TYR A 1 45  ? -6.32287  15.04404  2.79747   1.000 34.98377 ?  105 TYR A O   1 
ATOM   335  C CB  . TYR A 1 45  ? -5.07688  15.48638  -0.25464  1.000 34.97458 ?  105 TYR A CB  1 
ATOM   336  C CG  . TYR A 1 45  ? -4.86089  14.01296  -0.00787  1.000 31.57350 ?  105 TYR A CG  1 
ATOM   337  C CD1 . TYR A 1 45  ? -5.71280  13.05927  -0.56516  1.000 27.83895 ?  105 TYR A CD1 1 
ATOM   338  C CD2 . TYR A 1 45  ? -3.81424  13.57237  0.78932   1.000 28.00782 ?  105 TYR A CD2 1 
ATOM   339  C CE1 . TYR A 1 45  ? -5.52070  11.71363  -0.33253  1.000 29.17641 ?  105 TYR A CE1 1 
ATOM   340  C CE2 . TYR A 1 45  ? -3.62095  12.22489  1.02802   1.000 31.81604 ?  105 TYR A CE2 1 
ATOM   341  C CZ  . TYR A 1 45  ? -4.47347  11.30679  0.46547   1.000 28.82496 ?  105 TYR A CZ  1 
ATOM   342  O OH  . TYR A 1 45  ? -4.27089  9.96816   0.71080   1.000 29.90793 ?  105 TYR A OH  1 
ATOM   343  N N   . TYR A 1 46  ? -4.87211  16.74126  2.60688   1.000 37.18565 ?  106 TYR A N   1 
ATOM   344  C CA  . TYR A 1 46  ? -4.38557  16.56826  3.96971   1.000 34.31944 ?  106 TYR A CA  1 
ATOM   345  C C   . TYR A 1 46  ? -5.32485  17.15492  5.01810   1.000 36.51495 ?  106 TYR A C   1 
ATOM   346  O O   . TYR A 1 46  ? -5.06886  16.99819  6.21768   1.000 34.00185 ?  106 TYR A O   1 
ATOM   347  C CB  . TYR A 1 46  ? -2.96679  17.15124  4.07568   1.000 31.40830 ?  106 TYR A CB  1 
ATOM   348  C CG  . TYR A 1 46  ? -1.95965  16.29266  3.32633   1.000 34.44150 ?  106 TYR A CG  1 
ATOM   349  C CD1 . TYR A 1 46  ? -1.26170  15.28305  3.97529   1.000 32.14723 ?  106 TYR A CD1 1 
ATOM   350  C CD2 . TYR A 1 46  ? -1.74834  16.45925  1.96159   1.000 30.79307 ?  106 TYR A CD2 1 
ATOM   351  C CE1 . TYR A 1 46  ? -0.35647  14.48925  3.29442   1.000 33.57778 ?  106 TYR A CE1 1 
ATOM   352  C CE2 . TYR A 1 46  ? -0.84479  15.67349  1.27655   1.000 28.73396 ?  106 TYR A CE2 1 
ATOM   353  C CZ  . TYR A 1 46  ? -0.15342  14.69126  1.94913   1.000 29.02808 ?  106 TYR A CZ  1 
ATOM   354  O OH  . TYR A 1 46  ? 0.73976   13.90495  1.27562   1.000 33.03098 ?  106 TYR A OH  1 
ATOM   355  N N   . GLY A 1 47  ? -6.41899  17.78540  4.60426   1.000 34.94387 ?  107 GLY A N   1 
ATOM   356  C CA  . GLY A 1 47  ? -7.48150  18.10321  5.53684   1.000 37.65194 ?  107 GLY A CA  1 
ATOM   357  C C   . GLY A 1 47  ? -8.47161  16.96276  5.69707   1.000 36.12224 ?  107 GLY A C   1 
ATOM   358  O O   . GLY A 1 47  ? -9.07829  16.78660  6.76075   1.000 36.67188 ?  107 GLY A O   1 
ATOM   359  N N   . VAL A 1 48  ? -8.62943  16.17570  4.63107   1.000 36.15317 ?  108 VAL A N   1 
ATOM   360  C CA  . VAL A 1 48  ? -9.58539  15.07197  4.60705   1.000 31.24766 ?  108 VAL A CA  1 
ATOM   361  C C   . VAL A 1 48  ? -8.99068  13.82936  5.26339   1.000 34.70472 ?  108 VAL A C   1 
ATOM   362  O O   . VAL A 1 48  ? -9.64260  13.15400  6.07203   1.000 29.58915 ?  108 VAL A O   1 
ATOM   363  C CB  . VAL A 1 48  ? -9.99652  14.78667  3.14549   1.000 38.13641 ?  108 VAL A CB  1 
ATOM   364  C CG1 . VAL A 1 48  ? -10.91245 13.56633  3.04610   1.000 37.79666 ?  108 VAL A CG1 1 
ATOM   365  C CG2 . VAL A 1 48  ? -10.61189 16.02440  2.48353   1.000 34.90449 ?  108 VAL A CG2 1 
ATOM   366  N N   . ILE A 1 49  ? -7.74156  13.52102  4.91446   1.000 30.40367 ?  109 ILE A N   1 
ATOM   367  C CA  . ILE A 1 49  ? -7.06749  12.27247  5.25254   1.000 27.78890 ?  109 ILE A CA  1 
ATOM   368  C C   . ILE A 1 49  ? -6.13741  12.52033  6.43198   1.000 39.03623 ?  109 ILE A C   1 
ATOM   369  O O   . ILE A 1 49  ? -5.13263  13.23076  6.30358   1.000 34.55143 ?  109 ILE A O   1 
ATOM   370  C CB  . ILE A 1 49  ? -6.26641  11.74917  4.05262   1.000 25.94227 ?  109 ILE A CB  1 
ATOM   371  C CG1 . ILE A 1 49  ? -7.19055  11.58068  2.85367   1.000 29.71779 ?  109 ILE A CG1 1 
ATOM   372  C CG2 . ILE A 1 49  ? -5.52995  10.47191  4.42493   1.000 30.65294 ?  109 ILE A CG2 1 
ATOM   373  C CD1 . ILE A 1 49  ? -8.19387  10.45850  3.01871   1.000 32.36673 ?  109 ILE A CD1 1 
ATOM   374  N N   . LYS A 1 50  ? -6.42089  11.89658  7.56676   1.000 37.54304 ?  110 LYS A N   1 
ATOM   375  C CA  . LYS A 1 50  ? -5.62227  12.17829  8.74543   1.000 36.60254 ?  110 LYS A CA  1 
ATOM   376  C C   . LYS A 1 50  ? -4.50550  11.16772  8.97833   1.000 31.52006 ?  110 LYS A C   1 
ATOM   377  O O   . LYS A 1 50  ? -3.61186  11.42922  9.79186   1.000 28.11430 ?  110 LYS A O   1 
ATOM   378  C CB  . LYS A 1 50  ? -6.54746  12.27530  9.95488   1.000 47.01705 ?  110 LYS A CB  1 
ATOM   379  C CG  . LYS A 1 50  ? -7.75309  13.18168  9.66443   1.000 43.41158 ?  110 LYS A CG  1 
ATOM   380  C CD  . LYS A 1 50  ? -7.44128  14.68887  9.80908   1.000 50.58651 ?  110 LYS A CD  1 
ATOM   381  C CE  . LYS A 1 50  ? -6.52953  15.25466  8.70639   1.000 45.69664 ?  110 LYS A CE  1 
ATOM   382  N NZ  . LYS A 1 50  ? -6.10326  16.67720  8.98751   1.000 41.80812 1  110 LYS A NZ  1 
ATOM   383  N N   . GLU A 1 51  ? -4.48711  10.05446  8.24865   1.000 33.61792 ?  111 GLU A N   1 
ATOM   384  C CA  . GLU A 1 51  ? -3.37344  9.11075   8.30618   1.000 29.63279 ?  111 GLU A CA  1 
ATOM   385  C C   . GLU A 1 51  ? -2.92323  8.75971   6.89437   1.000 28.38235 ?  111 GLU A C   1 
ATOM   386  O O   . GLU A 1 51  ? -3.16814  7.64411   6.42489   1.000 27.59561 ?  111 GLU A O   1 
ATOM   387  C CB  . GLU A 1 51  ? -3.76128  7.85760   9.09120   1.000 28.71826 ?  111 GLU A CB  1 
ATOM   388  C CG  . GLU A 1 51  ? -3.31021  7.86974   10.55063  1.000 37.36216 ?  111 GLU A CG  1 
ATOM   389  C CD  . GLU A 1 51  ? -3.65852  6.58075   11.27119  1.000 47.64544 ?  111 GLU A CD  1 
ATOM   390  O OE1 . GLU A 1 51  ? -4.85254  6.20844   11.28214  1.000 62.08564 ?  111 GLU A OE1 1 
ATOM   391  O OE2 . GLU A 1 51  ? -2.74271  5.92701   11.81485  1.000 48.04866 -1 111 GLU A OE2 1 
ATOM   392  N N   . PRO A 1 52  ? -2.25034  9.68815   6.19368   1.000 26.09519 ?  112 PRO A N   1 
ATOM   393  C CA  . PRO A 1 52  ? -1.74699  9.38346   4.84474   1.000 26.88949 ?  112 PRO A CA  1 
ATOM   394  C C   . PRO A 1 52  ? -0.74931  8.24044   4.85318   1.000 27.71301 ?  112 PRO A C   1 
ATOM   395  O O   . PRO A 1 52  ? -0.03637  8.01081   5.83315   1.000 28.46204 ?  112 PRO A O   1 
ATOM   396  C CB  . PRO A 1 52  ? -1.08152  10.69085  4.39574   1.000 29.18164 ?  112 PRO A CB  1 
ATOM   397  C CG  . PRO A 1 52  ? -0.96979  11.53706  5.63035   1.000 32.52122 ?  112 PRO A CG  1 
ATOM   398  C CD  . PRO A 1 52  ? -2.03723  11.10099  6.56185   1.000 31.53826 ?  112 PRO A CD  1 
ATOM   399  N N   . MET A 1 53  ? -0.69975  7.52414   3.73226   1.000 24.86794 ?  113 MET A N   1 
ATOM   400  C CA  . MET A 1 53  ? 0.27404   6.46232   3.56476   1.000 23.81810 ?  113 MET A CA  1 
ATOM   401  C C   . MET A 1 53  ? 0.55705   6.27811   2.07897   1.000 24.39849 ?  113 MET A C   1 
ATOM   402  O O   . MET A 1 53  ? -0.24723  6.64351   1.21600   1.000 25.12187 ?  113 MET A O   1 
ATOM   403  C CB  . MET A 1 53  ? -0.20739  5.16931   4.21596   1.000 23.10117 ?  113 MET A CB  1 
ATOM   404  C CG  . MET A 1 53  ? 0.77673   4.00021   4.14096   1.000 23.79046 ?  113 MET A CG  1 
ATOM   405  S SD  . MET A 1 53  ? 2.40496   4.26873   4.88818   1.000 26.31719 ?  113 MET A SD  1 
ATOM   406  C CE  . MET A 1 53  ? 1.92903   5.09753   6.40565   1.000 27.18965 ?  113 MET A CE  1 
ATOM   407  N N   . ASP A 1 54  ? 1.72712   5.72449   1.78928   1.000 20.16022 ?  114 ASP A N   1 
ATOM   408  C CA  . ASP A 1 54  ? 2.15560   5.54522   0.41484   1.000 25.73632 ?  114 ASP A CA  1 
ATOM   409  C C   . ASP A 1 54  ? 3.18717   4.43048   0.36660   1.000 25.04313 ?  114 ASP A C   1 
ATOM   410  O O   . ASP A 1 54  ? 3.68105   3.96266   1.39604   1.000 25.63797 ?  114 ASP A O   1 
ATOM   411  C CB  . ASP A 1 54  ? 2.75454   6.82238   -0.17014  1.000 27.14234 ?  114 ASP A CB  1 
ATOM   412  C CG  . ASP A 1 54  ? 4.02878   7.24232   0.54815   1.000 34.02911 ?  114 ASP A CG  1 
ATOM   413  O OD1 . ASP A 1 54  ? 3.92942   7.86704   1.62899   1.000 35.24198 ?  114 ASP A OD1 1 
ATOM   414  O OD2 . ASP A 1 54  ? 5.12914   6.90582   0.04701   1.000 33.65867 -1 114 ASP A OD2 1 
ATOM   415  N N   . LEU A 1 55  ? 3.52215   4.02781   -0.86256  1.000 25.06403 ?  115 LEU A N   1 
ATOM   416  C CA  . LEU A 1 55  ? 4.45142   2.91378   -1.07273  1.000 25.80155 ?  115 LEU A CA  1 
ATOM   417  C C   . LEU A 1 55  ? 5.90760   3.31234   -0.81861  1.000 26.69715 ?  115 LEU A C   1 
ATOM   418  O O   . LEU A 1 55  ? 6.71119   2.47036   -0.39809  1.000 26.58880 ?  115 LEU A O   1 
ATOM   419  C CB  . LEU A 1 55  ? 4.27531   2.35136   -2.48828  1.000 25.97347 ?  115 LEU A CB  1 
ATOM   420  C CG  . LEU A 1 55  ? 2.91117   1.66492   -2.69903  1.000 29.67313 ?  115 LEU A CG  1 
ATOM   421  C CD1 . LEU A 1 55  ? 2.62018   1.43604   -4.17117  1.000 27.46928 ?  115 LEU A CD1 1 
ATOM   422  C CD2 . LEU A 1 55  ? 2.84002   0.33722   -1.93708  1.000 17.55000 ?  115 LEU A CD2 1 
ATOM   423  N N   . ALA A 1 56  ? 6.27578   4.57398   -1.04821  1.000 24.85904 ?  116 ALA A N   1 
ATOM   424  C CA  . ALA A 1 56  ? 7.62933   5.00458   -0.68045  1.000 25.46371 ?  116 ALA A CA  1 
ATOM   425  C C   . ALA A 1 56  ? 7.81901   4.99566   0.82665   1.000 24.68154 ?  116 ALA A C   1 
ATOM   426  O O   . ALA A 1 56  ? 8.89984   4.65803   1.32150   1.000 26.40754 ?  116 ALA A O   1 
ATOM   427  C CB  . ALA A 1 56  ? 7.92728   6.39641   -1.23414  1.000 25.77620 ?  116 ALA A CB  1 
ATOM   428  N N   . THR A 1 57  ? 6.77079   5.34038   1.57860   1.000 23.29866 ?  117 THR A N   1 
ATOM   429  C CA  . THR A 1 57  ? 6.88617   5.30893   3.02915   1.000 23.78951 ?  117 THR A CA  1 
ATOM   430  C C   . THR A 1 57  ? 6.97575   3.87555   3.53528   1.000 17.23070 ?  117 THR A C   1 
ATOM   431  O O   . THR A 1 57  ? 7.73942   3.58510   4.45964   1.000 21.40140 ?  117 THR A O   1 
ATOM   432  C CB  . THR A 1 57  ? 5.70705   6.05838   3.65701   1.000 31.46632 ?  117 THR A CB  1 
ATOM   433  O OG1 . THR A 1 57  ? 5.81226   7.45725   3.34063   1.000 30.67867 ?  117 THR A OG1 1 
ATOM   434  C CG2 . THR A 1 57  ? 5.68936   5.87482   5.17247   1.000 30.05672 ?  117 THR A CG2 1 
ATOM   435  N N   . MET A 1 58  ? 6.21423   2.96354   2.93950   1.000 19.79042 ?  118 MET A N   1 
ATOM   436  C CA  . MET A 1 58  ? 6.32227   1.56200   3.32452   1.000 19.26113 ?  118 MET A CA  1 
ATOM   437  C C   . MET A 1 58  ? 7.67585   0.96494   2.95408   1.000 22.31963 ?  118 MET A C   1 
ATOM   438  O O   . MET A 1 58  ? 8.18877   0.09230   3.67320   1.000 23.02446 ?  118 MET A O   1 
ATOM   439  C CB  . MET A 1 58  ? 5.19446   0.76669   2.67349   1.000 22.08892 ?  118 MET A CB  1 
ATOM   440  C CG  . MET A 1 58  ? 3.80079   1.21028   3.06604   1.000 21.94006 ?  118 MET A CG  1 
ATOM   441  S SD  . MET A 1 58  ? 2.52721   0.05286   2.44643   1.000 26.85112 ?  118 MET A SD  1 
ATOM   442  C CE  . MET A 1 58  ? 3.01001   -1.49998  3.20582   1.000 19.70507 ?  118 MET A CE  1 
ATOM   443  N N   . GLU A 1 59  ? 8.26531   1.41387   1.84504   1.000 24.12371 ?  119 GLU A N   1 
ATOM   444  C CA  . GLU A 1 59  ? 9.58065   0.91579   1.44733   1.000 22.92603 ?  119 GLU A CA  1 
ATOM   445  C C   . GLU A 1 59  ? 10.62471  1.32534   2.47341   1.000 29.03595 ?  119 GLU A C   1 
ATOM   446  O O   . GLU A 1 59  ? 11.39323  0.49003   2.96984   1.000 23.77492 ?  119 GLU A O   1 
ATOM   447  C CB  . GLU A 1 59  ? 9.92883   1.44570   0.05431   1.000 25.21564 ?  119 GLU A CB  1 
ATOM   448  C CG  . GLU A 1 59  ? 11.22325  0.93562   -0.53833  1.000 32.79566 ?  119 GLU A CG  1 
ATOM   449  C CD  . GLU A 1 59  ? 11.46853  1.50165   -1.93530  1.000 32.41641 ?  119 GLU A CD  1 
ATOM   450  O OE1 . GLU A 1 59  ? 11.43507  2.74056   -2.09727  1.000 48.16040 ?  119 GLU A OE1 1 
ATOM   451  O OE2 . GLU A 1 59  ? 11.66190  0.70955   -2.87173  1.000 50.70739 -1 119 GLU A OE2 1 
ATOM   452  N N   . GLU A 1 60  ? 10.63725  2.61090   2.83398   1.000 26.98559 ?  120 GLU A N   1 
ATOM   453  C CA  . GLU A 1 60  ? 11.48317  3.05515   3.93395   1.000 25.94890 ?  120 GLU A CA  1 
ATOM   454  C C   . GLU A 1 60  ? 11.23642  2.20007   5.16996   1.000 24.06438 ?  120 GLU A C   1 
ATOM   455  O O   . GLU A 1 60  ? 12.17590  1.74691   5.83591   1.000 24.19458 ?  120 GLU A O   1 
ATOM   456  C CB  . GLU A 1 60  ? 11.21361  4.52920   4.23577   1.000 28.89665 ?  120 GLU A CB  1 
ATOM   457  C CG  . GLU A 1 60  ? 11.99402  5.03465   5.44991   1.000 29.04921 ?  120 GLU A CG  1 
ATOM   458  C CD  . GLU A 1 60  ? 11.55066  6.41008   5.91445   1.000 40.26834 ?  120 GLU A CD  1 
ATOM   459  O OE1 . GLU A 1 60  ? 10.78298  7.07225   5.17868   1.000 34.90125 ?  120 GLU A OE1 1 
ATOM   460  O OE2 . GLU A 1 60  ? 11.97401  6.82610   7.02053   1.000 42.04556 -1 120 GLU A OE2 1 
ATOM   461  N N   . ARG A 1 61  ? 9.96863   1.95219   5.48987   1.000 19.14259 ?  121 ARG A N   1 
ATOM   462  C CA  . ARG A 1 61  ? 9.69377   1.17904   6.68909   1.000 21.79647 ?  121 ARG A CA  1 
ATOM   463  C C   . ARG A 1 61  ? 10.22352  -0.24477  6.55681   1.000 26.12947 ?  121 ARG A C   1 
ATOM   464  O O   . ARG A 1 61  ? 10.73434  -0.81539  7.53029   1.000 23.97557 ?  121 ARG A O   1 
ATOM   465  C CB  . ARG A 1 61  ? 8.19930   1.19885   6.98696   1.000 18.55221 ?  121 ARG A CB  1 
ATOM   466  C CG  . ARG A 1 61  ? 7.80210   2.46318   7.72146   1.000 23.66659 ?  121 ARG A CG  1 
ATOM   467  C CD  . ARG A 1 61  ? 6.30101   2.62680   7.85944   1.000 23.49754 ?  121 ARG A CD  1 
ATOM   468  N NE  . ARG A 1 61  ? 6.03641   3.88981   8.54805   1.000 24.52653 ?  121 ARG A NE  1 
ATOM   469  C CZ  . ARG A 1 61  ? 4.84837   4.26120   9.01691   1.000 34.28678 ?  121 ARG A CZ  1 
ATOM   470  N NH1 . ARG A 1 61  ? 4.73163   5.42744   9.65474   1.000 25.56511 1  121 ARG A NH1 1 
ATOM   471  N NH2 . ARG A 1 61  ? 3.78833   3.47958   8.84669   1.000 25.63072 ?  121 ARG A NH2 1 
ATOM   472  N N   . VAL A 1 62  ? 10.12742  -0.83274  5.35976   1.000 26.35960 ?  122 VAL A N   1 
ATOM   473  C CA  . VAL A 1 62  ? 10.66515  -2.17558  5.16134   1.000 22.80403 ?  122 VAL A CA  1 
ATOM   474  C C   . VAL A 1 62  ? 12.18085  -2.17548  5.31068   1.000 26.15746 ?  122 VAL A C   1 
ATOM   475  O O   . VAL A 1 62  ? 12.75583  -3.04762  5.97582   1.000 26.46514 ?  122 VAL A O   1 
ATOM   476  C CB  . VAL A 1 62  ? 10.23512  -2.73816  3.79916   1.000 26.15841 ?  122 VAL A CB  1 
ATOM   477  C CG1 . VAL A 1 62  ? 11.00643  -4.01096  3.51014   1.000 35.99076 ?  122 VAL A CG1 1 
ATOM   478  C CG2 . VAL A 1 62  ? 8.74418   -3.03750  3.82096   1.000 29.29760 ?  122 VAL A CG2 1 
ATOM   479  N N   . GLN A 1 63  ? 12.85540  -1.19489  4.70445   1.000 28.18355 ?  123 GLN A N   1 
ATOM   480  C CA  . GLN A 1 63  ? 14.31701  -1.16873  4.78202   1.000 34.45094 ?  123 GLN A CA  1 
ATOM   481  C C   . GLN A 1 63  ? 14.80001  -0.99903  6.21809   1.000 28.70156 ?  123 GLN A C   1 
ATOM   482  O O   . GLN A 1 63  ? 15.85742  -1.52563  6.58633   1.000 30.73142 ?  123 GLN A O   1 
ATOM   483  C CB  . GLN A 1 63  ? 14.87995  -0.05556  3.89205   1.000 29.54465 ?  123 GLN A CB  1 
ATOM   484  C CG  . GLN A 1 63  ? 14.66086  -0.29673  2.39936   1.000 25.67107 ?  123 GLN A CG  1 
ATOM   485  C CD  . GLN A 1 63  ? 15.10649  0.88062   1.53723   1.000 35.94103 ?  123 GLN A CD  1 
ATOM   486  O OE1 . GLN A 1 63  ? 14.56978  1.98690   1.64698   1.000 39.73751 ?  123 GLN A OE1 1 
ATOM   487  N NE2 . GLN A 1 63  ? 16.08661  0.64249   0.66915   1.000 28.47200 ?  123 GLN A NE2 1 
ATOM   488  N N   . ARG A 1 64  ? 14.03612  -0.29119  7.04479   1.000 28.67456 ?  124 ARG A N   1 
ATOM   489  C CA  . ARG A 1 64  ? 14.41611  -0.04469  8.42741   1.000 31.85868 ?  124 ARG A CA  1 
ATOM   490  C C   . ARG A 1 64  ? 13.94237  -1.13390  9.39062   1.000 32.47073 ?  124 ARG A C   1 
ATOM   491  O O   . ARG A 1 64  ? 14.12327  -0.99242  10.60464  1.000 28.97595 ?  124 ARG A O   1 
ATOM   492  C CB  . ARG A 1 64  ? 13.87673  1.31751   8.87205   1.000 37.49221 ?  124 ARG A CB  1 
ATOM   493  C CG  . ARG A 1 64  ? 14.85172  2.14905   9.68843   1.000 48.41498 ?  124 ARG A CG  1 
ATOM   494  C CD  . ARG A 1 64  ? 14.15051  3.33471   10.37018  1.000 59.95759 ?  124 ARG A CD  1 
ATOM   495  N NE  . ARG A 1 64  ? 12.70782  3.32835   10.12845  1.000 59.82006 ?  124 ARG A NE  1 
ATOM   496  C CZ  . ARG A 1 64  ? 11.78381  2.89219   10.98912  1.000 51.42279 ?  124 ARG A CZ  1 
ATOM   497  N NH1 . ARG A 1 64  ? 10.50800  2.93187   10.64415  1.000 45.57742 1  124 ARG A NH1 1 
ATOM   498  N NH2 . ARG A 1 64  ? 12.11691  2.42077   12.18910  1.000 41.88666 ?  124 ARG A NH2 1 
ATOM   499  N N   . ARG A 1 65  ? 13.35094  -2.21228  8.89134   1.000 27.95918 ?  125 ARG A N   1 
ATOM   500  C CA  . ARG A 1 65  ? 12.77528  -3.25441  9.75191   1.000 30.00695 ?  125 ARG A CA  1 
ATOM   501  C C   . ARG A 1 65  ? 11.75631  -2.67740  10.73815  1.000 28.14842 ?  125 ARG A C   1 
ATOM   502  O O   . ARG A 1 65  ? 11.67953  -3.10201  11.89300  1.000 32.64566 ?  125 ARG A O   1 
ATOM   503  C CB  . ARG A 1 65  ? 13.85892  -4.02486  10.51630  1.000 31.74969 ?  125 ARG A CB  1 
ATOM   504  C CG  . ARG A 1 65  ? 15.08622  -4.38169  9.72523   1.000 39.55990 ?  125 ARG A CG  1 
ATOM   505  C CD  . ARG A 1 65  ? 14.73899  -4.82957  8.33379   1.000 37.00313 ?  125 ARG A CD  1 
ATOM   506  N NE  . ARG A 1 65  ? 15.93461  -5.31839  7.64689   1.000 47.17243 ?  125 ARG A NE  1 
ATOM   507  C CZ  . ARG A 1 65  ? 16.08355  -5.35287  6.32797   1.000 44.29435 ?  125 ARG A CZ  1 
ATOM   508  N NH1 . ARG A 1 65  ? 15.11822  -4.92273  5.52829   1.000 44.77024 1  125 ARG A NH1 1 
ATOM   509  N NH2 . ARG A 1 65  ? 17.20568  -5.81459  5.80623   1.000 53.63524 ?  125 ARG A NH2 1 
ATOM   510  N N   . TYR A 1 66  ? 10.96220  -1.70240  10.27849  1.000 27.15954 ?  126 TYR A N   1 
ATOM   511  C CA  . TYR A 1 66  ? 9.88692   -1.14321  11.10177  1.000 23.43275 ?  126 TYR A CA  1 
ATOM   512  C C   . TYR A 1 66  ? 8.87561   -2.20624  11.51536  1.000 34.33281 ?  126 TYR A C   1 
ATOM   513  O O   . TYR A 1 66  ? 8.38139   -2.19812  12.64974  1.000 29.45831 ?  126 TYR A O   1 
ATOM   514  C CB  . TYR A 1 66  ? 9.19418   -0.01335  10.32838  1.000 29.54433 ?  126 TYR A CB  1 
ATOM   515  C CG  . TYR A 1 66  ? 7.91081   0.57660   10.91969  1.000 32.56432 ?  126 TYR A CG  1 
ATOM   516  C CD1 . TYR A 1 66  ? 7.95161   1.60673   11.85303  1.000 33.89893 ?  126 TYR A CD1 1 
ATOM   517  C CD2 . TYR A 1 66  ? 6.65674   0.14928   10.48487  1.000 29.90993 ?  126 TYR A CD2 1 
ATOM   518  C CE1 . TYR A 1 66  ? 6.77654   2.16077   12.36792  1.000 34.37219 ?  126 TYR A CE1 1 
ATOM   519  C CE2 . TYR A 1 66  ? 5.48243   0.69118   11.00194  1.000 34.08535 ?  126 TYR A CE2 1 
ATOM   520  C CZ  . TYR A 1 66  ? 5.55449   1.69841   11.93198  1.000 37.18826 ?  126 TYR A CZ  1 
ATOM   521  O OH  . TYR A 1 66  ? 4.39814   2.24897   12.42316  1.000 35.09443 ?  126 TYR A OH  1 
ATOM   522  N N   . TYR A 1 67  ? 8.53678   -3.11612  10.60270  1.000 28.96933 ?  127 TYR A N   1 
ATOM   523  C CA  . TYR A 1 67  ? 7.44606   -4.05334  10.82467  1.000 28.19645 ?  127 TYR A CA  1 
ATOM   524  C C   . TYR A 1 67  ? 7.89626   -5.24775  11.65651  1.000 23.19840 ?  127 TYR A C   1 
ATOM   525  O O   . TYR A 1 67  ? 8.91463   -5.88039  11.35717  1.000 30.05334 ?  127 TYR A O   1 
ATOM   526  C CB  . TYR A 1 67  ? 6.89068   -4.51124  9.48451   1.000 26.28373 ?  127 TYR A CB  1 
ATOM   527  C CG  . TYR A 1 67  ? 6.33848   -3.38605  8.64722   1.000 25.14690 ?  127 TYR A CG  1 
ATOM   528  C CD1 . TYR A 1 67  ? 5.14723   -2.76699  8.98341   1.000 22.58377 ?  127 TYR A CD1 1 
ATOM   529  C CD2 . TYR A 1 67  ? 7.00283   -2.95692  7.51094   1.000 22.64403 ?  127 TYR A CD2 1 
ATOM   530  C CE1 . TYR A 1 67  ? 4.63899   -1.73405  8.21128   1.000 25.30358 ?  127 TYR A CE1 1 
ATOM   531  C CE2 . TYR A 1 67  ? 6.50062   -1.94074  6.73340   1.000 21.07106 ?  127 TYR A CE2 1 
ATOM   532  C CZ  . TYR A 1 67  ? 5.32523   -1.32965  7.08699   1.000 22.63574 ?  127 TYR A CZ  1 
ATOM   533  O OH  . TYR A 1 67  ? 4.83141   -0.30556  6.29873   1.000 22.73602 ?  127 TYR A OH  1 
ATOM   534  N N   . GLU A 1 68  ? 7.11711   -5.55359  12.69982  1.000 31.29406 ?  128 GLU A N   1 
ATOM   535  C CA  . GLU A 1 68  ? 7.35192   -6.67552  13.60155  1.000 30.99273 ?  128 GLU A CA  1 
ATOM   536  C C   . GLU A 1 68  ? 6.42193   -7.86041  13.36333  1.000 31.57961 ?  128 GLU A C   1 
ATOM   537  O O   . GLU A 1 68  ? 6.79406   -8.99370  13.67885  1.000 33.14434 ?  128 GLU A O   1 
ATOM   538  C CB  . GLU A 1 68  ? 7.20084   -6.22686  15.05418  1.000 38.77791 ?  128 GLU A CB  1 
ATOM   539  C CG  . GLU A 1 68  ? 8.38352   -5.44250  15.58285  1.000 39.34550 ?  128 GLU A CG  1 
ATOM   540  C CD  . GLU A 1 68  ? 8.24005   -5.12644  17.04903  1.000 57.41358 ?  128 GLU A CD  1 
ATOM   541  O OE1 . GLU A 1 68  ? 7.08288   -5.03989  17.52973  1.000 64.41805 ?  128 GLU A OE1 1 
ATOM   542  O OE2 . GLU A 1 68  ? 9.28643   -4.97251  17.71564  1.000 68.79225 -1 128 GLU A OE2 1 
ATOM   543  N N   . LYS A 1 69  ? 5.22242   -7.63295  12.84094  1.000 30.71648 ?  129 LYS A N   1 
ATOM   544  C CA  . LYS A 1 69  ? 4.31743   -8.71799  12.49834  1.000 28.95972 ?  129 LYS A CA  1 
ATOM   545  C C   . LYS A 1 69  ? 3.64511   -8.37197  11.18103  1.000 30.30824 ?  129 LYS A C   1 
ATOM   546  O O   . LYS A 1 69  ? 3.47090   -7.19623  10.85634  1.000 31.50368 ?  129 LYS A O   1 
ATOM   547  C CB  . LYS A 1 69  ? 3.27931   -8.95998  13.61954  1.000 34.05431 ?  129 LYS A CB  1 
ATOM   548  C CG  . LYS A 1 69  ? 2.80410   -7.69546  14.33008  1.000 34.71177 ?  129 LYS A CG  1 
ATOM   549  C CD  . LYS A 1 69  ? 2.54434   -7.94725  15.82735  1.000 47.12323 ?  129 LYS A CD  1 
ATOM   550  C CE  . LYS A 1 69  ? 2.20098   -6.65765  16.59434  1.000 55.42779 ?  129 LYS A CE  1 
ATOM   551  N NZ  . LYS A 1 69  ? 2.50751   -6.70797  18.06916  1.000 57.19290 1  129 LYS A NZ  1 
ATOM   552  N N   . LEU A 1 70  ? 3.27153   -9.40278  10.41357  1.000 27.81539 ?  130 LEU A N   1 
ATOM   553  C CA  . LEU A 1 70  ? 2.71310   -9.14817  9.08638   1.000 25.10662 ?  130 LEU A CA  1 
ATOM   554  C C   . LEU A 1 70  ? 1.48201   -8.24948  9.14315   1.000 29.20459 ?  130 LEU A C   1 
ATOM   555  O O   . LEU A 1 70  ? 1.25649   -7.44481  8.22908   1.000 28.31293 ?  130 LEU A O   1 
ATOM   556  C CB  . LEU A 1 70  ? 2.37604   -10.46901 8.40052   1.000 31.38435 ?  130 LEU A CB  1 
ATOM   557  C CG  . LEU A 1 70  ? 1.64229   -10.33962 7.06690   1.000 30.42290 ?  130 LEU A CG  1 
ATOM   558  C CD1 . LEU A 1 70  ? 2.50462   -9.58242  6.06438   1.000 34.21426 ?  130 LEU A CD1 1 
ATOM   559  C CD2 . LEU A 1 70  ? 1.25436   -11.72160 6.51626   1.000 32.18218 ?  130 LEU A CD2 1 
ATOM   560  N N   . THR A 1 71  ? 0.68039   -8.36201  10.20716  1.000 31.83887 ?  131 THR A N   1 
ATOM   561  C CA  . THR A 1 71  ? -0.51439  -7.53894  10.33305  1.000 25.32357 ?  131 THR A CA  1 
ATOM   562  C C   . THR A 1 71  ? -0.21603  -6.05063  10.20310  1.000 26.75940 ?  131 THR A C   1 
ATOM   563  O O   . THR A 1 71  ? -1.06844  -5.28674  9.73521   1.000 26.84562 ?  131 THR A O   1 
ATOM   564  C CB  . THR A 1 71  ? -1.19852  -7.81142  11.67575  1.000 35.67834 ?  131 THR A CB  1 
ATOM   565  O OG1 . THR A 1 71  ? -0.28091  -7.53338  12.73818  1.000 39.71680 ?  131 THR A OG1 1 
ATOM   566  C CG2 . THR A 1 71  ? -1.60551  -9.24805  11.77714  1.000 43.38235 ?  131 THR A CG2 1 
ATOM   567  N N   . GLU A 1 72  ? 0.97340   -5.60585  10.61628  1.000 27.63143 ?  132 GLU A N   1 
ATOM   568  C CA  . GLU A 1 72  ? 1.25330   -4.17183  10.55820  1.000 28.83500 ?  132 GLU A CA  1 
ATOM   569  C C   . GLU A 1 72  ? 1.55561   -3.72023  9.13630   1.000 28.67818 ?  132 GLU A C   1 
ATOM   570  O O   . GLU A 1 72  ? 1.20370   -2.59789  8.74834   1.000 26.87277 ?  132 GLU A O   1 
ATOM   571  C CB  . GLU A 1 72  ? 2.41022   -3.82155  11.49152  1.000 31.22241 ?  132 GLU A CB  1 
ATOM   572  C CG  . GLU A 1 72  ? 2.17718   -4.29559  12.91234  1.000 33.36379 ?  132 GLU A CG  1 
ATOM   573  C CD  . GLU A 1 72  ? 3.39763   -4.13297  13.79218  1.000 38.44968 ?  132 GLU A CD  1 
ATOM   574  O OE1 . GLU A 1 72  ? 4.52416   -4.14906  13.25298  1.000 35.65840 ?  132 GLU A OE1 1 
ATOM   575  O OE2 . GLU A 1 72  ? 3.23678   -3.99026  15.02222  1.000 51.39737 -1 132 GLU A OE2 1 
ATOM   576  N N   . PHE A 1 73  ? 2.23301   -4.57400  8.36864   1.000 26.57212 ?  133 PHE A N   1 
ATOM   577  C CA  . PHE A 1 73  ? 2.44814   -4.33048  6.94644   1.000 27.12576 ?  133 PHE A CA  1 
ATOM   578  C C   . PHE A 1 73  ? 1.12210   -4.28451  6.19949   1.000 26.64313 ?  133 PHE A C   1 
ATOM   579  O O   . PHE A 1 73  ? 0.85386   -3.34846  5.43737   1.000 24.31091 ?  133 PHE A O   1 
ATOM   580  C CB  . PHE A 1 73  ? 3.36741   -5.43027  6.39968   1.000 25.67033 ?  133 PHE A CB  1 
ATOM   581  C CG  . PHE A 1 73  ? 3.70229   -5.31315  4.93067   1.000 26.99723 ?  133 PHE A CG  1 
ATOM   582  C CD1 . PHE A 1 73  ? 4.85890   -4.66436  4.51466   1.000 29.40150 ?  133 PHE A CD1 1 
ATOM   583  C CD2 . PHE A 1 73  ? 2.90346   -5.91131  3.97365   1.000 31.18863 ?  133 PHE A CD2 1 
ATOM   584  C CE1 . PHE A 1 73  ? 5.18578   -4.58669  3.16169   1.000 35.47817 ?  133 PHE A CE1 1 
ATOM   585  C CE2 . PHE A 1 73  ? 3.22989   -5.84206  2.61655   1.000 30.00813 ?  133 PHE A CE2 1 
ATOM   586  C CZ  . PHE A 1 73  ? 4.36811   -5.17465  2.21287   1.000 30.65991 ?  133 PHE A CZ  1 
ATOM   587  N N   . VAL A 1 74  ? 0.25839   -5.27552  6.43488   1.000 27.23279 ?  134 VAL A N   1 
ATOM   588  C CA  . VAL A 1 74  ? -1.07402  -5.26081  5.82986   1.000 23.83244 ?  134 VAL A CA  1 
ATOM   589  C C   . VAL A 1 74  ? -1.83296  -3.98428  6.18969   1.000 22.99038 ?  134 VAL A C   1 
ATOM   590  O O   . VAL A 1 74  ? -2.54419  -3.41205  5.35364   1.000 24.72127 ?  134 VAL A O   1 
ATOM   591  C CB  . VAL A 1 74  ? -1.86140  -6.51533  6.24454   1.000 25.18663 ?  134 VAL A CB  1 
ATOM   592  C CG1 . VAL A 1 74  ? -3.23004  -6.42664  5.67623   1.000 26.73582 ?  134 VAL A CG1 1 
ATOM   593  C CG2 . VAL A 1 74  ? -1.15666  -7.74718  5.75909   1.000 27.29766 ?  134 VAL A CG2 1 
ATOM   594  N N   . ALA A 1 75  ? -1.67212  -3.49831  7.42364   1.000 24.49232 ?  135 ALA A N   1 
ATOM   595  C CA  . ALA A 1 75  ? -2.39832  -2.30620  7.86329   1.000 26.68420 ?  135 ALA A CA  1 
ATOM   596  C C   . ALA A 1 75  ? -2.01349  -1.06120  7.06036   1.000 29.18936 ?  135 ALA A C   1 
ATOM   597  O O   . ALA A 1 75  ? -2.87778  -0.26022  6.67307   1.000 23.60765 ?  135 ALA A O   1 
ATOM   598  C CB  . ALA A 1 75  ? -2.14537  -2.06286  9.35147   1.000 25.76600 ?  135 ALA A CB  1 
ATOM   599  N N   . ASP A 1 76  ? -0.71356  -0.84793  6.83612   1.000 25.42566 ?  136 ASP A N   1 
ATOM   600  C CA  . ASP A 1 76  ? -0.31685  0.32833   6.06947   1.000 22.56641 ?  136 ASP A CA  1 
ATOM   601  C C   . ASP A 1 76  ? -0.79471  0.23513   4.63025   1.000 22.47473 ?  136 ASP A C   1 
ATOM   602  O O   . ASP A 1 76  ? -1.19975  1.24368   4.03643   1.000 22.10584 ?  136 ASP A O   1 
ATOM   603  C CB  . ASP A 1 76  ? 1.20106   0.50694   6.08868   1.000 26.01649 ?  136 ASP A CB  1 
ATOM   604  C CG  . ASP A 1 76  ? 1.71636   1.15033   7.35414   1.000 22.11879 ?  136 ASP A CG  1 
ATOM   605  O OD1 . ASP A 1 76  ? 0.94200   1.55117   8.25337   1.000 26.97905 ?  136 ASP A OD1 1 
ATOM   606  O OD2 . ASP A 1 76  ? 2.94273   1.25405   7.44624   1.000 26.61406 -1 136 ASP A OD2 1 
ATOM   607  N N   . MET A 1 77  ? -0.68804  -0.95541  4.02438   1.000 29.72937 ?  137 MET A N   1 
ATOM   608  C CA  . MET A 1 77  ? -1.21059  -1.14915  2.67991   1.000 22.97571 ?  137 MET A CA  1 
ATOM   609  C C   . MET A 1 77  ? -2.69473  -0.83035  2.62385   1.000 25.39828 ?  137 MET A C   1 
ATOM   610  O O   . MET A 1 77  ? -3.15741  -0.15947  1.69522   1.000 25.86612 ?  137 MET A O   1 
ATOM   611  C CB  . MET A 1 77  ? -0.96445  -2.59167  2.21758   1.000 24.39987 ?  137 MET A CB  1 
ATOM   612  C CG  . MET A 1 77  ? -1.10626  -2.78172  0.72197   1.000 22.70797 ?  137 MET A CG  1 
ATOM   613  S SD  . MET A 1 77  ? 0.15063   -1.88806  -0.21767  1.000 27.92493 ?  137 MET A SD  1 
ATOM   614  C CE  . MET A 1 77  ? 1.65822   -2.63814  0.40187   1.000 25.02799 ?  137 MET A CE  1 
ATOM   615  N N   . THR A 1 78  ? -3.46321  -1.29781  3.61197   1.000 26.30409 ?  138 THR A N   1 
ATOM   616  C CA  . THR A 1 78  ? -4.90167  -1.07824  3.55638   1.000 23.40294 ?  138 THR A CA  1 
ATOM   617  C C   . THR A 1 78  ? -5.26314  0.38988   3.77289   1.000 25.46119 ?  138 THR A C   1 
ATOM   618  O O   . THR A 1 78  ? -6.24246  0.87587   3.19424   1.000 27.39734 ?  138 THR A O   1 
ATOM   619  C CB  . THR A 1 78  ? -5.60535  -1.98172  4.56862   1.000 30.93541 ?  138 THR A CB  1 
ATOM   620  O OG1 . THR A 1 78  ? -5.17652  -1.63295  5.88382   1.000 44.98600 ?  138 THR A OG1 1 
ATOM   621  C CG2 . THR A 1 78  ? -5.23987  -3.42262  4.31994   1.000 22.62932 ?  138 THR A CG2 1 
ATOM   622  N N   . LYS A 1 79  ? -4.48629  1.12420   4.57684   1.000 29.87759 ?  139 LYS A N   1 
ATOM   623  C CA  . LYS A 1 79  ? -4.67260  2.57212   4.64549   1.000 23.71094 ?  139 LYS A CA  1 
ATOM   624  C C   . LYS A 1 79  ? -4.55181  3.21740   3.26889   1.000 20.53203 ?  139 LYS A C   1 
ATOM   625  O O   . LYS A 1 79  ? -5.31526  4.12398   2.92794   1.000 26.85295 ?  139 LYS A O   1 
ATOM   626  C CB  . LYS A 1 79  ? -3.65751  3.20999   5.60958   1.000 22.56435 ?  139 LYS A CB  1 
ATOM   627  N N   . ILE A 1 80  ? -3.57372  2.80085   2.47253   1.000 22.94107 ?  140 ILE A N   1 
ATOM   628  C CA  . ILE A 1 80  ? -3.43116  3.41824   1.15659   1.000 24.61728 ?  140 ILE A CA  1 
ATOM   629  C C   . ILE A 1 80  ? -4.71371  3.25533   0.36019   1.000 21.02835 ?  140 ILE A C   1 
ATOM   630  O O   . ILE A 1 80  ? -5.18930  4.19468   -0.29108  1.000 23.76777 ?  140 ILE A O   1 
ATOM   631  C CB  . ILE A 1 80  ? -2.24067  2.81427   0.39593   1.000 29.00207 ?  140 ILE A CB  1 
ATOM   632  C CG1 . ILE A 1 80  ? -0.91874  3.17062   1.06313   1.000 24.05250 ?  140 ILE A CG1 1 
ATOM   633  C CG2 . ILE A 1 80  ? -2.28172  3.25791   -1.06184  1.000 27.54987 ?  140 ILE A CG2 1 
ATOM   634  C CD1 . ILE A 1 80  ? 0.23738   2.42248   0.45903   1.000 22.06602 ?  140 ILE A CD1 1 
ATOM   635  N N   . PHE A 1 81  ? -5.29335  2.06034   0.39929   1.000 19.94917 ?  141 PHE A N   1 
ATOM   636  C CA  . PHE A 1 81  ? -6.51515  1.83556   -0.35280  1.000 21.98612 ?  141 PHE A CA  1 
ATOM   637  C C   . PHE A 1 81  ? -7.69794  2.51437   0.32732   1.000 25.30596 ?  141 PHE A C   1 
ATOM   638  O O   . PHE A 1 81  ? -8.50860  3.16485   -0.34178  1.000 25.70797 ?  141 PHE A O   1 
ATOM   639  C CB  . PHE A 1 81  ? -6.75040  0.33124   -0.52880  1.000 24.51908 ?  141 PHE A CB  1 
ATOM   640  C CG  . PHE A 1 81  ? -5.61833  -0.37323  -1.24286  1.000 28.22690 ?  141 PHE A CG  1 
ATOM   641  C CD1 . PHE A 1 81  ? -4.96312  0.24471   -2.28892  1.000 28.49853 ?  141 PHE A CD1 1 
ATOM   642  C CD2 . PHE A 1 81  ? -5.17801  -1.62120  -0.82973  1.000 25.91082 ?  141 PHE A CD2 1 
ATOM   643  C CE1 . PHE A 1 81  ? -3.88790  -0.37960  -2.94544  1.000 28.09268 ?  141 PHE A CE1 1 
ATOM   644  C CE2 . PHE A 1 81  ? -4.11867  -2.24656  -1.47363  1.000 25.52499 ?  141 PHE A CE2 1 
ATOM   645  C CZ  . PHE A 1 81  ? -3.46624  -1.60920  -2.52305  1.000 24.37379 ?  141 PHE A CZ  1 
ATOM   646  N N   . ASP A 1 82  ? -7.80860  2.39590   1.65365   1.000 23.45415 ?  142 ASP A N   1 
ATOM   647  C CA  . ASP A 1 82  ? -8.89328  3.09075   2.35272   1.000 27.91149 ?  142 ASP A CA  1 
ATOM   648  C C   . ASP A 1 82  ? -8.86656  4.59042   2.05919   1.000 27.45254 ?  142 ASP A C   1 
ATOM   649  O O   . ASP A 1 82  ? -9.90677  5.19669   1.77941   1.000 24.09301 ?  142 ASP A O   1 
ATOM   650  C CB  . ASP A 1 82  ? -8.82761  2.83842   3.87133   1.000 29.14537 ?  142 ASP A CB  1 
ATOM   651  C CG  . ASP A 1 82  ? -9.22387  1.40979   4.26280   1.000 31.78286 ?  142 ASP A CG  1 
ATOM   652  O OD1 . ASP A 1 82  ? -9.83391  0.71373   3.44076   1.000 30.80854 ?  142 ASP A OD1 1 
ATOM   653  O OD2 . ASP A 1 82  ? -8.93439  0.97840   5.40033   1.000 36.88531 -1 142 ASP A OD2 1 
ATOM   654  N N   . ASN A 1 83  ? -7.67934  5.21665   2.13083   1.000 25.12054 ?  143 ASN A N   1 
ATOM   655  C CA  . ASN A 1 83  ? -7.59027  6.66145   1.91408   1.000 24.57631 ?  143 ASN A CA  1 
ATOM   656  C C   . ASN A 1 83  ? -8.08546  7.05091   0.52639   1.000 29.23950 ?  143 ASN A C   1 
ATOM   657  O O   . ASN A 1 83  ? -8.82377  8.03005   0.37075   1.000 27.57236 ?  143 ASN A O   1 
ATOM   658  C CB  . ASN A 1 83  ? -6.14554  7.15128   2.10592   1.000 23.87908 ?  143 ASN A CB  1 
ATOM   659  C CG  . ASN A 1 83  ? -5.64762  6.97621   3.53382   1.000 26.29528 ?  143 ASN A CG  1 
ATOM   660  O OD1 . ASN A 1 83  ? -6.43145  6.73180   4.45203   1.000 24.48077 ?  143 ASN A OD1 1 
ATOM   661  N ND2 . ASN A 1 83  ? -4.34440  7.08261   3.72473   1.000 23.28355 ?  143 ASN A ND2 1 
ATOM   662  N N   . CYS A 1 84  ? -7.67056  6.30513   -0.49800  1.000 21.84364 ?  144 CYS A N   1 
ATOM   663  C CA  . CYS A 1 84  ? -8.04563  6.63858   -1.86423  1.000 26.06283 ?  144 CYS A CA  1 
ATOM   664  C C   . CYS A 1 84  ? -9.55730  6.54914   -2.06820  1.000 26.11395 ?  144 CYS A C   1 
ATOM   665  O O   . CYS A 1 84  ? -10.16011 7.40431   -2.73378  1.000 28.67612 ?  144 CYS A O   1 
ATOM   666  C CB  . CYS A 1 84  ? -7.29394  5.69727   -2.81344  1.000 27.85555 ?  144 CYS A CB  1 
ATOM   667  S SG  . CYS A 1 84  ? -7.84176  5.70932   -4.49211  1.000 29.32690 ?  144 CYS A SG  1 
ATOM   668  N N   . ARG A 1 85  ? -10.19125 5.53740   -1.48501  1.000 25.11211 ?  145 ARG A N   1 
ATOM   669  C CA  . ARG A 1 85  ? -11.61745 5.33397   -1.70786  1.000 27.19946 ?  145 ARG A CA  1 
ATOM   670  C C   . ARG A 1 85  ? -12.48559 6.29762   -0.90204  1.000 28.57592 ?  145 ARG A C   1 
ATOM   671  O O   . ARG A 1 85  ? -13.58582 6.63853   -1.34355  1.000 24.91526 ?  145 ARG A O   1 
ATOM   672  C CB  . ARG A 1 85  ? -11.97852 3.87848   -1.40627  1.000 24.87420 ?  145 ARG A CB  1 
ATOM   673  C CG  . ARG A 1 85  ? -11.55743 2.91325   -2.52645  1.000 27.34767 ?  145 ARG A CG  1 
ATOM   674  C CD  . ARG A 1 85  ? -12.08089 1.50509   -2.27361  1.000 34.66126 ?  145 ARG A CD  1 
ATOM   675  N NE  . ARG A 1 85  ? -11.52460 0.96081   -1.04229  1.000 37.03509 ?  145 ARG A NE  1 
ATOM   676  C CZ  . ARG A 1 85  ? -10.83736 -0.16917  -0.97505  1.000 40.25332 ?  145 ARG A CZ  1 
ATOM   677  N NH1 . ARG A 1 85  ? -10.36075 -0.58804  0.19377   1.000 39.39817 1  145 ARG A NH1 1 
ATOM   678  N NH2 . ARG A 1 85  ? -10.64688 -0.88762  -2.07482  1.000 41.25687 ?  145 ARG A NH2 1 
ATOM   679  N N   . TYR A 1 86  ? -12.00090 6.77230   0.24850   1.000 28.92383 ?  146 TYR A N   1 
ATOM   680  C CA  . TYR A 1 86  ? -12.70514 7.81399   1.00189   1.000 29.83652 ?  146 TYR A CA  1 
ATOM   681  C C   . TYR A 1 86  ? -12.54195 9.17590   0.33882   1.000 31.98553 ?  146 TYR A C   1 
ATOM   682  O O   . TYR A 1 86  ? -13.52395 9.91629   0.17331   1.000 28.24989 ?  146 TYR A O   1 
ATOM   683  C CB  . TYR A 1 86  ? -12.17582 7.83396   2.44113   1.000 26.96562 ?  146 TYR A CB  1 
ATOM   684  C CG  . TYR A 1 86  ? -12.72104 8.89667   3.37801   1.000 25.71955 ?  146 TYR A CG  1 
ATOM   685  C CD1 . TYR A 1 86  ? -14.05851 8.92918   3.72959   1.000 33.19445 ?  146 TYR A CD1 1 
ATOM   686  C CD2 . TYR A 1 86  ? -11.87051 9.82192   3.96143   1.000 28.12635 ?  146 TYR A CD2 1 
ATOM   687  C CE1 . TYR A 1 86  ? -14.53460 9.89539   4.61383   1.000 27.92348 ?  146 TYR A CE1 1 
ATOM   688  C CE2 . TYR A 1 86  ? -12.33664 10.77976  4.83292   1.000 31.94039 ?  146 TYR A CE2 1 
ATOM   689  C CZ  . TYR A 1 86  ? -13.66944 10.80500  5.15756   1.000 30.80158 ?  146 TYR A CZ  1 
ATOM   690  O OH  . TYR A 1 86  ? -14.14083 11.75453  6.04062   1.000 33.71600 ?  146 TYR A OH  1 
ATOM   691  N N   . TYR A 1 87  ? -11.30981 9.50374   -0.07953  1.000 24.21742 ?  147 TYR A N   1 
ATOM   692  C CA  . TYR A 1 87  ? -11.03443 10.80665  -0.67404  1.000 26.02159 ?  147 TYR A CA  1 
ATOM   693  C C   . TYR A 1 87  ? -11.71286 10.94778  -2.02457  1.000 27.04469 ?  147 TYR A C   1 
ATOM   694  O O   . TYR A 1 87  ? -12.24180 12.01800  -2.35288  1.000 24.46708 ?  147 TYR A O   1 
ATOM   695  C CB  . TYR A 1 87  ? -9.52027  11.02167  -0.80933  1.000 26.14247 ?  147 TYR A CB  1 
ATOM   696  C CG  . TYR A 1 87  ? -9.15848  12.34200  -1.45227  1.000 27.98132 ?  147 TYR A CG  1 
ATOM   697  C CD1 . TYR A 1 87  ? -9.24898  13.53293  -0.74787  1.000 35.32096 ?  147 TYR A CD1 1 
ATOM   698  C CD2 . TYR A 1 87  ? -8.74222  12.39833  -2.76610  1.000 27.22554 ?  147 TYR A CD2 1 
ATOM   699  C CE1 . TYR A 1 87  ? -8.93092  14.74359  -1.33875  1.000 33.63038 ?  147 TYR A CE1 1 
ATOM   700  C CE2 . TYR A 1 87  ? -8.43178  13.60369  -3.36441  1.000 35.03796 ?  147 TYR A CE2 1 
ATOM   701  C CZ  . TYR A 1 87  ? -8.52033  14.76658  -2.64444  1.000 35.59566 ?  147 TYR A CZ  1 
ATOM   702  O OH  . TYR A 1 87  ? -8.21231  15.95491  -3.24776  1.000 41.50463 ?  147 TYR A OH  1 
ATOM   703  N N   . ASN A 1 88  ? -11.69718 9.89274   -2.82099  1.000 30.41997 ?  148 ASN A N   1 
ATOM   704  C CA  . ASN A 1 88  ? -12.19503 9.94444   -4.17691  1.000 28.23613 ?  148 ASN A CA  1 
ATOM   705  C C   . ASN A 1 88  ? -13.55549 9.27487   -4.27456  1.000 28.07553 ?  148 ASN A C   1 
ATOM   706  O O   . ASN A 1 88  ? -13.85176 8.32928   -3.54168  1.000 32.84586 ?  148 ASN A O   1 
ATOM   707  C CB  . ASN A 1 88  ? -11.22021 9.25987   -5.14480  1.000 26.61824 ?  148 ASN A CB  1 
ATOM   708  C CG  . ASN A 1 88  ? -9.89871  10.01601  -5.27007  1.000 27.03209 ?  148 ASN A CG  1 
ATOM   709  O OD1 . ASN A 1 88  ? -9.85576  11.09576  -5.84359  1.000 29.07723 ?  148 ASN A OD1 1 
ATOM   710  N ND2 . ASN A 1 88  ? -8.82165  9.44542   -4.74455  1.000 23.36372 ?  148 ASN A ND2 1 
ATOM   711  N N   . PRO A 1 89  ? -14.40314 9.75612   -5.16641  1.000 27.96468 ?  149 PRO A N   1 
ATOM   712  C CA  . PRO A 1 89  ? -15.68413 9.09181   -5.40388  1.000 35.51164 ?  149 PRO A CA  1 
ATOM   713  C C   . PRO A 1 89  ? -15.50425 7.81769   -6.22322  1.000 36.23788 ?  149 PRO A C   1 
ATOM   714  O O   . PRO A 1 89  ? -14.55291 7.66568   -6.98691  1.000 34.79889 ?  149 PRO A O   1 
ATOM   715  C CB  . PRO A 1 89  ? -16.47966 10.15170  -6.17165  1.000 35.73232 ?  149 PRO A CB  1 
ATOM   716  C CG  . PRO A 1 89  ? -15.44581 10.93620  -6.89058  1.000 37.89271 ?  149 PRO A CG  1 
ATOM   717  C CD  . PRO A 1 89  ? -14.21142 10.93574  -6.02599  1.000 26.97155 ?  149 PRO A CD  1 
ATOM   718  N N   . SER A 1 90  ? -16.44015 6.88134   -6.04267  1.000 34.09424 ?  150 SER A N   1 
ATOM   719  C CA  . SER A 1 90  ? -16.32419 5.58106   -6.70210  1.000 28.41432 ?  150 SER A CA  1 
ATOM   720  C C   . SER A 1 90  ? -16.24778 5.70332   -8.21433  1.000 32.03832 ?  150 SER A C   1 
ATOM   721  O O   . SER A 1 90  ? -15.82176 4.76457   -8.88018  1.000 33.51597 ?  150 SER A O   1 
ATOM   722  C CB  . SER A 1 90  ? -17.50766 4.70233   -6.33507  1.000 42.38870 ?  150 SER A CB  1 
ATOM   723  O OG  . SER A 1 90  ? -18.70715 5.31832   -6.75728  1.000 39.42880 ?  150 SER A OG  1 
ATOM   724  N N   . ASP A 1 91  ? -16.70086 6.82770   -8.75529  1.000 38.36022 ?  151 ASP A N   1 
ATOM   725  C CA  . ASP A 1 91  ? -16.53301 7.20368   -10.15011 1.000 35.81660 ?  151 ASP A CA  1 
ATOM   726  C C   . ASP A 1 91  ? -15.07661 7.37126   -10.55691 1.000 39.76690 ?  151 ASP A C   1 
ATOM   727  O O   . ASP A 1 91  ? -14.76740 7.38215   -11.75325 1.000 39.20526 ?  151 ASP A O   1 
ATOM   728  C CB  . ASP A 1 91  ? -17.20384 8.55945   -10.34713 1.000 45.28218 ?  151 ASP A CB  1 
ATOM   729  C CG  . ASP A 1 91  ? -18.37625 8.50167   -11.23881 1.000 52.76680 ?  151 ASP A CG  1 
ATOM   730  O OD1 . ASP A 1 91  ? -18.65425 7.41070   -11.76479 1.000 53.60294 ?  151 ASP A OD1 1 
ATOM   731  O OD2 . ASP A 1 91  ? -19.01604 9.56120   -11.41017 1.000 63.15412 -1 151 ASP A OD2 1 
ATOM   732  N N   . SER A 1 92  ? -14.25458 7.51297   -9.68059  1.000 39.37370 ?  152 SER A N   1 
ATOM   733  C CA  A SER A 1 92  ? -13.01374 8.12112   -10.13337 0.317 33.52566 ?  152 SER A CA  1 
ATOM   734  C CA  B SER A 1 92  ? -13.01714 8.12075   -10.13916 0.683 33.51235 ?  152 SER A CA  1 
ATOM   735  C C   . SER A 1 92  ? -12.03296 7.07915   -10.65811 1.000 34.03422 ?  152 SER A C   1 
ATOM   736  O O   . SER A 1 92  ? -11.96171 5.96204   -10.13537 1.000 34.60028 ?  152 SER A O   1 
ATOM   737  C CB  A SER A 1 92  ? -12.36272 8.89935   -8.99556  0.317 29.43147 ?  152 SER A CB  1 
ATOM   738  C CB  B SER A 1 92  ? -12.36823 8.90706   -9.00869  0.683 29.24055 ?  152 SER A CB  1 
ATOM   739  O OG  A SER A 1 92  ? -11.08407 9.36673   -9.37781  0.317 33.36271 ?  152 SER A OG  1 
ATOM   740  O OG  B SER A 1 92  ? -11.08633 9.35245   -9.39958  0.683 33.38536 ?  152 SER A OG  1 
ATOM   741  N N   . PRO A 1 93  ? -11.26024 7.44250   -11.68820 1.000 31.64904 ?  153 PRO A N   1 
ATOM   742  C CA  . PRO A 1 93  ? -10.17870 6.55241   -12.12537 1.000 29.75588 ?  153 PRO A CA  1 
ATOM   743  C C   . PRO A 1 93  ? -9.16932  6.30017   -11.02310 1.000 27.22060 ?  153 PRO A C   1 
ATOM   744  O O   . PRO A 1 93  ? -8.60295  5.20501   -10.95745 1.000 32.38519 ?  153 PRO A O   1 
ATOM   745  C CB  . PRO A 1 93  ? -9.56839  7.29632   -13.32086 1.000 33.92527 ?  153 PRO A CB  1 
ATOM   746  C CG  . PRO A 1 93  ? -9.93776  8.70763   -13.13375 1.000 33.99763 ?  153 PRO A CG  1 
ATOM   747  C CD  . PRO A 1 93  ? -11.28970 8.69373   -12.46069 1.000 30.48413 ?  153 PRO A CD  1 
ATOM   748  N N   . PHE A 1 94  ? -8.96269  7.26068   -10.11433 1.000 27.20751 ?  154 PHE A N   1 
ATOM   749  C CA  . PHE A 1 94  ? -8.14328  6.97999   -8.93774  1.000 24.38856 ?  154 PHE A CA  1 
ATOM   750  C C   . PHE A 1 94  ? -8.79516  5.94399   -8.05885  1.000 23.47279 ?  154 PHE A C   1 
ATOM   751  O O   . PHE A 1 94  ? -8.10902  5.10388   -7.46745  1.000 26.25417 ?  154 PHE A O   1 
ATOM   752  C CB  . PHE A 1 94  ? -7.88387  8.25403   -8.14331  1.000 25.32675 ?  154 PHE A CB  1 
ATOM   753  C CG  . PHE A 1 94  ? -7.13629  9.25106   -8.91137  1.000 26.57472 ?  154 PHE A CG  1 
ATOM   754  C CD1 . PHE A 1 94  ? -5.78600  9.07880   -9.11996  1.000 28.46908 ?  154 PHE A CD1 1 
ATOM   755  C CD2 . PHE A 1 94  ? -7.78415  10.32957  -9.48045  1.000 26.23116 ?  154 PHE A CD2 1 
ATOM   756  C CE1 . PHE A 1 94  ? -5.07972  9.97725   -9.85796  1.000 29.27269 ?  154 PHE A CE1 1 
ATOM   757  C CE2 . PHE A 1 94  ? -7.08715  11.24165  -10.21461 1.000 32.00101 ?  154 PHE A CE2 1 
ATOM   758  C CZ  . PHE A 1 94  ? -5.72757  11.06839  -10.40671 1.000 34.35717 ?  154 PHE A CZ  1 
ATOM   759  N N   . TYR A 1 95  ? -10.12273 5.98805   -7.96136  1.000 27.49685 ?  155 TYR A N   1 
ATOM   760  C CA  . TYR A 1 95  ? -10.83252 4.98494   -7.18520  1.000 25.83722 ?  155 TYR A CA  1 
ATOM   761  C C   . TYR A 1 95  ? -10.65538 3.61118   -7.80123  1.000 27.19768 ?  155 TYR A C   1 
ATOM   762  O O   . TYR A 1 95  ? -10.44794 2.62231   -7.09184  1.000 30.88646 ?  155 TYR A O   1 
ATOM   763  C CB  . TYR A 1 95  ? -12.30592 5.34742   -7.11500  1.000 29.52817 ?  155 TYR A CB  1 
ATOM   764  C CG  . TYR A 1 95  ? -13.11524 4.50619   -6.16722  1.000 30.53290 ?  155 TYR A CG  1 
ATOM   765  C CD1 . TYR A 1 95  ? -13.64961 5.05143   -5.00937  1.000 29.78423 ?  155 TYR A CD1 1 
ATOM   766  C CD2 . TYR A 1 95  ? -13.36967 3.17705   -6.44048  1.000 30.62085 ?  155 TYR A CD2 1 
ATOM   767  C CE1 . TYR A 1 95  ? -14.41701 4.28866   -4.15388  1.000 30.63145 ?  155 TYR A CE1 1 
ATOM   768  C CE2 . TYR A 1 95  ? -14.11867 2.40797   -5.58877  1.000 32.02179 ?  155 TYR A CE2 1 
ATOM   769  C CZ  . TYR A 1 95  ? -14.63956 2.96759   -4.44415  1.000 32.05078 ?  155 TYR A CZ  1 
ATOM   770  O OH  . TYR A 1 95  ? -15.39245 2.19318   -3.59741  1.000 32.11095 ?  155 TYR A OH  1 
ATOM   771  N N   . GLN A 1 96  ? -10.75199 3.53026   -9.12492  1.000 31.31876 ?  156 GLN A N   1 
ATOM   772  C CA  . GLN A 1 96  ? -10.53551 2.26291   -9.80942  1.000 31.82616 ?  156 GLN A CA  1 
ATOM   773  C C   . GLN A 1 96  ? -9.10320  1.77559   -9.63811  1.000 33.42321 ?  156 GLN A C   1 
ATOM   774  O O   . GLN A 1 96  ? -8.86836  0.56343   -9.53071  1.000 28.03126 ?  156 GLN A O   1 
ATOM   775  C CB  . GLN A 1 96  ? -10.88091 2.42242   -11.28357 1.000 37.28526 ?  156 GLN A CB  1 
ATOM   776  C CG  . GLN A 1 96  ? -10.64888 1.16748   -12.10507 1.000 40.74944 ?  156 GLN A CG  1 
ATOM   777  C CD  . GLN A 1 96  ? -10.69985 1.43163   -13.60033 1.000 49.84986 ?  156 GLN A CD  1 
ATOM   778  O OE1 . GLN A 1 96  ? -9.69101  1.79247   -14.22067 1.000 49.28815 ?  156 GLN A OE1 1 
ATOM   779  N NE2 . GLN A 1 96  ? -11.87746 1.25224   -14.19034 1.000 59.89874 ?  156 GLN A NE2 1 
ATOM   780  N N   . CYS A 1 97  ? -8.13286  2.69863   -9.59091  1.000 30.54333 ?  157 CYS A N   1 
ATOM   781  C CA  . CYS A 1 97  ? -6.75580  2.28681   -9.33023  1.000 33.13085 ?  157 CYS A CA  1 
ATOM   782  C C   . CYS A 1 97  ? -6.66007  1.53471   -8.00921  1.000 32.24956 ?  157 CYS A C   1 
ATOM   783  O O   . CYS A 1 97  ? -5.92560  0.54618   -7.89703  1.000 27.80300 ?  157 CYS A O   1 
ATOM   784  C CB  . CYS A 1 97  ? -5.81580  3.50060   -9.33908  1.000 34.24087 ?  157 CYS A CB  1 
ATOM   785  S SG  . CYS A 1 97  ? -5.37161  4.09470   -11.00818 1.000 37.92673 ?  157 CYS A SG  1 
ATOM   786  N N   . ALA A 1 98  ? -7.42786  1.96274   -7.00497  1.000 29.94499 ?  158 ALA A N   1 
ATOM   787  C CA  . ALA A 1 98  ? -7.39738  1.26162   -5.72989  1.000 25.33813 ?  158 ALA A CA  1 
ATOM   788  C C   . ALA A 1 98  ? -8.10232  -0.07731  -5.83614  1.000 24.40665 ?  158 ALA A C   1 
ATOM   789  O O   . ALA A 1 98  ? -7.66541  -1.06428  -5.23259  1.000 26.70907 ?  158 ALA A O   1 
ATOM   790  C CB  . ALA A 1 98  ? -8.03483  2.11337   -4.63662  1.000 29.27245 ?  158 ALA A CB  1 
ATOM   791  N N   . GLU A 1 99  ? -9.21490  -0.12141  -6.57002  1.000 26.54217 ?  159 GLU A N   1 
ATOM   792  C CA  . GLU A 1 99  ? -9.90181  -1.39209  -6.78767  1.000 28.83129 ?  159 GLU A CA  1 
ATOM   793  C C   . GLU A 1 99  ? -8.96562  -2.42006  -7.41292  1.000 28.48781 ?  159 GLU A C   1 
ATOM   794  O O   . GLU A 1 99  ? -8.89947  -3.56843  -6.95895  1.000 25.90261 ?  159 GLU A O   1 
ATOM   795  C CB  . GLU A 1 99  ? -11.13872 -1.18166  -7.66570  1.000 26.32511 ?  159 GLU A CB  1 
ATOM   796  C CG  . GLU A 1 99  ? -12.27645 -0.40205  -6.99356  1.000 35.31133 ?  159 GLU A CG  1 
ATOM   797  C CD  . GLU A 1 99  ? -12.86463 -1.10766  -5.75435  1.000 47.08127 ?  159 GLU A CD  1 
ATOM   798  O OE1 . GLU A 1 99  ? -13.98360 -1.67184  -5.84412  1.000 53.28745 ?  159 GLU A OE1 1 
ATOM   799  O OE2 . GLU A 1 99  ? -12.21765 -1.08651  -4.67748  1.000 47.43375 -1 159 GLU A OE2 1 
ATOM   800  N N   . VAL A 1 100 ? -8.21561  -2.01876  -8.43749  1.000 24.45189 ?  160 VAL A N   1 
ATOM   801  C CA  . VAL A 1 100 ? -7.36957  -2.96010  -9.17189  1.000 24.45820 ?  160 VAL A CA  1 
ATOM   802  C C   . VAL A 1 100 ? -6.15785  -3.36647  -8.34854  1.000 27.90485 ?  160 VAL A C   1 
ATOM   803  O O   . VAL A 1 100 ? -5.76578  -4.54156  -8.32072  1.000 21.39169 ?  160 VAL A O   1 
ATOM   804  C CB  . VAL A 1 100 ? -6.92543  -2.32945  -10.50207 1.000 30.01148 ?  160 VAL A CB  1 
ATOM   805  C CG1 . VAL A 1 100 ? -5.75553  -3.10028  -11.07428 1.000 28.47107 ?  160 VAL A CG1 1 
ATOM   806  C CG2 . VAL A 1 100 ? -8.07592  -2.28361  -11.48798 1.000 33.48952 ?  160 VAL A CG2 1 
ATOM   807  N N   . LEU A 1 101 ? -5.50547  -2.39433  -7.70984  1.000 26.11459 ?  161 LEU A N   1 
ATOM   808  C CA  . LEU A 1 101 ? -4.27286  -2.70393  -7.00013  1.000 26.91317 ?  161 LEU A CA  1 
ATOM   809  C C   . LEU A 1 101 ? -4.54279  -3.46681  -5.71024  1.000 23.80358 ?  161 LEU A C   1 
ATOM   810  O O   . LEU A 1 101 ? -3.76027  -4.34820  -5.33795  1.000 25.14328 ?  161 LEU A O   1 
ATOM   811  C CB  . LEU A 1 101 ? -3.48526  -1.42372  -6.71435  1.000 22.07178 ?  161 LEU A CB  1 
ATOM   812  C CG  . LEU A 1 101 ? -1.98046  -1.58959  -6.64390  1.000 27.43287 ?  161 LEU A CG  1 
ATOM   813  C CD1 . LEU A 1 101 ? -1.44825  -1.69797  -8.04215  1.000 31.54533 ?  161 LEU A CD1 1 
ATOM   814  C CD2 . LEU A 1 101 ? -1.33440  -0.41782  -5.90112  1.000 26.67505 ?  161 LEU A CD2 1 
ATOM   815  N N   . GLU A 1 102 ? -5.63700  -3.16127  -5.00908  1.000 24.29420 ?  162 GLU A N   1 
ATOM   816  C CA  . GLU A 1 102 ? -5.95812  -3.96670  -3.83681  1.000 24.70134 ?  162 GLU A CA  1 
ATOM   817  C C   . GLU A 1 102 ? -6.19471  -5.42531  -4.21199  1.000 23.38374 ?  162 GLU A C   1 
ATOM   818  O O   . GLU A 1 102 ? -5.79967  -6.33401  -3.47443  1.000 19.84876 ?  162 GLU A O   1 
ATOM   819  C CB  . GLU A 1 102 ? -7.17487  -3.41369  -3.10833  1.000 28.20223 ?  162 GLU A CB  1 
ATOM   820  C CG  . GLU A 1 102 ? -7.53204  -4.25487  -1.90882  1.000 26.04996 ?  162 GLU A CG  1 
ATOM   821  C CD  . GLU A 1 102 ? -8.17299  -3.43296  -0.79452  1.000 43.78165 ?  162 GLU A CD  1 
ATOM   822  O OE1 . GLU A 1 102 ? -9.09791  -2.64547  -1.09865  1.000 34.11977 ?  162 GLU A OE1 1 
ATOM   823  O OE2 . GLU A 1 102 ? -7.73911  -3.56069  0.37621   1.000 44.91276 -1 162 GLU A OE2 1 
ATOM   824  N N   . SER A 1 103 ? -6.85905  -5.67973  -5.33866  1.000 25.41949 ?  163 SER A N   1 
ATOM   825  C CA  . SER A 1 103 ? -7.07234  -7.07436  -5.72270  1.000 29.80221 ?  163 SER A CA  1 
ATOM   826  C C   . SER A 1 103 ? -5.74288  -7.74841  -6.05435  1.000 25.82661 ?  163 SER A C   1 
ATOM   827  O O   . SER A 1 103 ? -5.52677  -8.92188  -5.71606  1.000 24.98930 ?  163 SER A O   1 
ATOM   828  C CB  . SER A 1 103 ? -8.06588  -7.16119  -6.89093  1.000 28.33776 ?  163 SER A CB  1 
ATOM   829  O OG  . SER A 1 103 ? -7.42538  -7.04544  -8.15565  1.000 47.91558 ?  163 SER A OG  1 
ATOM   830  N N   . PHE A 1 104 ? -4.82198  -7.00870  -6.67811  1.000 24.74034 ?  164 PHE A N   1 
ATOM   831  C CA  . PHE A 1 104 ? -3.49151  -7.55255  -6.94537  1.000 24.95828 ?  164 PHE A CA  1 
ATOM   832  C C   . PHE A 1 104 ? -2.75039  -7.82210  -5.63952  1.000 22.96175 ?  164 PHE A C   1 
ATOM   833  O O   . PHE A 1 104 ? -2.12865  -8.87422  -5.47157  1.000 23.32525 ?  164 PHE A O   1 
ATOM   834  C CB  . PHE A 1 104 ? -2.73515  -6.57930  -7.84671  1.000 28.07681 ?  164 PHE A CB  1 
ATOM   835  C CG  . PHE A 1 104 ? -1.33240  -7.01104  -8.22921  1.000 26.53289 ?  164 PHE A CG  1 
ATOM   836  C CD1 . PHE A 1 104 ? -1.11143  -7.88817  -9.27238  1.000 27.65306 ?  164 PHE A CD1 1 
ATOM   837  C CD2 . PHE A 1 104 ? -0.23675  -6.45732  -7.59235  1.000 27.31028 ?  164 PHE A CD2 1 
ATOM   838  C CE1 . PHE A 1 104 ? 0.17825   -8.24392  -9.63951  1.000 30.07956 ?  164 PHE A CE1 1 
ATOM   839  C CE2 . PHE A 1 104 ? 1.05189   -6.79855  -7.95329  1.000 25.39162 ?  164 PHE A CE2 1 
ATOM   840  C CZ  . PHE A 1 104 ? 1.26215   -7.69769  -8.97128  1.000 32.51637 ?  164 PHE A CZ  1 
ATOM   841  N N   . PHE A 1 105 ? -2.83828  -6.90107  -4.68473  1.000 22.74059 ?  165 PHE A N   1 
ATOM   842  C CA  . PHE A 1 105 ? -2.22084  -7.12611  -3.37958  1.000 23.59466 ?  165 PHE A CA  1 
ATOM   843  C C   . PHE A 1 105 ? -2.72519  -8.40645  -2.70624  1.000 22.79099 ?  165 PHE A C   1 
ATOM   844  O O   . PHE A 1 105 ? -1.93882  -9.15838  -2.11731  1.000 21.54719 ?  165 PHE A O   1 
ATOM   845  C CB  . PHE A 1 105 ? -2.46695  -5.90991  -2.47615  1.000 25.33318 ?  165 PHE A CB  1 
ATOM   846  C CG  . PHE A 1 105 ? -1.91984  -6.07812  -1.09860  1.000 23.14322 ?  165 PHE A CG  1 
ATOM   847  C CD1 . PHE A 1 105 ? -0.55427  -6.18670  -0.89588  1.000 21.45547 ?  165 PHE A CD1 1 
ATOM   848  C CD2 . PHE A 1 105 ? -2.76860  -6.14235  -0.00643  1.000 24.81844 ?  165 PHE A CD2 1 
ATOM   849  C CE1 . PHE A 1 105 ? -0.04325  -6.35834  0.37061   1.000 25.49563 ?  165 PHE A CE1 1 
ATOM   850  C CE2 . PHE A 1 105 ? -2.27052  -6.31553  1.26295   1.000 27.47600 ?  165 PHE A CE2 1 
ATOM   851  C CZ  . PHE A 1 105 ? -0.89828  -6.41215  1.45594   1.000 37.18446 ?  165 PHE A CZ  1 
ATOM   852  N N   . VAL A 1 106 ? -4.03386  -8.67254  -2.75938  1.000 27.45804 ?  166 VAL A N   1 
ATOM   853  C CA  . VAL A 1 106 ? -4.55475  -9.88431  -2.11455  1.000 27.38529 ?  166 VAL A CA  1 
ATOM   854  C C   . VAL A 1 106 ? -3.92905  -11.12626 -2.74475  1.000 26.66287 ?  166 VAL A C   1 
ATOM   855  O O   . VAL A 1 106 ? -3.43674  -12.02957 -2.05293  1.000 24.93208 ?  166 VAL A O   1 
ATOM   856  C CB  . VAL A 1 106 ? -6.09531  -9.91641  -2.18407  1.000 28.60431 ?  166 VAL A CB  1 
ATOM   857  C CG1 . VAL A 1 106 ? -6.62511  -11.28414 -1.78070  1.000 28.47174 ?  166 VAL A CG1 1 
ATOM   858  C CG2 . VAL A 1 106 ? -6.66462  -8.85791  -1.29094  1.000 26.26319 ?  166 VAL A CG2 1 
ATOM   859  N N   . GLN A 1 107 ? -3.91135  -11.17755 -4.07128  1.000 29.43727 ?  167 GLN A N   1 
ATOM   860  C CA  . GLN A 1 107 ? -3.25100  -12.29034 -4.74457  1.000 27.15699 ?  167 GLN A CA  1 
ATOM   861  C C   . GLN A 1 107 ? -1.81371  -12.45177 -4.26080  1.000 29.45262 ?  167 GLN A C   1 
ATOM   862  O O   . GLN A 1 107 ? -1.35861  -13.56535 -3.97042  1.000 25.74355 ?  167 GLN A O   1 
ATOM   863  C CB  . GLN A 1 107 ? -3.30207  -12.07187 -6.25093  1.000 27.49968 ?  167 GLN A CB  1 
ATOM   864  C CG  . GLN A 1 107 ? -4.69771  -12.18336 -6.85293  1.000 26.23592 ?  167 GLN A CG  1 
ATOM   865  C CD  . GLN A 1 107 ? -4.71587  -11.72106 -8.28356  1.000 26.24744 ?  167 GLN A CD  1 
ATOM   866  O OE1 . GLN A 1 107 ? -3.88039  -10.91019 -8.69572  1.000 29.52080 ?  167 GLN A OE1 1 
ATOM   867  N NE2 . GLN A 1 107 ? -5.63998  -12.23683 -9.05574  1.000 24.27868 ?  167 GLN A NE2 1 
ATOM   868  N N   . LYS A 1 108 ? -1.07802  -11.34341 -4.15634  1.000 25.74252 ?  168 LYS A N   1 
ATOM   869  C CA  . LYS A 1 108 ? 0.33005   -11.45242 -3.78661  1.000 26.21154 ?  168 LYS A CA  1 
ATOM   870  C C   . LYS A 1 108 ? 0.47875   -11.81946 -2.31688  1.000 30.69004 ?  168 LYS A C   1 
ATOM   871  O O   . LYS A 1 108 ? 1.33777   -12.63581 -1.95881  1.000 27.43913 ?  168 LYS A O   1 
ATOM   872  C CB  . LYS A 1 108 ? 1.06131   -10.14851 -4.11436  1.000 20.41444 ?  168 LYS A CB  1 
ATOM   873  C CG  . LYS A 1 108 ? 1.26557   -9.93402  -5.61559  1.000 25.59724 ?  168 LYS A CG  1 
ATOM   874  C CD  . LYS A 1 108 ? 2.31361   -10.90054 -6.18559  1.000 31.40103 ?  168 LYS A CD  1 
ATOM   875  C CE  . LYS A 1 108 ? 2.22079   -11.01874 -7.71365  1.000 30.54557 ?  168 LYS A CE  1 
ATOM   876  N NZ  . LYS A 1 108 ? 3.57043   -11.23596 -8.35864  1.000 37.56934 1  168 LYS A NZ  1 
ATOM   877  N N   . LEU A 1 109 ? -0.36620  -11.24546 -1.45690  1.000 28.42893 ?  169 LEU A N   1 
ATOM   878  C CA  . LEU A 1 109 ? -0.34381  -11.58351 -0.03823  1.000 30.61460 ?  169 LEU A CA  1 
ATOM   879  C C   . LEU A 1 109 ? -0.66739  -13.05523 0.18764   1.000 33.68448 ?  169 LEU A C   1 
ATOM   880  O O   . LEU A 1 109 ? -0.00569  -13.73425 0.97986   1.000 31.41667 ?  169 LEU A O   1 
ATOM   881  C CB  . LEU A 1 109 ? -1.32507  -10.68867 0.72640   1.000 35.43735 ?  169 LEU A CB  1 
ATOM   882  C CG  . LEU A 1 109 ? -1.41418  -10.83524 2.25066   1.000 37.59732 ?  169 LEU A CG  1 
ATOM   883  C CD1 . LEU A 1 109 ? -0.08729  -10.48431 2.90454   1.000 31.24116 ?  169 LEU A CD1 1 
ATOM   884  C CD2 . LEU A 1 109 ? -2.53588  -9.97303  2.81062   1.000 33.22969 ?  169 LEU A CD2 1 
ATOM   885  N N   . LYS A 1 110 ? -1.69824  -13.56867 -0.47714  1.000 29.43704 ?  170 LYS A N   1 
ATOM   886  C CA  . LYS A 1 110 ? -1.94888  -15.00094 -0.36950  1.000 31.18635 ?  170 LYS A CA  1 
ATOM   887  C C   . LYS A 1 110 ? -0.68993  -15.79057 -0.72060  1.000 28.35485 ?  170 LYS A C   1 
ATOM   888  O O   . LYS A 1 110 ? -0.36044  -16.79145 -0.06887  1.000 27.85840 ?  170 LYS A O   1 
ATOM   889  C CB  . LYS A 1 110 ? -3.12041  -15.39923 -1.27076  1.000 30.63667 ?  170 LYS A CB  1 
ATOM   890  C CG  . LYS A 1 110 ? -4.45008  -14.69514 -0.96479  1.000 34.70212 ?  170 LYS A CG  1 
ATOM   891  C CD  . LYS A 1 110 ? -5.63031  -15.23119 -1.84093  1.000 47.74506 ?  170 LYS A CD  1 
ATOM   892  C CE  . LYS A 1 110 ? -5.33809  -15.21974 -3.37637  1.000 48.72917 ?  170 LYS A CE  1 
ATOM   893  N NZ  . LYS A 1 110 ? -6.50640  -15.46992 -4.33123  1.000 30.64250 1  170 LYS A NZ  1 
ATOM   894  N N   . GLY A 1 111 ? 0.04373   -15.33786 -1.73491  1.000 24.00380 ?  171 GLY A N   1 
ATOM   895  C CA  . GLY A 1 111 ? 1.24325   -16.05897 -2.14373  1.000 28.47515 ?  171 GLY A CA  1 
ATOM   896  C C   . GLY A 1 111 ? 2.33370   -16.03691 -1.08449  1.000 37.42091 ?  171 GLY A C   1 
ATOM   897  O O   . GLY A 1 111 ? 2.99433   -17.04892 -0.82818  1.000 29.93831 ?  171 GLY A O   1 
ATOM   898  N N   . PHE A 1 112 ? 2.55712   -14.86947 -0.47231  1.000 32.32209 ?  172 PHE A N   1 
ATOM   899  C CA  . PHE A 1 112 ? 3.56019   -14.75680 0.58730   1.000 29.14947 ?  172 PHE A CA  1 
ATOM   900  C C   . PHE A 1 112 ? 3.18839   -15.60989 1.79335   1.000 27.79590 ?  172 PHE A C   1 
ATOM   901  O O   . PHE A 1 112 ? 4.04821   -16.27029 2.39505   1.000 32.26411 ?  172 PHE A O   1 
ATOM   902  C CB  . PHE A 1 112 ? 3.71152   -13.28635 0.99164   1.000 30.85016 ?  172 PHE A CB  1 
ATOM   903  C CG  . PHE A 1 112 ? 4.44942   -13.07401 2.29023   1.000 31.52687 ?  172 PHE A CG  1 
ATOM   904  C CD1 . PHE A 1 112 ? 5.82091   -12.86919 2.29881   1.000 40.19931 ?  172 PHE A CD1 1 
ATOM   905  C CD2 . PHE A 1 112 ? 3.76752   -13.05180 3.49705   1.000 30.51881 ?  172 PHE A CD2 1 
ATOM   906  C CE1 . PHE A 1 112 ? 6.50239   -12.66352 3.48606   1.000 32.94250 ?  172 PHE A CE1 1 
ATOM   907  C CE2 . PHE A 1 112 ? 4.43638   -12.84928 4.67853   1.000 31.59151 ?  172 PHE A CE2 1 
ATOM   908  C CZ  . PHE A 1 112 ? 5.80679   -12.65725 4.67649   1.000 35.16940 ?  172 PHE A CZ  1 
ATOM   909  N N   . LYS A 1 113 ? 1.90895   -15.59817 2.16692   1.000 31.38742 ?  173 LYS A N   1 
ATOM   910  C CA  . LYS A 1 113 ? 1.44491   -16.40788 3.29199   1.000 37.75200 ?  173 LYS A CA  1 
ATOM   911  C C   . LYS A 1 113 ? 1.69199   -17.88755 3.04306   1.000 36.79870 ?  173 LYS A C   1 
ATOM   912  O O   . LYS A 1 113 ? 2.16536   -18.60384 3.93304   1.000 34.89598 ?  173 LYS A O   1 
ATOM   913  C CB  . LYS A 1 113 ? -0.04273  -16.15231 3.55050   1.000 39.22906 ?  173 LYS A CB  1 
ATOM   914  C CG  . LYS A 1 113 ? -0.35491  -14.79878 4.19320   1.000 36.29896 ?  173 LYS A CG  1 
ATOM   915  C CD  . LYS A 1 113 ? -1.84703  -14.59969 4.36477   1.000 30.81496 ?  173 LYS A CD  1 
ATOM   916  C CE  . LYS A 1 113 ? -2.15777  -13.35644 5.21546   1.000 41.03691 ?  173 LYS A CE  1 
ATOM   917  N NZ  . LYS A 1 113 ? -3.57998  -13.31239 5.71896   1.000 45.28602 1  173 LYS A NZ  1 
ATOM   918  N N   . ALA A 1 114 ? 1.38712   -18.35988 1.83944   1.000 32.16244 ?  174 ALA A N   1 
ATOM   919  C CA  . ALA A 1 114 ? 1.70567   -19.73077 1.46794   1.000 37.81364 ?  174 ALA A CA  1 
ATOM   920  C C   . ALA A 1 114 ? 3.21832   -20.00088 1.58535   1.000 51.38871 ?  174 ALA A C   1 
ATOM   921  O O   . ALA A 1 114 ? 4.10762   -19.13808 1.39446   1.000 43.65229 ?  174 ALA A O   1 
ATOM   922  C CB  . ALA A 1 114 ? 1.21545   -20.02322 0.05469   1.000 36.09142 ?  174 ALA A CB  1 
ATOM   923  O OXT . ALA A 1 114 ? 3.58699   -21.13305 1.90034   1.000 45.49556 -1 174 ALA A OXT 1 
HETATM 924  C C13 . 6FI B 2 .   ? -0.29559  11.45711  -8.05964  1.000 34.23874 ?  201 6FI A C13 1 
HETATM 925  C C15 . 6FI B 2 .   ? -1.38828  12.99529  -9.57049  1.000 34.96595 ?  201 6FI A C15 1 
HETATM 926  C C20 . 6FI B 2 .   ? 1.00509   13.08784  -11.02987 1.000 47.33194 ?  201 6FI A C20 1 
HETATM 927  C C21 . 6FI B 2 .   ? 2.48265   13.32792  -11.42740 1.000 46.74000 ?  201 6FI A C21 1 
HETATM 928  C C22 . 6FI B 2 .   ? 3.29228   14.06820  -10.33898 1.000 47.02946 ?  201 6FI A C22 1 
HETATM 929  C C24 . 6FI B 2 .   ? 2.15365   16.16967  -10.65790 1.000 52.98405 ?  201 6FI A C24 1 
HETATM 930  C C01 . 6FI B 2 .   ? -5.09117  10.27381  -5.51238  1.000 37.31723 ?  201 6FI A C01 1 
HETATM 931  C C03 . 6FI B 2 .   ? -6.28446  11.91358  -6.52274  1.000 29.53684 ?  201 6FI A C03 1 
HETATM 932  C C04 . 6FI B 2 .   ? -5.15339  12.30369  -7.26310  1.000 31.52101 ?  201 6FI A C04 1 
HETATM 933  C C05 . 6FI B 2 .   ? -3.97981  11.60716  -7.05142  1.000 30.56538 ?  201 6FI A C05 1 
HETATM 934  C C08 . 6FI B 2 .   ? -3.38675  8.75389   -3.57831  1.000 34.07988 ?  201 6FI A C08 1 
HETATM 935  C C11 . 6FI B 2 .   ? -2.65119  11.91594  -7.81879  1.000 30.16277 ?  201 6FI A C11 1 
HETATM 936  C C12 . 6FI B 2 .   ? -1.50660  11.24324  -7.41185  1.000 29.89045 ?  201 6FI A C12 1 
HETATM 937  C C14 . 6FI B 2 .   ? -0.24135  12.32947  -9.13216  1.000 34.19536 ?  201 6FI A C14 1 
HETATM 938  C C16 . 6FI B 2 .   ? -2.60182  12.78806  -8.90714  1.000 33.20075 ?  201 6FI A C16 1 
HETATM 939  C C18 . 6FI B 2 .   ? -7.67497  13.59951  -7.76747  1.000 29.86024 ?  201 6FI A C18 1 
HETATM 940  C C25 . 6FI B 2 .   ? 3.25438   15.69668  -8.58810  1.000 43.25802 ?  201 6FI A C25 1 
HETATM 941  N N02 . 6FI B 2 .   ? -6.23183  10.90800  -5.66585  1.000 33.16911 ?  201 6FI A N02 1 
HETATM 942  N N06 . 6FI B 2 .   ? -3.99612  10.60233  -6.19477  1.000 30.91019 ?  201 6FI A N06 1 
HETATM 943  N N17 . 6FI B 2 .   ? -7.54271  12.62432  -6.69644  1.000 31.32477 ?  201 6FI A N17 1 
HETATM 944  N N23 . 6FI B 2 .   ? 2.49806   15.12310  -9.69721  1.000 51.89640 ?  201 6FI A N23 1 
HETATM 945  O O09 . 6FI B 2 .   ? -5.28280  7.64110   -5.11258  1.000 36.93514 ?  201 6FI A O09 1 
HETATM 946  O O10 . 6FI B 2 .   ? -6.08365  8.96421   -3.37851  1.000 34.12358 ?  201 6FI A O10 1 
HETATM 947  O O19 . 6FI B 2 .   ? 1.01760   12.49180  -9.75539  1.000 34.83796 ?  201 6FI A O19 1 
HETATM 948  S S07 . 6FI B 2 .   ? -5.00755  8.87603   -4.37592  1.000 38.66120 ?  201 6FI A S07 1 
HETATM 949  H H1  . 6FI B 2 .   ? 0.47099   11.01174  -7.77876  1.000 41.26361 ?  201 6FI A H1  1 
HETATM 950  H H2  . 6FI B 2 .   ? -1.34220  13.58377  -10.28913 1.000 42.13626 ?  201 6FI A H2  1 
HETATM 951  H H3  . 6FI B 2 .   ? 0.58230   12.49386  -11.66966 1.000 56.97545 ?  201 6FI A H3  1 
HETATM 952  H H4  . 6FI B 2 .   ? 0.52897   13.93228  -10.99609 1.000 56.97545 ?  201 6FI A H4  1 
HETATM 953  H H5  . 6FI B 2 .   ? 2.90265   12.47044  -11.59838 1.000 56.26512 ?  201 6FI A H5  1 
HETATM 954  H H6  . 6FI B 2 .   ? 2.50382   13.85349  -12.24239 1.000 56.26512 ?  201 6FI A H6  1 
HETATM 955  H H7  . 6FI B 2 .   ? 4.07802   14.46659  -10.74494 1.000 56.61247 ?  201 6FI A H7  1 
HETATM 956  H H8  . 6FI B 2 .   ? 3.57342   13.42971  -9.66504  1.000 56.61247 ?  201 6FI A H8  1 
HETATM 957  H H9  . 6FI B 2 .   ? 2.96611   16.56771  -11.00772 1.000 63.75798 ?  201 6FI A H9  1 
HETATM 958  H H10 . 6FI B 2 .   ? 1.62354   16.85166  -10.21658 1.000 63.75798 ?  201 6FI A H10 1 
HETATM 959  H H11 . 6FI B 2 .   ? 1.64265   15.78427  -11.38676 1.000 63.75798 ?  201 6FI A H11 1 
HETATM 960  H H12 . 6FI B 2 .   ? -5.18937  13.01776  -7.85784  1.000 38.00233 ?  201 6FI A H12 1 
HETATM 961  H H13 . 6FI B 2 .   ? -3.32212  7.90900   -3.10620  1.000 41.07297 ?  201 6FI A H13 1 
HETATM 962  H H14 . 6FI B 2 .   ? -2.69046  8.80210   -4.25192  1.000 41.07297 ?  201 6FI A H14 1 
HETATM 963  H H15 . 6FI B 2 .   ? -3.27942  9.48465   -2.94952  1.000 41.07297 ?  201 6FI A H15 1 
HETATM 964  H H16 . 6FI B 2 .   ? -1.54665  10.65952  -6.68897  1.000 36.04566 ?  201 6FI A H16 1 
HETATM 965  H H17 . 6FI B 2 .   ? -3.37111  13.22721  -9.19040  1.000 40.01802 ?  201 6FI A H17 1 
HETATM 966  H H18 . 6FI B 2 .   ? -7.29679  13.23660  -8.58368  1.000 36.00941 ?  201 6FI A H18 1 
HETATM 967  H H19 . 6FI B 2 .   ? -8.61350  13.80062  -7.90754  1.000 36.00941 ?  201 6FI A H19 1 
HETATM 968  H H20 . 6FI B 2 .   ? -7.20277  14.41153  -7.52550  1.000 36.00941 ?  201 6FI A H20 1 
HETATM 969  H H21 . 6FI B 2 .   ? 4.18717   15.77917  -8.84108  1.000 52.08674 ?  201 6FI A H21 1 
HETATM 970  H H22 . 6FI B 2 .   ? 2.89875   16.57322  -8.37335  1.000 52.08674 ?  201 6FI A H22 1 
HETATM 971  H H23 . 6FI B 2 .   ? 3.17956   15.11860  -7.81278  1.000 52.08674 ?  201 6FI A H23 1 
HETATM 972  H H24 . 6FI B 2 .   ? -8.20396  12.46868  -6.16905  1.000 37.76685 ?  201 6FI A H24 1 
HETATM 973  O O   . HOH C 3 .   ? -6.80530  -17.55287 -4.45794  1.000 35.91398 ?  301 HOH A O   1 
HETATM 974  O O   . HOH C 3 .   ? 6.13707   -18.99716 0.52013   1.000 51.80782 ?  302 HOH A O   1 
HETATM 975  O O   . HOH C 3 .   ? 10.92554  -1.42892  -3.19101  1.000 44.23651 ?  303 HOH A O   1 
HETATM 976  O O   . HOH C 3 .   ? 14.11833  -10.01255 -1.52389  1.000 44.33045 ?  304 HOH A O   1 
HETATM 977  O O   . HOH C 3 .   ? -15.47281 9.23225   -0.95936  1.000 32.88711 ?  305 HOH A O   1 
HETATM 978  O O   . HOH C 3 .   ? 3.44313   -11.99237 10.89355  1.000 34.45271 ?  306 HOH A O   1 
HETATM 979  O O   . HOH C 3 .   ? -1.56583  11.49913  11.06622  1.000 38.01203 ?  307 HOH A O   1 
HETATM 980  O O   . HOH C 3 .   ? 4.00381   -10.40763 16.84230  1.000 47.68874 ?  308 HOH A O   1 
HETATM 981  O O   . HOH C 3 .   ? -3.39036  14.78167  7.00080   1.000 35.62515 ?  309 HOH A O   1 
HETATM 982  O O   . HOH C 3 .   ? -5.54706  8.47909   -0.82415  1.000 34.29877 ?  310 HOH A O   1 
HETATM 983  O O   . HOH C 3 .   ? -2.41743  8.54333   1.70275   1.000 34.12454 ?  311 HOH A O   1 
HETATM 984  O O   . HOH C 3 .   ? -1.19365  7.04605   -1.11558  1.000 34.73736 ?  312 HOH A O   1 
HETATM 985  O O   . HOH C 3 .   ? -16.39897 12.93743  5.64976   1.000 35.03227 ?  313 HOH A O   1 
HETATM 986  O O   . HOH C 3 .   ? 1.15970   13.49784  -5.88321  1.000 38.75870 ?  314 HOH A O   1 
HETATM 987  O O   . HOH C 3 .   ? 6.57703   -1.97470  -14.27394 1.000 39.65378 ?  315 HOH A O   1 
HETATM 988  O O   . HOH C 3 .   ? -3.92735  6.38574   -1.08023  1.000 32.58085 ?  316 HOH A O   1 
HETATM 989  O O   . HOH C 3 .   ? 2.22527   -1.49401  15.03861  1.000 48.13167 ?  317 HOH A O   1 
HETATM 990  O O   . HOH C 3 .   ? -0.06621  8.65894   -2.90768  1.000 27.66313 ?  318 HOH A O   1 
HETATM 991  O O   . HOH C 3 .   ? -5.81967  -0.00007  7.97041   1.000 44.29395 ?  319 HOH A O   1 
HETATM 992  O O   . HOH C 3 .   ? 7.33137   3.74682   -4.26577  1.000 29.98518 ?  320 HOH A O   1 
HETATM 993  O O   . HOH C 3 .   ? -14.09137 3.61957   -10.68002 1.000 47.32488 ?  321 HOH A O   1 
HETATM 994  O O   . HOH C 3 .   ? 6.49747   -8.71663  -10.16860 1.000 40.96561 ?  322 HOH A O   1 
HETATM 995  O O   . HOH C 3 .   ? 7.95482   5.88383   8.73059   1.000 30.44710 ?  323 HOH A O   1 
HETATM 996  O O   . HOH C 3 .   ? 6.73533   9.58729   4.87374   1.000 28.77782 ?  324 HOH A O   1 
HETATM 997  O O   . HOH C 3 .   ? 11.23826  5.36785   -0.00937  1.000 38.95819 ?  325 HOH A O   1 
HETATM 998  O O   . HOH C 3 .   ? -7.71236  -10.63514 -5.35397  1.000 29.45570 ?  326 HOH A O   1 
HETATM 999  O O   . HOH C 3 .   ? 11.05984  -7.37674  12.38587  1.000 42.56667 ?  327 HOH A O   1 
HETATM 1000 O O   . HOH C 3 .   ? 0.89198   -3.86965  -14.46954 1.000 39.91501 ?  328 HOH A O   1 
HETATM 1001 O O   . HOH C 3 .   ? 6.48999   -16.80216 1.03440   1.000 40.12174 ?  329 HOH A O   1 
HETATM 1002 O O   . HOH C 3 .   ? 6.33165   -1.44275  14.52391  1.000 41.63282 ?  330 HOH A O   1 
HETATM 1003 O O   . HOH C 3 .   ? 3.76353   -13.06851 -3.45389  1.000 34.30471 ?  331 HOH A O   1 
HETATM 1004 O O   . HOH C 3 .   ? 10.76747  -0.96626  -6.60622  1.000 31.89741 ?  332 HOH A O   1 
HETATM 1005 O O   . HOH C 3 .   ? -11.21317 12.16975  -8.60759  1.000 43.83553 ?  333 HOH A O   1 
HETATM 1006 O O   . HOH C 3 .   ? -12.38728 3.99461   2.75004   1.000 26.39201 ?  334 HOH A O   1 
HETATM 1007 O O   . HOH C 3 .   ? 2.91292   9.00710   -6.68209  1.000 29.93694 ?  335 HOH A O   1 
HETATM 1008 O O   . HOH C 3 .   ? 9.56390   -2.43148  -8.42944  1.000 31.58548 ?  336 HOH A O   1 
HETATM 1009 O O   . HOH C 3 .   ? 0.19218   7.86792   8.75095   1.000 28.02070 ?  337 HOH A O   1 
HETATM 1010 O O   . HOH C 3 .   ? 1.97298   9.77805   2.71228   1.000 30.87482 ?  338 HOH A O   1 
HETATM 1011 O O   . HOH C 3 .   ? 0.62783   10.46559  1.04145   1.000 37.74554 ?  339 HOH A O   1 
HETATM 1012 O O   . HOH C 3 .   ? -5.14448  15.18353  -9.98438  1.000 44.30069 ?  340 HOH A O   1 
HETATM 1013 O O   . HOH C 3 .   ? 17.45043  -4.00308  -0.27924  1.000 32.24333 ?  341 HOH A O   1 
HETATM 1014 O O   . HOH C 3 .   ? 11.27552  -17.92720 8.32056   1.000 45.66266 ?  342 HOH A O   1 
HETATM 1015 O O   . HOH C 3 .   ? 14.98164  -16.12269 8.59525   1.000 46.48165 ?  343 HOH A O   1 
HETATM 1016 O O   . HOH C 3 .   ? -3.58008  -6.95046  -12.07730 1.000 31.47963 ?  344 HOH A O   1 
HETATM 1017 O O   . HOH C 3 .   ? -16.42529 6.95379   -2.57687  1.000 32.30197 ?  345 HOH A O   1 
HETATM 1018 O O   . HOH C 3 .   ? 9.76685   12.87386  -3.73483  1.000 50.26335 ?  346 HOH A O   1 
HETATM 1019 O O   . HOH C 3 .   ? -5.38497  -13.78253 13.10676  1.000 55.54939 ?  347 HOH A O   1 
HETATM 1020 O O   . HOH C 3 .   ? -15.73815 11.56263  -2.87449  1.000 40.19448 ?  348 HOH A O   1 
HETATM 1021 O O   . HOH C 3 .   ? 8.18653   2.01789   -9.25505  1.000 43.60043 ?  349 HOH A O   1 
HETATM 1022 O O   . HOH C 3 .   ? 11.62149  -3.28277  -2.04788  1.000 43.33336 ?  350 HOH A O   1 
HETATM 1023 O O   . HOH C 3 .   ? 7.43442   -19.75571 2.64753   1.000 52.20849 ?  351 HOH A O   1 
HETATM 1024 O O   . HOH C 3 .   ? 9.35886   -0.02053  -10.15411 1.000 42.00845 ?  352 HOH A O   1 
HETATM 1025 O O   . HOH C 3 .   ? 4.81932   9.59550   -8.63051  1.000 44.86272 ?  353 HOH A O   1 
# 
loop_
_pdbx_poly_seq_scheme.asym_id 
_pdbx_poly_seq_scheme.entity_id 
_pdbx_poly_seq_scheme.seq_id 
_pdbx_poly_seq_scheme.mon_id 
_pdbx_poly_seq_scheme.ndb_seq_num 
_pdbx_poly_seq_scheme.pdb_seq_num 
_pdbx_poly_seq_scheme.auth_seq_num 
_pdbx_poly_seq_scheme.pdb_mon_id 
_pdbx_poly_seq_scheme.auth_mon_id 
_pdbx_poly_seq_scheme.pdb_strand_id 
_pdbx_poly_seq_scheme.pdb_ins_code 
_pdbx_poly_seq_scheme.hetero 
A 1 1   PRO 1   61  ?   ?   ?   A . n 
A 1 2   LEU 2   62  ?   ?   ?   A . n 
A 1 3   GLY 3   63  ?   ?   ?   A . n 
A 1 4   SER 4   64  64  SER SER A . n 
A 1 5   VAL 5   65  65  VAL VAL A . n 
A 1 6   LEU 6   66  66  LEU LEU A . n 
A 1 7   THR 7   67  67  THR THR A . n 
A 1 8   PRO 8   68  68  PRO PRO A . n 
A 1 9   LEU 9   69  69  LEU LEU A . n 
A 1 10  THR 10  70  70  THR THR A . n 
A 1 11  GLU 11  71  71  GLU GLU A . n 
A 1 12  LYS 12  72  72  LYS LYS A . n 
A 1 13  ASP 13  73  73  ASP ASP A . n 
A 1 14  TYR 14  74  74  TYR TYR A . n 
A 1 15  GLU 15  75  75  GLU GLU A . n 
A 1 16  GLY 16  76  76  GLY GLY A . n 
A 1 17  LEU 17  77  77  LEU LEU A . n 
A 1 18  LYS 18  78  78  LYS LYS A . n 
A 1 19  ARG 19  79  79  ARG ARG A . n 
A 1 20  VAL 20  80  80  VAL VAL A . n 
A 1 21  LEU 21  81  81  LEU LEU A . n 
A 1 22  ARG 22  82  82  ARG ARG A . n 
A 1 23  SER 23  83  83  SER SER A . n 
A 1 24  LEU 24  84  84  LEU LEU A . n 
A 1 25  GLN 25  85  85  GLN GLN A . n 
A 1 26  ALA 26  86  86  ALA ALA A . n 
A 1 27  HIS 27  87  87  HIS HIS A . n 
A 1 28  LYS 28  88  88  LYS LYS A . n 
A 1 29  MET 29  89  89  MET MET A . n 
A 1 30  ALA 30  90  90  ALA ALA A . n 
A 1 31  TRP 31  91  91  TRP TRP A . n 
A 1 32  PRO 32  92  92  PRO PRO A . n 
A 1 33  PHE 33  93  93  PHE PHE A . n 
A 1 34  LEU 34  94  94  LEU LEU A . n 
A 1 35  GLU 35  95  95  GLU GLU A . n 
A 1 36  PRO 36  96  96  PRO PRO A . n 
A 1 37  VAL 37  97  97  VAL VAL A . n 
A 1 38  ASP 38  98  98  ASP ASP A . n 
A 1 39  PRO 39  99  99  PRO PRO A . n 
A 1 40  ASN 40  100 100 ASN ASN A . n 
A 1 41  ASP 41  101 101 ASP ASP A . n 
A 1 42  ALA 42  102 102 ALA ALA A . n 
A 1 43  PRO 43  103 103 PRO PRO A . n 
A 1 44  ASP 44  104 104 ASP ASP A . n 
A 1 45  TYR 45  105 105 TYR TYR A . n 
A 1 46  TYR 46  106 106 TYR TYR A . n 
A 1 47  GLY 47  107 107 GLY GLY A . n 
A 1 48  VAL 48  108 108 VAL VAL A . n 
A 1 49  ILE 49  109 109 ILE ILE A . n 
A 1 50  LYS 50  110 110 LYS LYS A . n 
A 1 51  GLU 51  111 111 GLU GLU A . n 
A 1 52  PRO 52  112 112 PRO PRO A . n 
A 1 53  MET 53  113 113 MET MET A . n 
A 1 54  ASP 54  114 114 ASP ASP A . n 
A 1 55  LEU 55  115 115 LEU LEU A . n 
A 1 56  ALA 56  116 116 ALA ALA A . n 
A 1 57  THR 57  117 117 THR THR A . n 
A 1 58  MET 58  118 118 MET MET A . n 
A 1 59  GLU 59  119 119 GLU GLU A . n 
A 1 60  GLU 60  120 120 GLU GLU A . n 
A 1 61  ARG 61  121 121 ARG ARG A . n 
A 1 62  VAL 62  122 122 VAL VAL A . n 
A 1 63  GLN 63  123 123 GLN GLN A . n 
A 1 64  ARG 64  124 124 ARG ARG A . n 
A 1 65  ARG 65  125 125 ARG ARG A . n 
A 1 66  TYR 66  126 126 TYR TYR A . n 
A 1 67  TYR 67  127 127 TYR TYR A . n 
A 1 68  GLU 68  128 128 GLU GLU A . n 
A 1 69  LYS 69  129 129 LYS LYS A . n 
A 1 70  LEU 70  130 130 LEU LEU A . n 
A 1 71  THR 71  131 131 THR THR A . n 
A 1 72  GLU 72  132 132 GLU GLU A . n 
A 1 73  PHE 73  133 133 PHE PHE A . n 
A 1 74  VAL 74  134 134 VAL VAL A . n 
A 1 75  ALA 75  135 135 ALA ALA A . n 
A 1 76  ASP 76  136 136 ASP ASP A . n 
A 1 77  MET 77  137 137 MET MET A . n 
A 1 78  THR 78  138 138 THR THR A . n 
A 1 79  LYS 79  139 139 LYS ALA A . n 
A 1 80  ILE 80  140 140 ILE ILE A . n 
A 1 81  PHE 81  141 141 PHE PHE A . n 
A 1 82  ASP 82  142 142 ASP ASP A . n 
A 1 83  ASN 83  143 143 ASN ASN A . n 
A 1 84  CYS 84  144 144 CYS CYS A . n 
A 1 85  ARG 85  145 145 ARG ARG A . n 
A 1 86  TYR 86  146 146 TYR TYR A . n 
A 1 87  TYR 87  147 147 TYR TYR A . n 
A 1 88  ASN 88  148 148 ASN ASN A . n 
A 1 89  PRO 89  149 149 PRO PRO A . n 
A 1 90  SER 90  150 150 SER SER A . n 
A 1 91  ASP 91  151 151 ASP ASP A . n 
A 1 92  SER 92  152 152 SER SER A . n 
A 1 93  PRO 93  153 153 PRO PRO A . n 
A 1 94  PHE 94  154 154 PHE PHE A . n 
A 1 95  TYR 95  155 155 TYR TYR A . n 
A 1 96  GLN 96  156 156 GLN GLN A . n 
A 1 97  CYS 97  157 157 CYS CYS A . n 
A 1 98  ALA 98  158 158 ALA ALA A . n 
A 1 99  GLU 99  159 159 GLU GLU A . n 
A 1 100 VAL 100 160 160 VAL VAL A . n 
A 1 101 LEU 101 161 161 LEU LEU A . n 
A 1 102 GLU 102 162 162 GLU GLU A . n 
A 1 103 SER 103 163 163 SER SER A . n 
A 1 104 PHE 104 164 164 PHE PHE A . n 
A 1 105 PHE 105 165 165 PHE PHE A . n 
A 1 106 VAL 106 166 166 VAL VAL A . n 
A 1 107 GLN 107 167 167 GLN GLN A . n 
A 1 108 LYS 108 168 168 LYS LYS A . n 
A 1 109 LEU 109 169 169 LEU LEU A . n 
A 1 110 LYS 110 170 170 LYS LYS A . n 
A 1 111 GLY 111 171 171 GLY GLY A . n 
A 1 112 PHE 112 172 172 PHE PHE A . n 
A 1 113 LYS 113 173 173 LYS LYS A . n 
A 1 114 ALA 114 174 174 ALA ALA A . n 
# 
loop_
_pdbx_nonpoly_scheme.asym_id 
_pdbx_nonpoly_scheme.entity_id 
_pdbx_nonpoly_scheme.mon_id 
_pdbx_nonpoly_scheme.ndb_seq_num 
_pdbx_nonpoly_scheme.pdb_seq_num 
_pdbx_nonpoly_scheme.auth_seq_num 
_pdbx_nonpoly_scheme.pdb_mon_id 
_pdbx_nonpoly_scheme.auth_mon_id 
_pdbx_nonpoly_scheme.pdb_strand_id 
_pdbx_nonpoly_scheme.pdb_ins_code 
B 2 6FI 1  201 1  6FI LIG A . 
C 3 HOH 1  301 2  HOH HOH A . 
C 3 HOH 2  302 46 HOH HOH A . 
C 3 HOH 3  303 39 HOH HOH A . 
C 3 HOH 4  304 41 HOH HOH A . 
C 3 HOH 5  305 10 HOH HOH A . 
C 3 HOH 6  306 8  HOH HOH A . 
C 3 HOH 7  307 50 HOH HOH A . 
C 3 HOH 8  308 45 HOH HOH A . 
C 3 HOH 9  309 32 HOH HOH A . 
C 3 HOH 10 310 7  HOH HOH A . 
C 3 HOH 11 311 11 HOH HOH A . 
C 3 HOH 12 312 15 HOH HOH A . 
C 3 HOH 13 313 16 HOH HOH A . 
C 3 HOH 14 314 29 HOH HOH A . 
C 3 HOH 15 315 27 HOH HOH A . 
C 3 HOH 16 316 9  HOH HOH A . 
C 3 HOH 17 317 44 HOH HOH A . 
C 3 HOH 18 318 3  HOH HOH A . 
C 3 HOH 19 319 43 HOH HOH A . 
C 3 HOH 20 320 13 HOH HOH A . 
C 3 HOH 21 321 24 HOH HOH A . 
C 3 HOH 22 322 19 HOH HOH A . 
C 3 HOH 23 323 33 HOH HOH A . 
C 3 HOH 24 324 6  HOH HOH A . 
C 3 HOH 25 325 28 HOH HOH A . 
C 3 HOH 26 326 21 HOH HOH A . 
C 3 HOH 27 327 26 HOH HOH A . 
C 3 HOH 28 328 20 HOH HOH A . 
C 3 HOH 29 329 30 HOH HOH A . 
C 3 HOH 30 330 34 HOH HOH A . 
C 3 HOH 31 331 42 HOH HOH A . 
C 3 HOH 32 332 31 HOH HOH A . 
C 3 HOH 33 333 36 HOH HOH A . 
C 3 HOH 34 334 22 HOH HOH A . 
C 3 HOH 35 335 5  HOH HOH A . 
C 3 HOH 36 336 17 HOH HOH A . 
C 3 HOH 37 337 18 HOH HOH A . 
C 3 HOH 38 338 4  HOH HOH A . 
C 3 HOH 39 339 12 HOH HOH A . 
C 3 HOH 40 340 52 HOH HOH A . 
C 3 HOH 41 341 1  HOH HOH A . 
C 3 HOH 42 342 49 HOH HOH A . 
C 3 HOH 43 343 38 HOH HOH A . 
C 3 HOH 44 344 14 HOH HOH A . 
C 3 HOH 45 345 23 HOH HOH A . 
C 3 HOH 46 346 53 HOH HOH A . 
C 3 HOH 47 347 51 HOH HOH A . 
C 3 HOH 48 348 48 HOH HOH A . 
C 3 HOH 49 349 25 HOH HOH A . 
C 3 HOH 50 350 47 HOH HOH A . 
C 3 HOH 51 351 40 HOH HOH A . 
C 3 HOH 52 352 37 HOH HOH A . 
C 3 HOH 53 353 35 HOH HOH A . 
# 
_pdbx_struct_assembly.id                   1 
_pdbx_struct_assembly.details              author_defined_assembly 
_pdbx_struct_assembly.method_details       ? 
_pdbx_struct_assembly.oligomeric_details   monomeric 
_pdbx_struct_assembly.oligomeric_count     1 
# 
_pdbx_struct_assembly_gen.assembly_id       1 
_pdbx_struct_assembly_gen.oper_expression   1 
_pdbx_struct_assembly_gen.asym_id_list      A,B,C 
# 
loop_
_pdbx_struct_assembly_prop.biol_id 
_pdbx_struct_assembly_prop.type 
_pdbx_struct_assembly_prop.value 
_pdbx_struct_assembly_prop.details 
1 'ABSA (A^2)' 0    ? 
1 MORE         0    ? 
1 'SSA (A^2)'  6720 ? 
# 
_pdbx_struct_oper_list.id                   1 
_pdbx_struct_oper_list.type                 'identity operation' 
_pdbx_struct_oper_list.name                 1_555 
_pdbx_struct_oper_list.symmetry_operation   x,y,z 
_pdbx_struct_oper_list.matrix[1][1]         1.0000000000 
_pdbx_struct_oper_list.matrix[1][2]         0.0000000000 
_pdbx_struct_oper_list.matrix[1][3]         0.0000000000 
_pdbx_struct_oper_list.vector[1]            0.0000000000 
_pdbx_struct_oper_list.matrix[2][1]         0.0000000000 
_pdbx_struct_oper_list.matrix[2][2]         1.0000000000 
_pdbx_struct_oper_list.matrix[2][3]         0.0000000000 
_pdbx_struct_oper_list.vector[2]            0.0000000000 
_pdbx_struct_oper_list.matrix[3][1]         0.0000000000 
_pdbx_struct_oper_list.matrix[3][2]         0.0000000000 
_pdbx_struct_oper_list.matrix[3][3]         1.0000000000 
_pdbx_struct_oper_list.vector[3]            0.0000000000 
# 
loop_
_pdbx_audit_revision_history.ordinal 
_pdbx_audit_revision_history.data_content_type 
_pdbx_audit_revision_history.major_revision 
_pdbx_audit_revision_history.minor_revision 
_pdbx_audit_revision_history.revision_date 
1 'Structure model' 1 0 2022-09-14 
2 'Structure model' 1 1 2023-11-29 
# 
_pdbx_audit_revision_details.ordinal             1 
_pdbx_audit_revision_details.revision_ordinal    1 
_pdbx_audit_revision_details.data_content_type   'Structure model' 
_pdbx_audit_revision_details.provider            repository 
_pdbx_audit_revision_details.type                'Initial release' 
_pdbx_audit_revision_details.description         ? 
_pdbx_audit_revision_details.details             ? 
# 
loop_
_pdbx_audit_revision_group.ordinal 
_pdbx_audit_revision_group.revision_ordinal 
_pdbx_audit_revision_group.data_content_type 
_pdbx_audit_revision_group.group 
1 2 'Structure model' 'Data collection'        
2 2 'Structure model' 'Refinement description' 
# 
loop_
_pdbx_audit_revision_category.ordinal 
_pdbx_audit_revision_category.revision_ordinal 
_pdbx_audit_revision_category.data_content_type 
_pdbx_audit_revision_category.category 
1 2 'Structure model' chem_comp_atom                
2 2 'Structure model' chem_comp_bond                
3 2 'Structure model' pdbx_initial_refinement_model 
# 
loop_
_space_group_symop.id 
_space_group_symop.operation_xyz 
1 x,y,z           
2 -x,y,-z         
3 x+1/2,y+1/2,z   
4 -x+1/2,y+1/2,-z 
# 
loop_
_software.citation_id 
_software.classification 
_software.compiler_name 
_software.compiler_version 
_software.contact_author 
_software.contact_author_email 
_software.date 
_software.description 
_software.dependencies 
_software.hardware 
_software.language 
_software.location 
_software.mods 
_software.name 
_software.os 
_software.os_version 
_software.type 
_software.version 
_software.pdbx_ordinal 
? refinement       ? ? ? ? ? ? ? ? ? ? ? PHENIX   ? ? ? 1.12_2829 1 
? 'data reduction' ? ? ? ? ? ? ? ? ? ? ? HKL-3000 ? ? ? .         2 
? 'data scaling'   ? ? ? ? ? ? ? ? ? ? ? Aimless  ? ? ? .         3 
? phasing          ? ? ? ? ? ? ? ? ? ? ? PHASES   ? ? ? .         4 
# 
_pdbx_entry_details.entry_id                 7VD4 
_pdbx_entry_details.has_ligand_of_interest   Y 
_pdbx_entry_details.compound_details         ? 
_pdbx_entry_details.source_details           ? 
_pdbx_entry_details.nonpolymer_details       ? 
_pdbx_entry_details.sequence_details         ? 
# 
_pdbx_validate_close_contact.id               1 
_pdbx_validate_close_contact.PDB_model_num    1 
_pdbx_validate_close_contact.auth_atom_id_1   NZ 
_pdbx_validate_close_contact.auth_asym_id_1   A 
_pdbx_validate_close_contact.auth_comp_id_1   LYS 
_pdbx_validate_close_contact.auth_seq_id_1    170 
_pdbx_validate_close_contact.PDB_ins_code_1   ? 
_pdbx_validate_close_contact.label_alt_id_1   ? 
_pdbx_validate_close_contact.auth_atom_id_2   O 
_pdbx_validate_close_contact.auth_asym_id_2   A 
_pdbx_validate_close_contact.auth_comp_id_2   HOH 
_pdbx_validate_close_contact.auth_seq_id_2    301 
_pdbx_validate_close_contact.PDB_ins_code_2   ? 
_pdbx_validate_close_contact.label_alt_id_2   ? 
_pdbx_validate_close_contact.dist             2.11 
# 
_pdbx_validate_symm_contact.id                1 
_pdbx_validate_symm_contact.PDB_model_num     1 
_pdbx_validate_symm_contact.auth_atom_id_1    O 
_pdbx_validate_symm_contact.auth_asym_id_1    A 
_pdbx_validate_symm_contact.auth_comp_id_1    HOH 
_pdbx_validate_symm_contact.auth_seq_id_1     322 
_pdbx_validate_symm_contact.PDB_ins_code_1    ? 
_pdbx_validate_symm_contact.label_alt_id_1    ? 
_pdbx_validate_symm_contact.site_symmetry_1   1_555 
_pdbx_validate_symm_contact.auth_atom_id_2    O 
_pdbx_validate_symm_contact.auth_asym_id_2    A 
_pdbx_validate_symm_contact.auth_comp_id_2    HOH 
_pdbx_validate_symm_contact.auth_seq_id_2     341 
_pdbx_validate_symm_contact.PDB_ins_code_2    ? 
_pdbx_validate_symm_contact.label_alt_id_2    ? 
_pdbx_validate_symm_contact.site_symmetry_2   4_455 
_pdbx_validate_symm_contact.dist              1.58 
# 
loop_
_pdbx_unobs_or_zero_occ_atoms.id 
_pdbx_unobs_or_zero_occ_atoms.PDB_model_num 
_pdbx_unobs_or_zero_occ_atoms.polymer_flag 
_pdbx_unobs_or_zero_occ_atoms.occupancy_flag 
_pdbx_unobs_or_zero_occ_atoms.auth_asym_id 
_pdbx_unobs_or_zero_occ_atoms.auth_comp_id 
_pdbx_unobs_or_zero_occ_atoms.auth_seq_id 
_pdbx_unobs_or_zero_occ_atoms.PDB_ins_code 
_pdbx_unobs_or_zero_occ_atoms.auth_atom_id 
_pdbx_unobs_or_zero_occ_atoms.label_alt_id 
_pdbx_unobs_or_zero_occ_atoms.label_asym_id 
_pdbx_unobs_or_zero_occ_atoms.label_comp_id 
_pdbx_unobs_or_zero_occ_atoms.label_seq_id 
_pdbx_unobs_or_zero_occ_atoms.label_atom_id 
1 1 Y 1 A LYS 88  ? CG ? A LYS 28 CG 
2 1 Y 1 A LYS 88  ? CD ? A LYS 28 CD 
3 1 Y 1 A LYS 88  ? CE ? A LYS 28 CE 
4 1 Y 1 A LYS 88  ? NZ ? A LYS 28 NZ 
5 1 Y 1 A LYS 139 ? CG ? A LYS 79 CG 
6 1 Y 1 A LYS 139 ? CD ? A LYS 79 CD 
7 1 Y 1 A LYS 139 ? CE ? A LYS 79 CE 
8 1 Y 1 A LYS 139 ? NZ ? A LYS 79 NZ 
# 
loop_
_pdbx_unobs_or_zero_occ_residues.id 
_pdbx_unobs_or_zero_occ_residues.PDB_model_num 
_pdbx_unobs_or_zero_occ_residues.polymer_flag 
_pdbx_unobs_or_zero_occ_residues.occupancy_flag 
_pdbx_unobs_or_zero_occ_residues.auth_asym_id 
_pdbx_unobs_or_zero_occ_residues.auth_comp_id 
_pdbx_unobs_or_zero_occ_residues.auth_seq_id 
_pdbx_unobs_or_zero_occ_residues.PDB_ins_code 
_pdbx_unobs_or_zero_occ_residues.label_asym_id 
_pdbx_unobs_or_zero_occ_residues.label_comp_id 
_pdbx_unobs_or_zero_occ_residues.label_seq_id 
1 1 Y 1 A PRO 61 ? A PRO 1 
2 1 Y 1 A LEU 62 ? A LEU 2 
3 1 Y 1 A GLY 63 ? A GLY 3 
# 
loop_
_chem_comp_atom.comp_id 
_chem_comp_atom.atom_id 
_chem_comp_atom.type_symbol 
_chem_comp_atom.pdbx_aromatic_flag 
_chem_comp_atom.pdbx_stereo_config 
_chem_comp_atom.pdbx_ordinal 
6FI C13  C Y N 1   
6FI C15  C Y N 2   
6FI C20  C N N 3   
6FI C21  C N N 4   
6FI C22  C N N 5   
6FI C24  C N N 6   
6FI C01  C Y N 7   
6FI C03  C Y N 8   
6FI C04  C Y N 9   
6FI C05  C Y N 10  
6FI C08  C N N 11  
6FI C11  C Y N 12  
6FI C12  C Y N 13  
6FI C14  C Y N 14  
6FI C16  C Y N 15  
6FI C18  C N N 16  
6FI C25  C N N 17  
6FI N02  N Y N 18  
6FI N06  N Y N 19  
6FI N17  N N N 20  
6FI N23  N N N 21  
6FI O09  O N N 22  
6FI O10  O N N 23  
6FI O19  O N N 24  
6FI S07  S N N 25  
6FI H1   H N N 26  
6FI H2   H N N 27  
6FI H3   H N N 28  
6FI H4   H N N 29  
6FI H5   H N N 30  
6FI H6   H N N 31  
6FI H7   H N N 32  
6FI H8   H N N 33  
6FI H9   H N N 34  
6FI H10  H N N 35  
6FI H11  H N N 36  
6FI H12  H N N 37  
6FI H13  H N N 38  
6FI H14  H N N 39  
6FI H15  H N N 40  
6FI H16  H N N 41  
6FI H17  H N N 42  
6FI H18  H N N 43  
6FI H19  H N N 44  
6FI H20  H N N 45  
6FI H21  H N N 46  
6FI H22  H N N 47  
6FI H23  H N N 48  
6FI H24  H N N 49  
ALA N    N N N 50  
ALA CA   C N S 51  
ALA C    C N N 52  
ALA O    O N N 53  
ALA CB   C N N 54  
ALA OXT  O N N 55  
ALA H    H N N 56  
ALA H2   H N N 57  
ALA HA   H N N 58  
ALA HB1  H N N 59  
ALA HB2  H N N 60  
ALA HB3  H N N 61  
ALA HXT  H N N 62  
ARG N    N N N 63  
ARG CA   C N S 64  
ARG C    C N N 65  
ARG O    O N N 66  
ARG CB   C N N 67  
ARG CG   C N N 68  
ARG CD   C N N 69  
ARG NE   N N N 70  
ARG CZ   C N N 71  
ARG NH1  N N N 72  
ARG NH2  N N N 73  
ARG OXT  O N N 74  
ARG H    H N N 75  
ARG H2   H N N 76  
ARG HA   H N N 77  
ARG HB2  H N N 78  
ARG HB3  H N N 79  
ARG HG2  H N N 80  
ARG HG3  H N N 81  
ARG HD2  H N N 82  
ARG HD3  H N N 83  
ARG HE   H N N 84  
ARG HH11 H N N 85  
ARG HH12 H N N 86  
ARG HH21 H N N 87  
ARG HH22 H N N 88  
ARG HXT  H N N 89  
ASN N    N N N 90  
ASN CA   C N S 91  
ASN C    C N N 92  
ASN O    O N N 93  
ASN CB   C N N 94  
ASN CG   C N N 95  
ASN OD1  O N N 96  
ASN ND2  N N N 97  
ASN OXT  O N N 98  
ASN H    H N N 99  
ASN H2   H N N 100 
ASN HA   H N N 101 
ASN HB2  H N N 102 
ASN HB3  H N N 103 
ASN HD21 H N N 104 
ASN HD22 H N N 105 
ASN HXT  H N N 106 
ASP N    N N N 107 
ASP CA   C N S 108 
ASP C    C N N 109 
ASP O    O N N 110 
ASP CB   C N N 111 
ASP CG   C N N 112 
ASP OD1  O N N 113 
ASP OD2  O N N 114 
ASP OXT  O N N 115 
ASP H    H N N 116 
ASP H2   H N N 117 
ASP HA   H N N 118 
ASP HB2  H N N 119 
ASP HB3  H N N 120 
ASP HD2  H N N 121 
ASP HXT  H N N 122 
CYS N    N N N 123 
CYS CA   C N R 124 
CYS C    C N N 125 
CYS O    O N N 126 
CYS CB   C N N 127 
CYS SG   S N N 128 
CYS OXT  O N N 129 
CYS H    H N N 130 
CYS H2   H N N 131 
CYS HA   H N N 132 
CYS HB2  H N N 133 
CYS HB3  H N N 134 
CYS HG   H N N 135 
CYS HXT  H N N 136 
GLN N    N N N 137 
GLN CA   C N S 138 
GLN C    C N N 139 
GLN O    O N N 140 
GLN CB   C N N 141 
GLN CG   C N N 142 
GLN CD   C N N 143 
GLN OE1  O N N 144 
GLN NE2  N N N 145 
GLN OXT  O N N 146 
GLN H    H N N 147 
GLN H2   H N N 148 
GLN HA   H N N 149 
GLN HB2  H N N 150 
GLN HB3  H N N 151 
GLN HG2  H N N 152 
GLN HG3  H N N 153 
GLN HE21 H N N 154 
GLN HE22 H N N 155 
GLN HXT  H N N 156 
GLU N    N N N 157 
GLU CA   C N S 158 
GLU C    C N N 159 
GLU O    O N N 160 
GLU CB   C N N 161 
GLU CG   C N N 162 
GLU CD   C N N 163 
GLU OE1  O N N 164 
GLU OE2  O N N 165 
GLU OXT  O N N 166 
GLU H    H N N 167 
GLU H2   H N N 168 
GLU HA   H N N 169 
GLU HB2  H N N 170 
GLU HB3  H N N 171 
GLU HG2  H N N 172 
GLU HG3  H N N 173 
GLU HE2  H N N 174 
GLU HXT  H N N 175 
GLY N    N N N 176 
GLY CA   C N N 177 
GLY C    C N N 178 
GLY O    O N N 179 
GLY OXT  O N N 180 
GLY H    H N N 181 
GLY H2   H N N 182 
GLY HA2  H N N 183 
GLY HA3  H N N 184 
GLY HXT  H N N 185 
HIS N    N N N 186 
HIS CA   C N S 187 
HIS C    C N N 188 
HIS O    O N N 189 
HIS CB   C N N 190 
HIS CG   C Y N 191 
HIS ND1  N Y N 192 
HIS CD2  C Y N 193 
HIS CE1  C Y N 194 
HIS NE2  N Y N 195 
HIS OXT  O N N 196 
HIS H    H N N 197 
HIS H2   H N N 198 
HIS HA   H N N 199 
HIS HB2  H N N 200 
HIS HB3  H N N 201 
HIS HD1  H N N 202 
HIS HD2  H N N 203 
HIS HE1  H N N 204 
HIS HE2  H N N 205 
HIS HXT  H N N 206 
HOH O    O N N 207 
HOH H1   H N N 208 
HOH H2   H N N 209 
ILE N    N N N 210 
ILE CA   C N S 211 
ILE C    C N N 212 
ILE O    O N N 213 
ILE CB   C N S 214 
ILE CG1  C N N 215 
ILE CG2  C N N 216 
ILE CD1  C N N 217 
ILE OXT  O N N 218 
ILE H    H N N 219 
ILE H2   H N N 220 
ILE HA   H N N 221 
ILE HB   H N N 222 
ILE HG12 H N N 223 
ILE HG13 H N N 224 
ILE HG21 H N N 225 
ILE HG22 H N N 226 
ILE HG23 H N N 227 
ILE HD11 H N N 228 
ILE HD12 H N N 229 
ILE HD13 H N N 230 
ILE HXT  H N N 231 
LEU N    N N N 232 
LEU CA   C N S 233 
LEU C    C N N 234 
LEU O    O N N 235 
LEU CB   C N N 236 
LEU CG   C N N 237 
LEU CD1  C N N 238 
LEU CD2  C N N 239 
LEU OXT  O N N 240 
LEU H    H N N 241 
LEU H2   H N N 242 
LEU HA   H N N 243 
LEU HB2  H N N 244 
LEU HB3  H N N 245 
LEU HG   H N N 246 
LEU HD11 H N N 247 
LEU HD12 H N N 248 
LEU HD13 H N N 249 
LEU HD21 H N N 250 
LEU HD22 H N N 251 
LEU HD23 H N N 252 
LEU HXT  H N N 253 
LYS N    N N N 254 
LYS CA   C N S 255 
LYS C    C N N 256 
LYS O    O N N 257 
LYS CB   C N N 258 
LYS CG   C N N 259 
LYS CD   C N N 260 
LYS CE   C N N 261 
LYS NZ   N N N 262 
LYS OXT  O N N 263 
LYS H    H N N 264 
LYS H2   H N N 265 
LYS HA   H N N 266 
LYS HB2  H N N 267 
LYS HB3  H N N 268 
LYS HG2  H N N 269 
LYS HG3  H N N 270 
LYS HD2  H N N 271 
LYS HD3  H N N 272 
LYS HE2  H N N 273 
LYS HE3  H N N 274 
LYS HZ1  H N N 275 
LYS HZ2  H N N 276 
LYS HZ3  H N N 277 
LYS HXT  H N N 278 
MET N    N N N 279 
MET CA   C N S 280 
MET C    C N N 281 
MET O    O N N 282 
MET CB   C N N 283 
MET CG   C N N 284 
MET SD   S N N 285 
MET CE   C N N 286 
MET OXT  O N N 287 
MET H    H N N 288 
MET H2   H N N 289 
MET HA   H N N 290 
MET HB2  H N N 291 
MET HB3  H N N 292 
MET HG2  H N N 293 
MET HG3  H N N 294 
MET HE1  H N N 295 
MET HE2  H N N 296 
MET HE3  H N N 297 
MET HXT  H N N 298 
PHE N    N N N 299 
PHE CA   C N S 300 
PHE C    C N N 301 
PHE O    O N N 302 
PHE CB   C N N 303 
PHE CG   C Y N 304 
PHE CD1  C Y N 305 
PHE CD2  C Y N 306 
PHE CE1  C Y N 307 
PHE CE2  C Y N 308 
PHE CZ   C Y N 309 
PHE OXT  O N N 310 
PHE H    H N N 311 
PHE H2   H N N 312 
PHE HA   H N N 313 
PHE HB2  H N N 314 
PHE HB3  H N N 315 
PHE HD1  H N N 316 
PHE HD2  H N N 317 
PHE HE1  H N N 318 
PHE HE2  H N N 319 
PHE HZ   H N N 320 
PHE HXT  H N N 321 
PRO N    N N N 322 
PRO CA   C N S 323 
PRO C    C N N 324 
PRO O    O N N 325 
PRO CB   C N N 326 
PRO CG   C N N 327 
PRO CD   C N N 328 
PRO OXT  O N N 329 
PRO H    H N N 330 
PRO HA   H N N 331 
PRO HB2  H N N 332 
PRO HB3  H N N 333 
PRO HG2  H N N 334 
PRO HG3  H N N 335 
PRO HD2  H N N 336 
PRO HD3  H N N 337 
PRO HXT  H N N 338 
SER N    N N N 339 
SER CA   C N S 340 
SER C    C N N 341 
SER O    O N N 342 
SER CB   C N N 343 
SER OG   O N N 344 
SER OXT  O N N 345 
SER H    H N N 346 
SER H2   H N N 347 
SER HA   H N N 348 
SER HB2  H N N 349 
SER HB3  H N N 350 
SER HG   H N N 351 
SER HXT  H N N 352 
THR N    N N N 353 
THR CA   C N S 354 
THR C    C N N 355 
THR O    O N N 356 
THR CB   C N R 357 
THR OG1  O N N 358 
THR CG2  C N N 359 
THR OXT  O N N 360 
THR H    H N N 361 
THR H2   H N N 362 
THR HA   H N N 363 
THR HB   H N N 364 
THR HG1  H N N 365 
THR HG21 H N N 366 
THR HG22 H N N 367 
THR HG23 H N N 368 
THR HXT  H N N 369 
TRP N    N N N 370 
TRP CA   C N S 371 
TRP C    C N N 372 
TRP O    O N N 373 
TRP CB   C N N 374 
TRP CG   C Y N 375 
TRP CD1  C Y N 376 
TRP CD2  C Y N 377 
TRP NE1  N Y N 378 
TRP CE2  C Y N 379 
TRP CE3  C Y N 380 
TRP CZ2  C Y N 381 
TRP CZ3  C Y N 382 
TRP CH2  C Y N 383 
TRP OXT  O N N 384 
TRP H    H N N 385 
TRP H2   H N N 386 
TRP HA   H N N 387 
TRP HB2  H N N 388 
TRP HB3  H N N 389 
TRP HD1  H N N 390 
TRP HE1  H N N 391 
TRP HE3  H N N 392 
TRP HZ2  H N N 393 
TRP HZ3  H N N 394 
TRP HH2  H N N 395 
TRP HXT  H N N 396 
TYR N    N N N 397 
TYR CA   C N S 398 
TYR C    C N N 399 
TYR O    O N N 400 
TYR CB   C N N 401 
TYR CG   C Y N 402 
TYR CD1  C Y N 403 
TYR CD2  C Y N 404 
TYR CE1  C Y N 405 
TYR CE2  C Y N 406 
TYR CZ   C Y N 407 
TYR OH   O N N 408 
TYR OXT  O N N 409 
TYR H    H N N 410 
TYR H2   H N N 411 
TYR HA   H N N 412 
TYR HB2  H N N 413 
TYR HB3  H N N 414 
TYR HD1  H N N 415 
TYR HD2  H N N 416 
TYR HE1  H N N 417 
TYR HE2  H N N 418 
TYR HH   H N N 419 
TYR HXT  H N N 420 
VAL N    N N N 421 
VAL CA   C N S 422 
VAL C    C N N 423 
VAL O    O N N 424 
VAL CB   C N N 425 
VAL CG1  C N N 426 
VAL CG2  C N N 427 
VAL OXT  O N N 428 
VAL H    H N N 429 
VAL H2   H N N 430 
VAL HA   H N N 431 
VAL HB   H N N 432 
VAL HG11 H N N 433 
VAL HG12 H N N 434 
VAL HG13 H N N 435 
VAL HG21 H N N 436 
VAL HG22 H N N 437 
VAL HG23 H N N 438 
VAL HXT  H N N 439 
# 
loop_
_chem_comp_bond.comp_id 
_chem_comp_bond.atom_id_1 
_chem_comp_bond.atom_id_2 
_chem_comp_bond.value_order 
_chem_comp_bond.pdbx_aromatic_flag 
_chem_comp_bond.pdbx_stereo_config 
_chem_comp_bond.pdbx_ordinal 
6FI C24 N23  sing N N 1   
6FI C21 C22  sing N N 2   
6FI C21 C20  sing N N 3   
6FI N23 C22  sing N N 4   
6FI N23 C25  sing N N 5   
6FI C20 O19  sing N N 6   
6FI C15 C16  doub Y N 7   
6FI C15 C14  sing Y N 8   
6FI O19 C14  sing N N 9   
6FI C16 C11  sing Y N 10  
6FI C14 C13  doub Y N 11  
6FI C18 N17  sing N N 12  
6FI C11 C12  doub Y N 13  
6FI C11 C05  sing N N 14  
6FI C13 C12  sing Y N 15  
6FI C04 C05  doub Y N 16  
6FI C04 C03  sing Y N 17  
6FI N17 C03  sing N N 18  
6FI C05 N06  sing Y N 19  
6FI C03 N02  doub Y N 20  
6FI N06 C01  doub Y N 21  
6FI N02 C01  sing Y N 22  
6FI C01 S07  sing N N 23  
6FI S07 O09  doub N N 24  
6FI S07 C08  sing N N 25  
6FI S07 O10  doub N N 26  
6FI C13 H1   sing N N 27  
6FI C15 H2   sing N N 28  
6FI C20 H3   sing N N 29  
6FI C20 H4   sing N N 30  
6FI C21 H5   sing N N 31  
6FI C21 H6   sing N N 32  
6FI C22 H7   sing N N 33  
6FI C22 H8   sing N N 34  
6FI C24 H9   sing N N 35  
6FI C24 H10  sing N N 36  
6FI C24 H11  sing N N 37  
6FI C04 H12  sing N N 38  
6FI C08 H13  sing N N 39  
6FI C08 H14  sing N N 40  
6FI C08 H15  sing N N 41  
6FI C12 H16  sing N N 42  
6FI C16 H17  sing N N 43  
6FI C18 H18  sing N N 44  
6FI C18 H19  sing N N 45  
6FI C18 H20  sing N N 46  
6FI C25 H21  sing N N 47  
6FI C25 H22  sing N N 48  
6FI C25 H23  sing N N 49  
6FI N17 H24  sing N N 50  
ALA N   CA   sing N N 51  
ALA N   H    sing N N 52  
ALA N   H2   sing N N 53  
ALA CA  C    sing N N 54  
ALA CA  CB   sing N N 55  
ALA CA  HA   sing N N 56  
ALA C   O    doub N N 57  
ALA C   OXT  sing N N 58  
ALA CB  HB1  sing N N 59  
ALA CB  HB2  sing N N 60  
ALA CB  HB3  sing N N 61  
ALA OXT HXT  sing N N 62  
ARG N   CA   sing N N 63  
ARG N   H    sing N N 64  
ARG N   H2   sing N N 65  
ARG CA  C    sing N N 66  
ARG CA  CB   sing N N 67  
ARG CA  HA   sing N N 68  
ARG C   O    doub N N 69  
ARG C   OXT  sing N N 70  
ARG CB  CG   sing N N 71  
ARG CB  HB2  sing N N 72  
ARG CB  HB3  sing N N 73  
ARG CG  CD   sing N N 74  
ARG CG  HG2  sing N N 75  
ARG CG  HG3  sing N N 76  
ARG CD  NE   sing N N 77  
ARG CD  HD2  sing N N 78  
ARG CD  HD3  sing N N 79  
ARG NE  CZ   sing N N 80  
ARG NE  HE   sing N N 81  
ARG CZ  NH1  sing N N 82  
ARG CZ  NH2  doub N N 83  
ARG NH1 HH11 sing N N 84  
ARG NH1 HH12 sing N N 85  
ARG NH2 HH21 sing N N 86  
ARG NH2 HH22 sing N N 87  
ARG OXT HXT  sing N N 88  
ASN N   CA   sing N N 89  
ASN N   H    sing N N 90  
ASN N   H2   sing N N 91  
ASN CA  C    sing N N 92  
ASN CA  CB   sing N N 93  
ASN CA  HA   sing N N 94  
ASN C   O    doub N N 95  
ASN C   OXT  sing N N 96  
ASN CB  CG   sing N N 97  
ASN CB  HB2  sing N N 98  
ASN CB  HB3  sing N N 99  
ASN CG  OD1  doub N N 100 
ASN CG  ND2  sing N N 101 
ASN ND2 HD21 sing N N 102 
ASN ND2 HD22 sing N N 103 
ASN OXT HXT  sing N N 104 
ASP N   CA   sing N N 105 
ASP N   H    sing N N 106 
ASP N   H2   sing N N 107 
ASP CA  C    sing N N 108 
ASP CA  CB   sing N N 109 
ASP CA  HA   sing N N 110 
ASP C   O    doub N N 111 
ASP C   OXT  sing N N 112 
ASP CB  CG   sing N N 113 
ASP CB  HB2  sing N N 114 
ASP CB  HB3  sing N N 115 
ASP CG  OD1  doub N N 116 
ASP CG  OD2  sing N N 117 
ASP OD2 HD2  sing N N 118 
ASP OXT HXT  sing N N 119 
CYS N   CA   sing N N 120 
CYS N   H    sing N N 121 
CYS N   H2   sing N N 122 
CYS CA  C    sing N N 123 
CYS CA  CB   sing N N 124 
CYS CA  HA   sing N N 125 
CYS C   O    doub N N 126 
CYS C   OXT  sing N N 127 
CYS CB  SG   sing N N 128 
CYS CB  HB2  sing N N 129 
CYS CB  HB3  sing N N 130 
CYS SG  HG   sing N N 131 
CYS OXT HXT  sing N N 132 
GLN N   CA   sing N N 133 
GLN N   H    sing N N 134 
GLN N   H2   sing N N 135 
GLN CA  C    sing N N 136 
GLN CA  CB   sing N N 137 
GLN CA  HA   sing N N 138 
GLN C   O    doub N N 139 
GLN C   OXT  sing N N 140 
GLN CB  CG   sing N N 141 
GLN CB  HB2  sing N N 142 
GLN CB  HB3  sing N N 143 
GLN CG  CD   sing N N 144 
GLN CG  HG2  sing N N 145 
GLN CG  HG3  sing N N 146 
GLN CD  OE1  doub N N 147 
GLN CD  NE2  sing N N 148 
GLN NE2 HE21 sing N N 149 
GLN NE2 HE22 sing N N 150 
GLN OXT HXT  sing N N 151 
GLU N   CA   sing N N 152 
GLU N   H    sing N N 153 
GLU N   H2   sing N N 154 
GLU CA  C    sing N N 155 
GLU CA  CB   sing N N 156 
GLU CA  HA   sing N N 157 
GLU C   O    doub N N 158 
GLU C   OXT  sing N N 159 
GLU CB  CG   sing N N 160 
GLU CB  HB2  sing N N 161 
GLU CB  HB3  sing N N 162 
GLU CG  CD   sing N N 163 
GLU CG  HG2  sing N N 164 
GLU CG  HG3  sing N N 165 
GLU CD  OE1  doub N N 166 
GLU CD  OE2  sing N N 167 
GLU OE2 HE2  sing N N 168 
GLU OXT HXT  sing N N 169 
GLY N   CA   sing N N 170 
GLY N   H    sing N N 171 
GLY N   H2   sing N N 172 
GLY CA  C    sing N N 173 
GLY CA  HA2  sing N N 174 
GLY CA  HA3  sing N N 175 
GLY C   O    doub N N 176 
GLY C   OXT  sing N N 177 
GLY OXT HXT  sing N N 178 
HIS N   CA   sing N N 179 
HIS N   H    sing N N 180 
HIS N   H2   sing N N 181 
HIS CA  C    sing N N 182 
HIS CA  CB   sing N N 183 
HIS CA  HA   sing N N 184 
HIS C   O    doub N N 185 
HIS C   OXT  sing N N 186 
HIS CB  CG   sing N N 187 
HIS CB  HB2  sing N N 188 
HIS CB  HB3  sing N N 189 
HIS CG  ND1  sing Y N 190 
HIS CG  CD2  doub Y N 191 
HIS ND1 CE1  doub Y N 192 
HIS ND1 HD1  sing N N 193 
HIS CD2 NE2  sing Y N 194 
HIS CD2 HD2  sing N N 195 
HIS CE1 NE2  sing Y N 196 
HIS CE1 HE1  sing N N 197 
HIS NE2 HE2  sing N N 198 
HIS OXT HXT  sing N N 199 
HOH O   H1   sing N N 200 
HOH O   H2   sing N N 201 
ILE N   CA   sing N N 202 
ILE N   H    sing N N 203 
ILE N   H2   sing N N 204 
ILE CA  C    sing N N 205 
ILE CA  CB   sing N N 206 
ILE CA  HA   sing N N 207 
ILE C   O    doub N N 208 
ILE C   OXT  sing N N 209 
ILE CB  CG1  sing N N 210 
ILE CB  CG2  sing N N 211 
ILE CB  HB   sing N N 212 
ILE CG1 CD1  sing N N 213 
ILE CG1 HG12 sing N N 214 
ILE CG1 HG13 sing N N 215 
ILE CG2 HG21 sing N N 216 
ILE CG2 HG22 sing N N 217 
ILE CG2 HG23 sing N N 218 
ILE CD1 HD11 sing N N 219 
ILE CD1 HD12 sing N N 220 
ILE CD1 HD13 sing N N 221 
ILE OXT HXT  sing N N 222 
LEU N   CA   sing N N 223 
LEU N   H    sing N N 224 
LEU N   H2   sing N N 225 
LEU CA  C    sing N N 226 
LEU CA  CB   sing N N 227 
LEU CA  HA   sing N N 228 
LEU C   O    doub N N 229 
LEU C   OXT  sing N N 230 
LEU CB  CG   sing N N 231 
LEU CB  HB2  sing N N 232 
LEU CB  HB3  sing N N 233 
LEU CG  CD1  sing N N 234 
LEU CG  CD2  sing N N 235 
LEU CG  HG   sing N N 236 
LEU CD1 HD11 sing N N 237 
LEU CD1 HD12 sing N N 238 
LEU CD1 HD13 sing N N 239 
LEU CD2 HD21 sing N N 240 
LEU CD2 HD22 sing N N 241 
LEU CD2 HD23 sing N N 242 
LEU OXT HXT  sing N N 243 
LYS N   CA   sing N N 244 
LYS N   H    sing N N 245 
LYS N   H2   sing N N 246 
LYS CA  C    sing N N 247 
LYS CA  CB   sing N N 248 
LYS CA  HA   sing N N 249 
LYS C   O    doub N N 250 
LYS C   OXT  sing N N 251 
LYS CB  CG   sing N N 252 
LYS CB  HB2  sing N N 253 
LYS CB  HB3  sing N N 254 
LYS CG  CD   sing N N 255 
LYS CG  HG2  sing N N 256 
LYS CG  HG3  sing N N 257 
LYS CD  CE   sing N N 258 
LYS CD  HD2  sing N N 259 
LYS CD  HD3  sing N N 260 
LYS CE  NZ   sing N N 261 
LYS CE  HE2  sing N N 262 
LYS CE  HE3  sing N N 263 
LYS NZ  HZ1  sing N N 264 
LYS NZ  HZ2  sing N N 265 
LYS NZ  HZ3  sing N N 266 
LYS OXT HXT  sing N N 267 
MET N   CA   sing N N 268 
MET N   H    sing N N 269 
MET N   H2   sing N N 270 
MET CA  C    sing N N 271 
MET CA  CB   sing N N 272 
MET CA  HA   sing N N 273 
MET C   O    doub N N 274 
MET C   OXT  sing N N 275 
MET CB  CG   sing N N 276 
MET CB  HB2  sing N N 277 
MET CB  HB3  sing N N 278 
MET CG  SD   sing N N 279 
MET CG  HG2  sing N N 280 
MET CG  HG3  sing N N 281 
MET SD  CE   sing N N 282 
MET CE  HE1  sing N N 283 
MET CE  HE2  sing N N 284 
MET CE  HE3  sing N N 285 
MET OXT HXT  sing N N 286 
PHE N   CA   sing N N 287 
PHE N   H    sing N N 288 
PHE N   H2   sing N N 289 
PHE CA  C    sing N N 290 
PHE CA  CB   sing N N 291 
PHE CA  HA   sing N N 292 
PHE C   O    doub N N 293 
PHE C   OXT  sing N N 294 
PHE CB  CG   sing N N 295 
PHE CB  HB2  sing N N 296 
PHE CB  HB3  sing N N 297 
PHE CG  CD1  doub Y N 298 
PHE CG  CD2  sing Y N 299 
PHE CD1 CE1  sing Y N 300 
PHE CD1 HD1  sing N N 301 
PHE CD2 CE2  doub Y N 302 
PHE CD2 HD2  sing N N 303 
PHE CE1 CZ   doub Y N 304 
PHE CE1 HE1  sing N N 305 
PHE CE2 CZ   sing Y N 306 
PHE CE2 HE2  sing N N 307 
PHE CZ  HZ   sing N N 308 
PHE OXT HXT  sing N N 309 
PRO N   CA   sing N N 310 
PRO N   CD   sing N N 311 
PRO N   H    sing N N 312 
PRO CA  C    sing N N 313 
PRO CA  CB   sing N N 314 
PRO CA  HA   sing N N 315 
PRO C   O    doub N N 316 
PRO C   OXT  sing N N 317 
PRO CB  CG   sing N N 318 
PRO CB  HB2  sing N N 319 
PRO CB  HB3  sing N N 320 
PRO CG  CD   sing N N 321 
PRO CG  HG2  sing N N 322 
PRO CG  HG3  sing N N 323 
PRO CD  HD2  sing N N 324 
PRO CD  HD3  sing N N 325 
PRO OXT HXT  sing N N 326 
SER N   CA   sing N N 327 
SER N   H    sing N N 328 
SER N   H2   sing N N 329 
SER CA  C    sing N N 330 
SER CA  CB   sing N N 331 
SER CA  HA   sing N N 332 
SER C   O    doub N N 333 
SER C   OXT  sing N N 334 
SER CB  OG   sing N N 335 
SER CB  HB2  sing N N 336 
SER CB  HB3  sing N N 337 
SER OG  HG   sing N N 338 
SER OXT HXT  sing N N 339 
THR N   CA   sing N N 340 
THR N   H    sing N N 341 
THR N   H2   sing N N 342 
THR CA  C    sing N N 343 
THR CA  CB   sing N N 344 
THR CA  HA   sing N N 345 
THR C   O    doub N N 346 
THR C   OXT  sing N N 347 
THR CB  OG1  sing N N 348 
THR CB  CG2  sing N N 349 
THR CB  HB   sing N N 350 
THR OG1 HG1  sing N N 351 
THR CG2 HG21 sing N N 352 
THR CG2 HG22 sing N N 353 
THR CG2 HG23 sing N N 354 
THR OXT HXT  sing N N 355 
TRP N   CA   sing N N 356 
TRP N   H    sing N N 357 
TRP N   H2   sing N N 358 
TRP CA  C    sing N N 359 
TRP CA  CB   sing N N 360 
TRP CA  HA   sing N N 361 
TRP C   O    doub N N 362 
TRP C   OXT  sing N N 363 
TRP CB  CG   sing N N 364 
TRP CB  HB2  sing N N 365 
TRP CB  HB3  sing N N 366 
TRP CG  CD1  doub Y N 367 
TRP CG  CD2  sing Y N 368 
TRP CD1 NE1  sing Y N 369 
TRP CD1 HD1  sing N N 370 
TRP CD2 CE2  doub Y N 371 
TRP CD2 CE3  sing Y N 372 
TRP NE1 CE2  sing Y N 373 
TRP NE1 HE1  sing N N 374 
TRP CE2 CZ2  sing Y N 375 
TRP CE3 CZ3  doub Y N 376 
TRP CE3 HE3  sing N N 377 
TRP CZ2 CH2  doub Y N 378 
TRP CZ2 HZ2  sing N N 379 
TRP CZ3 CH2  sing Y N 380 
TRP CZ3 HZ3  sing N N 381 
TRP CH2 HH2  sing N N 382 
TRP OXT HXT  sing N N 383 
TYR N   CA   sing N N 384 
TYR N   H    sing N N 385 
TYR N   H2   sing N N 386 
TYR CA  C    sing N N 387 
TYR CA  CB   sing N N 388 
TYR CA  HA   sing N N 389 
TYR C   O    doub N N 390 
TYR C   OXT  sing N N 391 
TYR CB  CG   sing N N 392 
TYR CB  HB2  sing N N 393 
TYR CB  HB3  sing N N 394 
TYR CG  CD1  doub Y N 395 
TYR CG  CD2  sing Y N 396 
TYR CD1 CE1  sing Y N 397 
TYR CD1 HD1  sing N N 398 
TYR CD2 CE2  doub Y N 399 
TYR CD2 HD2  sing N N 400 
TYR CE1 CZ   doub Y N 401 
TYR CE1 HE1  sing N N 402 
TYR CE2 CZ   sing Y N 403 
TYR CE2 HE2  sing N N 404 
TYR CZ  OH   sing N N 405 
TYR OH  HH   sing N N 406 
TYR OXT HXT  sing N N 407 
VAL N   CA   sing N N 408 
VAL N   H    sing N N 409 
VAL N   H2   sing N N 410 
VAL CA  C    sing N N 411 
VAL CA  CB   sing N N 412 
VAL CA  HA   sing N N 413 
VAL C   O    doub N N 414 
VAL C   OXT  sing N N 415 
VAL CB  CG1  sing N N 416 
VAL CB  CG2  sing N N 417 
VAL CB  HB   sing N N 418 
VAL CG1 HG11 sing N N 419 
VAL CG1 HG12 sing N N 420 
VAL CG1 HG13 sing N N 421 
VAL CG2 HG21 sing N N 422 
VAL CG2 HG22 sing N N 423 
VAL CG2 HG23 sing N N 424 
VAL OXT HXT  sing N N 425 
# 
_pdbx_audit_support.funding_organization   'Not funded' 
_pdbx_audit_support.country                ? 
_pdbx_audit_support.grant_number           ? 
_pdbx_audit_support.ordinal                1 
# 
_pdbx_entity_instance_feature.ordinal        1 
_pdbx_entity_instance_feature.comp_id        6FI 
_pdbx_entity_instance_feature.asym_id        ? 
_pdbx_entity_instance_feature.seq_num        ? 
_pdbx_entity_instance_feature.auth_comp_id   6FI 
_pdbx_entity_instance_feature.auth_asym_id   ? 
_pdbx_entity_instance_feature.auth_seq_num   ? 
_pdbx_entity_instance_feature.feature_type   'SUBJECT OF INVESTIGATION' 
_pdbx_entity_instance_feature.details        ? 
# 
loop_
_pdbx_entity_nonpoly.entity_id 
_pdbx_entity_nonpoly.name 
_pdbx_entity_nonpoly.comp_id 
2 '6-[4-[3-(dimethylamino)propoxy]phenyl]-N-methyl-2-methylsulfonyl-pyrimidin-4-amine' 6FI 
3 water                                                                                HOH 
# 
_pdbx_initial_refinement_model.id               1 
_pdbx_initial_refinement_model.entity_id_list   ? 
_pdbx_initial_refinement_model.type             'experimental model' 
_pdbx_initial_refinement_model.source_name      PDB 
_pdbx_initial_refinement_model.accession_code   3QZT 
_pdbx_initial_refinement_model.details          ? 
# 
_pdbx_struct_assembly_auth_evidence.id                     1 
_pdbx_struct_assembly_auth_evidence.assembly_id            1 
_pdbx_struct_assembly_auth_evidence.experimental_support   SAXS 
_pdbx_struct_assembly_auth_evidence.details                ? 
# 
_space_group.name_H-M_alt     'C 1 2 1' 
_space_group.name_Hall        'C 2y' 
_space_group.IT_number        5 
_space_group.crystal_system   monoclinic 
_space_group.id               1 
# 
